data_6WB8
#
_entry.id   6WB8
#
_cell.length_a   1.00
_cell.length_b   1.00
_cell.length_c   1.00
_cell.angle_alpha   90.00
_cell.angle_beta   90.00
_cell.angle_gamma   90.00
#
_symmetry.space_group_name_H-M   'P 1'
#
loop_
_entity.id
_entity.type
_entity.pdbx_description
1 polymer Polycystin-2
2 non-polymer 2-acetamido-2-deoxy-beta-D-glucopyranose
#
_entity_poly.entity_id   1
_entity_poly.type   'polypeptide(L)'
_entity_poly.pdbx_seq_one_letter_code
;GMGSAAPGGLCEQRGLEIEMQRIRQAAARDPPAGAAASPSPPLSSCSRQAWSRDNPGFEAEEEEEEVEGEEGGMVVEMDV
EWRPGSRRSAASSAVSSVGARSRGLGGYHGAGHPSGRRRRREDQGPPCPSPVGGGDPLHRHLPLEGQPPRVAWAERLVRG
LRGLWGTRLMEESSTNREKYLKSVLRELVTYLLFLIVLCILTYGMMSSNVYYYTRMMSQLFLDTPVSKTEKTNFKTLSSM
EDFWKFTEGSLLDGLYWKMQPSNQTEADNRSFIFYENLLLGVPRIRQLRVRNGSSSIPQDLRDEIKECYDVYSVSSEDRA
PFGPRNGTAWIYTSEKDLNGSSHWGIIATYSGAGYYLDLSRTREETAAQVASLKKNVWLDRGTRATFIDFSVYNANINLF
CVVRLLVEFPATGGVIPSWQFQPLKLIRYVTTFDFFLAACEIIFCFFIFYYVVEEILEIRIHKLHYFRSFWNCLDVVIVV
LSVVAIGINIYRTSNVEVLLQFLEDQNTFPNFEHLAYWQIQFNNIAAVTVFFVWIKLFKFINFNRTMSQLSTTMSRCAKD
LFGFAIMFFIIFLAYAQLAYLVFGTQVDDFSTFQECIFTQFRIILGDINFAEIEEANRVLGPIYFTTFVFFMFFILLNMF
LAIINDTYSEVKSDLAQQKAEMELSDLIRKGYHKALVKLKLKKNTVDDISESLRQGGGKLNFDELRQDLKGKGHTDAEIE
AIFTKYDQDGDQELTEHEHQQMRDDLEKEREDLDLD
;
_entity_poly.pdbx_strand_id   A,B,C,D
#
# COMPACT_ATOMS: atom_id res chain seq x y z
N TYR A 180 31.11 -16.40 44.39
CA TYR A 180 30.57 -16.63 43.06
C TYR A 180 29.73 -15.45 42.59
N LEU A 181 28.80 -15.01 43.46
CA LEU A 181 27.95 -13.88 43.11
C LEU A 181 28.75 -12.63 42.84
N LYS A 182 29.56 -12.19 43.81
CA LYS A 182 30.39 -11.02 43.61
C LYS A 182 31.39 -11.23 42.48
N SER A 183 31.90 -12.45 42.35
CA SER A 183 32.80 -12.77 41.24
C SER A 183 32.11 -12.54 39.90
N VAL A 184 30.90 -13.08 39.74
CA VAL A 184 30.12 -12.77 38.56
C VAL A 184 29.78 -11.29 38.52
N LEU A 185 29.45 -10.71 39.69
CA LEU A 185 29.17 -9.28 39.75
C LEU A 185 30.39 -8.46 39.33
N ARG A 186 31.59 -8.98 39.56
CA ARG A 186 32.78 -8.31 39.06
C ARG A 186 32.75 -8.21 37.54
N GLU A 187 32.51 -9.33 36.86
CA GLU A 187 32.37 -9.30 35.41
C GLU A 187 31.19 -8.48 34.96
N LEU A 188 30.13 -8.43 35.78
CA LEU A 188 28.92 -7.70 35.38
C LEU A 188 29.23 -6.23 35.08
N VAL A 189 29.83 -5.53 36.04
CA VAL A 189 30.11 -4.12 35.83
C VAL A 189 31.10 -3.94 34.69
N THR A 190 32.08 -4.84 34.59
CA THR A 190 32.99 -4.82 33.45
C THR A 190 32.21 -4.79 32.14
N TYR A 191 31.19 -5.63 32.06
CA TYR A 191 30.31 -5.59 30.91
C TYR A 191 29.58 -4.26 30.80
N LEU A 192 29.02 -3.79 31.91
CA LEU A 192 28.30 -2.52 31.88
C LEU A 192 29.20 -1.39 31.42
N LEU A 193 30.36 -1.26 32.06
CA LEU A 193 31.33 -0.26 31.61
C LEU A 193 31.62 -0.43 30.13
N PHE A 194 31.77 -1.68 29.69
CA PHE A 194 32.00 -1.93 28.28
C PHE A 194 30.80 -1.51 27.44
N LEU A 195 29.59 -1.61 27.99
CA LEU A 195 28.41 -1.21 27.24
C LEU A 195 28.46 0.27 26.90
N ILE A 196 28.52 1.12 27.94
CA ILE A 196 28.36 2.55 27.72
C ILE A 196 29.46 3.10 26.82
N VAL A 197 30.69 2.60 26.98
CA VAL A 197 31.77 3.00 26.09
C VAL A 197 31.36 2.79 24.64
N LEU A 198 30.84 1.60 24.35
CA LEU A 198 30.40 1.33 22.99
C LEU A 198 29.20 2.17 22.62
N CYS A 199 28.21 2.25 23.51
CA CYS A 199 27.03 3.08 23.24
C CYS A 199 27.41 4.51 22.88
N ILE A 200 28.46 5.04 23.50
CA ILE A 200 28.90 6.38 23.18
C ILE A 200 29.49 6.42 21.79
N LEU A 201 30.46 5.55 21.51
CA LEU A 201 31.09 5.54 20.20
C LEU A 201 30.06 5.46 19.09
N THR A 202 29.05 4.63 19.27
CA THR A 202 27.93 4.60 18.34
C THR A 202 27.26 5.96 18.26
N TYR A 203 26.78 6.45 19.40
CA TYR A 203 26.20 7.79 19.46
C TYR A 203 27.21 8.82 18.95
N GLY A 204 28.46 8.72 19.37
CA GLY A 204 29.45 9.68 18.94
C GLY A 204 29.75 9.60 17.46
N MET A 205 30.15 8.43 16.99
CA MET A 205 30.53 8.29 15.59
C MET A 205 29.36 8.49 14.64
N MET A 206 28.14 8.62 15.15
CA MET A 206 26.98 8.89 14.31
C MET A 206 26.44 10.27 14.63
N SER A 207 26.55 11.18 13.68
CA SER A 207 25.85 12.45 13.79
C SER A 207 24.35 12.22 13.59
N SER A 208 23.56 13.18 14.06
CA SER A 208 22.12 12.99 14.12
C SER A 208 21.49 13.12 12.74
N ASN A 209 21.60 14.29 12.13
CA ASN A 209 20.75 14.69 11.03
C ASN A 209 21.27 14.24 9.67
N VAL A 210 22.31 13.41 9.67
CA VAL A 210 22.93 12.99 8.42
C VAL A 210 21.90 12.55 7.41
N TYR A 211 20.80 11.96 7.89
CA TYR A 211 19.78 11.46 6.98
C TYR A 211 19.36 12.51 5.97
N TYR A 212 18.95 13.69 6.43
CA TYR A 212 18.49 14.69 5.49
C TYR A 212 19.57 15.09 4.52
N TYR A 213 20.82 15.14 4.97
CA TYR A 213 21.90 15.45 4.05
C TYR A 213 21.90 14.51 2.87
N THR A 214 21.78 13.22 3.13
CA THR A 214 21.62 12.27 2.03
C THR A 214 20.34 12.55 1.28
N ARG A 215 19.23 12.68 2.00
CA ARG A 215 17.94 12.82 1.36
C ARG A 215 17.93 14.00 0.40
N MET A 216 18.52 15.12 0.80
CA MET A 216 18.59 16.24 -0.11
C MET A 216 19.39 15.90 -1.34
N MET A 217 20.59 15.36 -1.16
CA MET A 217 21.40 14.97 -2.30
C MET A 217 20.62 14.04 -3.21
N SER A 218 20.03 12.99 -2.64
CA SER A 218 19.30 12.03 -3.45
C SER A 218 18.22 12.71 -4.28
N GLN A 219 17.31 13.42 -3.62
CA GLN A 219 16.23 14.06 -4.34
C GLN A 219 16.75 15.00 -5.40
N LEU A 220 17.86 15.68 -5.12
CA LEU A 220 18.38 16.62 -6.08
C LEU A 220 18.78 15.93 -7.37
N PHE A 221 19.31 14.71 -7.27
CA PHE A 221 19.74 13.98 -8.46
C PHE A 221 18.70 12.95 -8.89
N LEU A 222 18.43 11.97 -8.05
CA LEU A 222 17.53 10.90 -8.43
C LEU A 222 16.16 11.44 -8.83
N ASP A 223 15.62 12.34 -8.03
CA ASP A 223 14.21 12.69 -8.10
C ASP A 223 13.91 13.84 -9.03
N THR A 224 14.86 14.31 -9.78
CA THR A 224 14.39 15.47 -10.51
C THR A 224 14.21 15.12 -11.98
N PRO A 225 13.27 15.76 -12.65
CA PRO A 225 13.02 15.44 -14.05
C PRO A 225 14.29 15.62 -14.86
N VAL A 226 14.49 14.72 -15.81
CA VAL A 226 15.67 14.79 -16.65
C VAL A 226 15.77 16.15 -17.32
N SER A 227 14.72 16.54 -18.05
CA SER A 227 14.61 17.89 -18.57
C SER A 227 13.26 18.43 -18.16
N LYS A 228 13.15 19.76 -18.17
CA LYS A 228 11.89 20.40 -17.83
C LYS A 228 10.75 19.85 -18.66
N THR A 229 11.02 19.49 -19.91
CA THR A 229 10.02 18.91 -20.78
C THR A 229 9.75 17.44 -20.49
N GLU A 230 10.67 16.75 -19.85
CA GLU A 230 10.57 15.31 -19.68
C GLU A 230 10.16 14.95 -18.26
N LYS A 231 9.37 13.89 -18.14
CA LYS A 231 8.86 13.46 -16.85
C LYS A 231 9.67 12.35 -16.19
N THR A 232 10.73 11.87 -16.83
CA THR A 232 11.50 10.78 -16.26
C THR A 232 12.53 11.27 -15.26
N ASN A 233 12.78 10.45 -14.25
CA ASN A 233 13.85 10.69 -13.30
C ASN A 233 15.03 9.80 -13.63
N PHE A 234 16.12 9.96 -12.88
CA PHE A 234 17.21 9.02 -13.01
C PHE A 234 16.78 7.62 -12.63
N LYS A 235 15.92 7.51 -11.63
CA LYS A 235 15.39 6.21 -11.27
C LYS A 235 14.63 5.58 -12.43
N THR A 236 14.18 6.38 -13.38
CA THR A 236 13.26 5.92 -14.40
C THR A 236 13.94 5.59 -15.72
N LEU A 237 15.25 5.80 -15.84
CA LEU A 237 15.89 5.78 -17.14
C LEU A 237 15.65 4.46 -17.86
N SER A 238 15.03 4.53 -19.04
CA SER A 238 14.77 3.35 -19.84
C SER A 238 15.69 3.18 -21.05
N SER A 239 16.55 4.14 -21.37
CA SER A 239 17.25 4.03 -22.64
C SER A 239 18.53 4.84 -22.62
N MET A 240 19.39 4.53 -23.59
CA MET A 240 20.54 5.39 -23.83
C MET A 240 20.11 6.83 -24.01
N GLU A 241 19.13 7.06 -24.88
CA GLU A 241 18.61 8.42 -25.07
C GLU A 241 18.21 9.02 -23.74
N ASP A 242 17.48 8.24 -22.91
CA ASP A 242 17.19 8.70 -21.57
C ASP A 242 18.47 9.08 -20.84
N PHE A 243 19.48 8.23 -20.92
CA PHE A 243 20.71 8.47 -20.17
C PHE A 243 21.37 9.75 -20.62
N TRP A 244 21.67 9.86 -21.91
CA TRP A 244 22.32 11.08 -22.40
C TRP A 244 21.56 12.32 -21.96
N LYS A 245 20.24 12.30 -22.11
CA LYS A 245 19.46 13.39 -21.57
C LYS A 245 19.81 13.66 -20.13
N PHE A 246 19.82 12.63 -19.29
CA PHE A 246 20.12 12.82 -17.89
C PHE A 246 21.47 13.48 -17.68
N THR A 247 22.49 12.97 -18.36
CA THR A 247 23.80 13.58 -18.29
C THR A 247 23.73 15.06 -18.63
N GLU A 248 23.44 15.36 -19.89
CA GLU A 248 23.30 16.75 -20.32
C GLU A 248 22.21 17.48 -19.56
N GLY A 249 21.33 16.75 -18.90
CA GLY A 249 20.17 17.26 -18.17
C GLY A 249 20.48 17.46 -16.71
N SER A 250 19.49 17.11 -15.88
CA SER A 250 19.49 17.46 -14.47
C SER A 250 20.83 17.27 -13.79
N LEU A 251 21.56 16.21 -14.16
CA LEU A 251 22.85 15.96 -13.55
C LEU A 251 23.72 17.21 -13.56
N LEU A 252 23.92 17.79 -14.74
CA LEU A 252 24.71 19.01 -14.82
C LEU A 252 24.12 20.08 -13.92
N ASP A 253 22.83 20.36 -14.08
CA ASP A 253 22.16 21.30 -13.20
C ASP A 253 22.29 20.89 -11.75
N GLY A 254 22.27 19.59 -11.47
CA GLY A 254 22.47 19.15 -10.11
C GLY A 254 23.84 19.48 -9.56
N LEU A 255 24.87 19.37 -10.39
CA LEU A 255 26.22 19.56 -9.90
C LEU A 255 26.61 21.02 -9.75
N TYR A 256 26.03 21.90 -10.53
CA TYR A 256 26.55 23.25 -10.65
C TYR A 256 25.55 24.27 -10.15
N TRP A 257 26.07 25.38 -9.63
CA TRP A 257 25.28 26.38 -8.93
C TRP A 257 25.99 27.71 -9.08
N LYS A 258 25.22 28.78 -9.01
CA LYS A 258 25.81 30.12 -9.04
C LYS A 258 25.04 31.07 -8.12
N MET A 259 25.71 31.87 -7.26
CA MET A 259 27.16 31.94 -7.03
C MET A 259 28.00 32.21 -8.29
N GLU A 266 30.97 30.33 -7.15
CA GLU A 266 31.20 31.71 -6.70
C GLU A 266 32.58 32.20 -7.14
N ALA A 267 33.45 31.26 -7.46
CA ALA A 267 34.83 31.58 -7.84
C ALA A 267 35.06 32.34 -9.17
N ASP A 268 34.32 32.09 -10.26
CA ASP A 268 33.10 31.27 -10.34
C ASP A 268 33.37 29.80 -10.62
N ASN A 269 34.65 29.43 -10.66
CA ASN A 269 35.01 28.04 -10.91
C ASN A 269 34.50 27.10 -9.82
N ARG A 270 33.92 27.64 -8.75
CA ARG A 270 33.40 26.86 -7.65
C ARG A 270 31.88 26.91 -7.64
N SER A 271 31.25 25.84 -7.17
CA SER A 271 29.80 25.78 -7.07
C SER A 271 29.41 25.04 -5.79
N PHE A 272 28.44 25.59 -5.09
CA PHE A 272 27.94 24.99 -3.85
C PHE A 272 26.60 24.35 -4.14
N ILE A 273 26.50 23.05 -3.95
CA ILE A 273 25.22 22.39 -4.14
C ILE A 273 24.28 22.78 -3.01
N PHE A 274 23.06 23.16 -3.37
CA PHE A 274 22.09 23.72 -2.42
C PHE A 274 22.57 25.05 -1.88
N TYR A 275 23.77 25.46 -2.30
CA TYR A 275 24.59 26.56 -1.79
C TYR A 275 25.38 26.11 -0.58
N GLU A 276 25.14 24.93 -0.03
CA GLU A 276 25.82 24.51 1.17
C GLU A 276 26.97 23.52 0.93
N ASN A 277 27.20 23.08 -0.29
CA ASN A 277 28.05 21.90 -0.49
C ASN A 277 29.06 22.13 -1.61
N LEU A 278 30.34 22.09 -1.27
CA LEU A 278 31.37 22.06 -2.28
C LEU A 278 31.20 20.85 -3.19
N LEU A 279 31.25 21.09 -4.48
CA LEU A 279 31.55 20.00 -5.39
C LEU A 279 33.03 19.74 -5.26
N LEU A 280 33.38 18.54 -4.84
CA LEU A 280 34.72 18.25 -4.37
C LEU A 280 35.52 17.73 -5.54
N GLY A 281 36.49 18.51 -5.98
CA GLY A 281 37.34 18.06 -7.07
C GLY A 281 36.58 18.01 -8.38
N VAL A 282 36.67 16.87 -9.06
CA VAL A 282 36.15 16.74 -10.42
C VAL A 282 35.37 15.45 -10.58
N PRO A 283 34.25 15.47 -11.30
CA PRO A 283 33.50 14.24 -11.53
C PRO A 283 34.17 13.38 -12.59
N ARG A 284 33.82 12.09 -12.57
CA ARG A 284 34.42 11.13 -13.49
C ARG A 284 33.37 10.16 -13.98
N ILE A 285 33.34 9.95 -15.29
CA ILE A 285 32.46 8.97 -15.92
C ILE A 285 33.32 7.84 -16.45
N ARG A 286 32.83 6.62 -16.28
CA ARG A 286 33.53 5.44 -16.75
C ARG A 286 32.51 4.46 -17.28
N GLN A 287 32.89 3.70 -18.31
CA GLN A 287 31.99 2.69 -18.85
C GLN A 287 32.74 1.39 -19.02
N LEU A 288 31.98 0.35 -19.29
CA LEU A 288 32.53 -0.97 -19.58
C LEU A 288 32.00 -1.46 -20.92
N ARG A 289 32.89 -2.07 -21.69
CA ARG A 289 32.55 -2.47 -23.04
C ARG A 289 32.96 -3.92 -23.25
N VAL A 290 32.17 -4.63 -24.04
CA VAL A 290 32.38 -6.04 -24.29
C VAL A 290 32.85 -6.24 -25.72
N ARG A 291 33.77 -7.19 -25.87
CA ARG A 291 34.27 -7.55 -27.18
C ARG A 291 33.11 -8.00 -28.07
N ASN A 292 33.26 -7.78 -29.37
CA ASN A 292 32.17 -8.11 -30.27
C ASN A 292 31.92 -9.61 -30.26
N GLY A 293 30.70 -9.98 -29.94
CA GLY A 293 30.34 -11.34 -29.67
C GLY A 293 29.81 -12.12 -30.85
N SER A 294 30.14 -11.71 -32.07
CA SER A 294 29.57 -12.32 -33.27
C SER A 294 29.75 -13.83 -33.28
N SER A 295 30.62 -14.36 -32.44
CA SER A 295 30.81 -15.80 -32.32
C SER A 295 29.50 -16.54 -32.15
N SER A 296 28.52 -15.93 -31.46
CA SER A 296 27.27 -16.63 -31.22
C SER A 296 26.58 -16.93 -32.54
N ILE A 297 26.27 -18.20 -32.74
CA ILE A 297 25.79 -18.70 -34.03
C ILE A 297 24.39 -19.27 -33.88
N PRO A 298 23.36 -18.62 -34.38
CA PRO A 298 22.12 -19.33 -34.67
C PRO A 298 22.24 -20.05 -36.01
N GLN A 299 21.51 -21.14 -36.19
CA GLN A 299 21.57 -21.83 -37.47
C GLN A 299 20.19 -21.95 -38.08
N ASP A 300 19.98 -21.26 -39.20
CA ASP A 300 20.98 -20.35 -39.74
C ASP A 300 20.38 -18.98 -39.97
N LEU A 301 21.09 -17.94 -39.53
CA LEU A 301 20.59 -16.60 -39.72
C LEU A 301 21.68 -15.69 -40.29
N ARG A 302 22.74 -15.47 -39.52
CA ARG A 302 23.95 -14.77 -39.96
C ARG A 302 23.55 -13.38 -40.47
N ASP A 303 23.72 -13.10 -41.77
CA ASP A 303 23.67 -11.75 -42.32
C ASP A 303 22.34 -11.09 -42.01
N GLU A 304 21.37 -11.86 -41.54
CA GLU A 304 20.11 -11.28 -41.10
C GLU A 304 20.19 -10.75 -39.68
N ILE A 305 21.37 -10.76 -39.05
CA ILE A 305 21.43 -10.31 -37.66
C ILE A 305 22.00 -8.87 -37.54
N LYS A 306 23.28 -8.53 -37.75
CA LYS A 306 24.45 -9.39 -37.78
C LYS A 306 25.07 -9.35 -36.39
N GLU A 307 26.12 -10.13 -36.19
CA GLU A 307 26.92 -10.22 -34.97
C GLU A 307 26.09 -10.36 -33.71
N CYS A 308 26.58 -9.83 -32.60
CA CYS A 308 25.90 -9.71 -31.32
C CYS A 308 26.94 -9.28 -30.29
N TYR A 309 26.47 -9.05 -29.07
CA TYR A 309 27.37 -8.75 -27.95
C TYR A 309 26.91 -9.53 -26.73
N ASP A 310 27.83 -10.28 -26.15
CA ASP A 310 27.53 -11.17 -25.04
C ASP A 310 27.37 -10.40 -23.73
N VAL A 311 26.73 -11.06 -22.76
CA VAL A 311 26.59 -10.57 -21.40
C VAL A 311 27.95 -10.26 -20.81
N TYR A 312 28.03 -9.23 -19.97
CA TYR A 312 29.30 -8.79 -19.43
C TYR A 312 30.02 -9.88 -18.67
N SER A 313 31.32 -9.96 -18.86
CA SER A 313 32.19 -10.82 -18.09
C SER A 313 33.60 -10.26 -18.19
N VAL A 314 34.45 -10.67 -17.25
CA VAL A 314 35.84 -10.25 -17.31
C VAL A 314 36.48 -10.73 -18.61
N SER A 315 36.20 -11.96 -19.01
CA SER A 315 36.72 -12.46 -20.27
C SER A 315 36.23 -11.60 -21.43
N SER A 316 34.92 -11.42 -21.54
CA SER A 316 34.34 -10.69 -22.66
C SER A 316 34.70 -9.22 -22.67
N GLU A 317 35.35 -8.71 -21.63
CA GLU A 317 35.65 -7.30 -21.54
C GLU A 317 36.48 -6.83 -22.73
N ASP A 318 36.04 -5.73 -23.34
CA ASP A 318 36.66 -5.20 -24.54
C ASP A 318 37.74 -4.20 -24.16
N ARG A 319 38.98 -4.51 -24.55
CA ARG A 319 40.09 -3.61 -24.35
C ARG A 319 40.48 -2.83 -25.60
N ALA A 320 39.77 -3.02 -26.68
CA ALA A 320 40.18 -2.39 -27.92
C ALA A 320 39.91 -0.90 -27.89
N PRO A 321 40.67 -0.23 -28.34
CA PRO A 321 40.46 1.23 -28.42
C PRO A 321 39.51 1.65 -29.53
N PHE A 322 38.22 1.56 -29.24
CA PHE A 322 37.21 1.97 -30.21
C PHE A 322 37.20 3.48 -30.37
N GLY A 323 36.60 3.94 -31.45
CA GLY A 323 36.34 5.35 -31.63
C GLY A 323 37.56 6.14 -32.03
N PRO A 324 37.49 7.47 -31.89
CA PRO A 324 38.59 8.32 -32.34
C PRO A 324 39.89 8.08 -31.62
N ARG A 325 39.85 7.40 -30.47
CA ARG A 325 41.07 7.01 -29.76
C ARG A 325 41.87 8.21 -29.30
N ASN A 326 41.20 9.33 -29.10
CA ASN A 326 41.92 10.55 -28.74
C ASN A 326 42.01 10.78 -27.24
N GLY A 327 41.52 9.86 -26.41
CA GLY A 327 41.61 10.11 -25.00
C GLY A 327 41.18 8.92 -24.19
N THR A 328 41.28 9.08 -22.87
CA THR A 328 40.91 8.02 -21.95
C THR A 328 39.53 7.48 -22.22
N ALA A 329 38.64 8.32 -22.73
CA ALA A 329 37.30 7.86 -23.08
C ALA A 329 37.37 6.71 -24.07
N TRP A 330 38.20 6.83 -25.09
CA TRP A 330 38.28 5.80 -26.11
C TRP A 330 39.42 4.83 -25.93
N ILE A 331 40.16 4.94 -24.84
CA ILE A 331 41.32 4.08 -24.62
C ILE A 331 41.09 3.27 -23.36
N TYR A 332 41.36 1.98 -23.45
CA TYR A 332 41.18 1.12 -22.29
C TYR A 332 42.29 1.35 -21.29
N THR A 333 41.94 1.31 -20.01
CA THR A 333 42.91 1.39 -18.93
C THR A 333 42.69 0.21 -18.01
N SER A 334 43.65 -0.06 -17.14
CA SER A 334 43.55 -1.22 -16.29
C SER A 334 43.23 -0.80 -14.85
N GLU A 335 42.47 -1.67 -14.18
CA GLU A 335 42.09 -1.41 -12.81
C GLU A 335 43.30 -1.22 -11.92
N LYS A 336 44.44 -1.79 -12.30
CA LYS A 336 45.67 -1.45 -11.62
C LYS A 336 46.11 -0.04 -11.98
N ASP A 337 46.23 0.24 -13.28
CA ASP A 337 46.65 1.57 -13.71
C ASP A 337 45.66 2.62 -13.27
N LEU A 338 44.38 2.35 -13.46
CA LEU A 338 43.32 3.23 -13.02
C LEU A 338 42.94 2.81 -11.61
N ASN A 339 43.29 3.64 -10.64
CA ASN A 339 43.09 3.29 -9.24
C ASN A 339 41.62 3.01 -9.01
N GLY A 340 41.30 1.83 -8.50
CA GLY A 340 39.90 1.49 -8.33
C GLY A 340 39.74 0.04 -7.99
N SER A 341 38.54 -0.28 -7.52
CA SER A 341 38.20 -1.60 -7.02
C SER A 341 37.03 -2.17 -7.79
N SER A 342 36.97 -3.48 -7.85
CA SER A 342 35.82 -4.14 -8.45
C SER A 342 34.55 -3.76 -7.68
N HIS A 343 33.57 -3.28 -8.40
CA HIS A 343 32.30 -2.90 -7.80
C HIS A 343 31.28 -4.00 -8.06
N TRP A 344 30.42 -4.22 -7.09
CA TRP A 344 29.41 -5.27 -7.16
C TRP A 344 28.08 -4.65 -7.49
N GLY A 345 27.63 -4.85 -8.73
CA GLY A 345 26.38 -4.30 -9.20
C GLY A 345 25.25 -5.27 -9.01
N ILE A 346 24.11 -4.92 -9.60
CA ILE A 346 22.93 -5.74 -9.34
C ILE A 346 22.88 -6.97 -10.24
N ILE A 347 23.19 -6.84 -11.54
CA ILE A 347 23.29 -8.03 -12.37
C ILE A 347 24.70 -8.57 -12.50
N ALA A 348 25.71 -7.82 -12.10
CA ALA A 348 27.07 -8.32 -12.29
C ALA A 348 28.02 -7.53 -11.41
N THR A 349 29.18 -8.12 -11.20
CA THR A 349 30.31 -7.41 -10.63
C THR A 349 31.08 -6.75 -11.74
N TYR A 350 31.62 -5.58 -11.48
CA TYR A 350 32.30 -4.79 -12.49
C TYR A 350 33.70 -4.44 -12.02
N SER A 351 34.69 -4.71 -12.86
CA SER A 351 36.04 -4.33 -12.54
C SER A 351 36.18 -2.81 -12.55
N GLY A 352 37.20 -2.33 -11.86
CA GLY A 352 37.49 -0.91 -11.91
C GLY A 352 37.95 -0.44 -13.27
N ALA A 353 38.57 -1.32 -14.05
CA ALA A 353 39.09 -0.93 -15.34
C ALA A 353 37.97 -0.53 -16.28
N GLY A 354 38.33 0.18 -17.34
CA GLY A 354 37.35 0.49 -18.37
C GLY A 354 37.76 1.73 -19.14
N TYR A 355 36.77 2.34 -19.75
CA TYR A 355 36.94 3.57 -20.50
C TYR A 355 36.33 4.70 -19.69
N TYR A 356 37.12 5.72 -19.38
CA TYR A 356 36.66 6.76 -18.49
C TYR A 356 37.02 8.13 -19.03
N LEU A 357 36.43 9.14 -18.40
CA LEU A 357 36.77 10.52 -18.68
C LEU A 357 36.58 11.33 -17.43
N ASP A 358 37.43 12.32 -17.23
CA ASP A 358 37.32 13.22 -16.10
C ASP A 358 36.73 14.53 -16.56
N LEU A 359 35.73 15.01 -15.83
CA LEU A 359 34.99 16.18 -16.25
C LEU A 359 35.72 17.47 -15.88
N SER A 360 35.03 18.58 -15.95
CA SER A 360 35.64 19.88 -15.71
C SER A 360 35.03 20.53 -14.49
N ARG A 361 35.56 21.70 -14.13
CA ARG A 361 35.08 22.41 -12.95
C ARG A 361 33.82 23.21 -13.25
N THR A 362 33.58 23.52 -14.52
CA THR A 362 32.47 24.38 -14.90
C THR A 362 31.42 23.57 -15.63
N ARG A 363 30.16 23.95 -15.43
CA ARG A 363 29.07 23.26 -16.07
C ARG A 363 29.24 23.24 -17.59
N GLU A 364 29.78 24.31 -18.16
CA GLU A 364 29.85 24.42 -19.60
C GLU A 364 30.88 23.46 -20.18
N GLU A 365 32.12 23.55 -19.71
CA GLU A 365 33.18 22.72 -20.23
C GLU A 365 32.78 21.24 -20.24
N THR A 366 32.18 20.79 -19.14
CA THR A 366 31.66 19.43 -19.09
C THR A 366 30.68 19.19 -20.22
N ALA A 367 29.69 20.08 -20.34
CA ALA A 367 28.71 19.93 -21.41
C ALA A 367 29.40 19.78 -22.76
N ALA A 368 30.41 20.60 -23.03
CA ALA A 368 31.19 20.41 -24.24
C ALA A 368 31.76 18.99 -24.30
N GLN A 369 32.36 18.54 -23.20
CA GLN A 369 32.89 17.19 -23.15
C GLN A 369 31.77 16.18 -23.39
N VAL A 370 30.69 16.29 -22.62
CA VAL A 370 29.60 15.33 -22.76
C VAL A 370 29.08 15.32 -24.19
N ALA A 371 28.75 16.49 -24.73
CA ALA A 371 28.25 16.55 -26.09
C ALA A 371 29.21 15.88 -27.05
N SER A 372 30.50 16.15 -26.89
CA SER A 372 31.48 15.47 -27.73
C SER A 372 31.36 13.96 -27.58
N LEU A 373 31.23 13.48 -26.34
CA LEU A 373 31.01 12.05 -26.15
C LEU A 373 29.66 11.62 -26.68
N LYS A 374 28.71 12.54 -26.77
CA LYS A 374 27.45 12.18 -27.40
C LYS A 374 27.52 12.30 -28.91
N LYS A 375 28.21 13.32 -29.41
CA LYS A 375 28.40 13.48 -30.85
C LYS A 375 29.01 12.23 -31.43
N ASN A 376 30.28 12.00 -31.12
CA ASN A 376 30.82 10.67 -31.27
C ASN A 376 29.97 9.73 -30.45
N VAL A 377 29.85 8.49 -30.89
CA VAL A 377 29.01 7.55 -30.18
C VAL A 377 29.90 6.87 -29.15
N TRP A 378 29.76 7.27 -27.90
CA TRP A 378 30.54 6.68 -26.83
C TRP A 378 29.77 5.64 -26.06
N LEU A 379 28.49 5.47 -26.37
CA LEU A 379 27.68 4.39 -25.82
C LEU A 379 27.19 3.57 -26.99
N ASP A 380 27.70 2.36 -27.12
CA ASP A 380 27.38 1.56 -28.29
C ASP A 380 26.70 0.27 -27.86
N ARG A 381 26.44 -0.59 -28.84
CA ARG A 381 25.89 -1.90 -28.56
C ARG A 381 26.65 -2.59 -27.44
N GLY A 382 27.96 -2.49 -27.45
CA GLY A 382 28.77 -3.24 -26.52
C GLY A 382 28.98 -2.61 -25.17
N THR A 383 28.22 -1.58 -24.81
CA THR A 383 28.43 -0.92 -23.54
C THR A 383 27.54 -1.54 -22.49
N ARG A 384 28.12 -2.29 -21.56
CA ARG A 384 27.28 -2.97 -20.57
C ARG A 384 26.94 -2.10 -19.39
N ALA A 385 27.89 -1.33 -18.88
CA ALA A 385 27.63 -0.58 -17.66
C ALA A 385 28.47 0.68 -17.65
N THR A 386 27.93 1.72 -17.06
CA THR A 386 28.60 3.01 -16.98
C THR A 386 28.57 3.50 -15.54
N PHE A 387 29.59 4.24 -15.16
CA PHE A 387 29.70 4.78 -13.83
C PHE A 387 29.79 6.29 -13.89
N ILE A 388 29.23 6.94 -12.87
CA ILE A 388 29.42 8.35 -12.64
C ILE A 388 29.79 8.52 -11.17
N ASP A 389 31.00 8.97 -10.92
CA ASP A 389 31.50 9.06 -9.57
C ASP A 389 31.97 10.47 -9.30
N PHE A 390 31.54 11.02 -8.17
CA PHE A 390 32.01 12.31 -7.72
C PHE A 390 31.78 12.39 -6.23
N SER A 391 32.46 13.34 -5.60
CA SER A 391 32.38 13.52 -4.17
C SER A 391 31.99 14.95 -3.85
N VAL A 392 31.41 15.14 -2.68
CA VAL A 392 30.88 16.43 -2.27
C VAL A 392 31.22 16.64 -0.81
N TYR A 393 31.69 17.82 -0.48
CA TYR A 393 32.01 18.17 0.90
C TYR A 393 31.01 19.19 1.41
N ASN A 394 30.66 19.08 2.68
CA ASN A 394 29.87 20.09 3.37
C ASN A 394 30.69 20.68 4.50
N ALA A 395 30.73 21.99 4.58
CA ALA A 395 31.48 22.65 5.62
C ALA A 395 30.64 23.03 6.83
N ASN A 396 29.32 22.97 6.75
CA ASN A 396 28.54 23.42 7.89
C ASN A 396 28.68 22.41 9.00
N ILE A 397 28.04 21.26 8.83
CA ILE A 397 28.61 20.09 9.45
C ILE A 397 29.81 19.67 8.62
N ASN A 398 30.69 18.91 9.22
CA ASN A 398 31.89 18.49 8.53
C ASN A 398 31.67 17.07 8.05
N LEU A 399 31.44 16.92 6.75
CA LEU A 399 31.21 15.61 6.17
C LEU A 399 31.52 15.61 4.69
N PHE A 400 31.74 14.42 4.16
CA PHE A 400 31.89 14.20 2.74
C PHE A 400 30.81 13.24 2.28
N CYS A 401 30.21 13.55 1.12
CA CYS A 401 29.27 12.63 0.50
C CYS A 401 29.95 12.09 -0.75
N VAL A 402 30.00 10.78 -0.87
CA VAL A 402 30.59 10.12 -2.02
C VAL A 402 29.46 9.49 -2.82
N VAL A 403 29.47 9.72 -4.12
CA VAL A 403 28.35 9.36 -4.97
C VAL A 403 28.84 8.46 -6.09
N ARG A 404 28.15 7.34 -6.29
CA ARG A 404 28.35 6.48 -7.45
C ARG A 404 27.03 6.31 -8.14
N LEU A 405 26.92 6.82 -9.35
CA LEU A 405 25.75 6.61 -10.18
C LEU A 405 26.10 5.49 -11.15
N LEU A 406 25.38 4.39 -11.06
CA LEU A 406 25.68 3.19 -11.80
C LEU A 406 24.53 2.90 -12.73
N VAL A 407 24.84 2.64 -14.00
CA VAL A 407 23.84 2.38 -15.01
C VAL A 407 24.26 1.15 -15.79
N GLU A 408 23.41 0.14 -15.81
CA GLU A 408 23.71 -1.12 -16.47
C GLU A 408 22.87 -1.28 -17.72
N PHE A 409 23.45 -1.95 -18.71
CA PHE A 409 22.83 -2.17 -20.01
C PHE A 409 22.84 -3.66 -20.27
N PRO A 410 21.80 -4.38 -19.92
CA PRO A 410 21.76 -5.81 -20.21
C PRO A 410 21.86 -6.06 -21.71
N ALA A 411 22.30 -7.26 -22.05
CA ALA A 411 22.31 -7.67 -23.45
C ALA A 411 20.92 -7.61 -24.04
N THR A 412 19.91 -7.55 -23.20
CA THR A 412 18.53 -7.45 -23.64
C THR A 412 18.12 -6.03 -23.95
N GLY A 413 19.05 -5.09 -23.87
CA GLY A 413 18.73 -3.69 -24.05
C GLY A 413 18.10 -3.11 -22.81
N GLY A 414 17.81 -1.82 -22.88
CA GLY A 414 17.25 -1.12 -21.75
C GLY A 414 18.31 -0.71 -20.76
N VAL A 415 17.84 -0.22 -19.62
CA VAL A 415 18.69 0.44 -18.64
C VAL A 415 18.26 0.01 -17.26
N ILE A 416 19.24 -0.23 -16.39
CA ILE A 416 18.95 -0.54 -15.00
C ILE A 416 19.73 0.41 -14.11
N PRO A 417 19.14 1.52 -13.69
CA PRO A 417 19.88 2.49 -12.89
C PRO A 417 20.02 2.04 -11.45
N SER A 418 21.11 2.46 -10.83
CA SER A 418 21.32 2.25 -9.41
C SER A 418 22.26 3.34 -8.93
N TRP A 419 22.20 3.61 -7.63
CA TRP A 419 22.88 4.76 -7.08
C TRP A 419 23.34 4.45 -5.67
N GLN A 420 24.37 5.18 -5.25
CA GLN A 420 24.89 5.03 -3.91
C GLN A 420 25.34 6.39 -3.41
N PHE A 421 24.91 6.76 -2.21
CA PHE A 421 25.30 8.01 -1.58
C PHE A 421 25.91 7.67 -0.23
N GLN A 422 27.20 7.92 -0.08
CA GLN A 422 27.85 7.54 1.16
C GLN A 422 28.41 8.75 1.88
N PRO A 423 27.94 9.05 3.07
CA PRO A 423 28.60 10.06 3.90
C PRO A 423 29.86 9.51 4.52
N LEU A 424 30.84 10.40 4.69
CA LEU A 424 32.09 10.03 5.32
C LEU A 424 32.51 11.13 6.27
N LYS A 425 33.07 10.72 7.40
CA LYS A 425 33.74 11.65 8.29
C LYS A 425 35.23 11.39 8.09
N LEU A 426 35.88 12.25 7.30
CA LEU A 426 37.30 12.04 7.03
C LEU A 426 38.18 12.66 8.09
N ILE A 427 37.88 13.91 8.47
CA ILE A 427 38.66 14.60 9.49
C ILE A 427 37.96 14.31 10.81
N ARG A 428 38.61 13.50 11.64
CA ARG A 428 37.95 13.06 12.86
C ARG A 428 38.20 14.03 14.00
N TYR A 429 39.13 14.97 13.82
CA TYR A 429 39.50 15.89 14.89
C TYR A 429 39.12 17.31 14.48
N VAL A 430 38.05 17.82 15.08
CA VAL A 430 37.75 19.25 15.03
C VAL A 430 37.37 19.72 16.43
N THR A 431 36.21 19.26 16.90
CA THR A 431 35.69 19.65 18.19
C THR A 431 36.34 18.85 19.32
N THR A 432 36.33 19.44 20.51
CA THR A 432 36.82 18.72 21.69
C THR A 432 36.09 17.40 21.86
N PHE A 433 34.78 17.39 21.62
CA PHE A 433 34.02 16.14 21.67
C PHE A 433 34.62 15.11 20.73
N ASP A 434 35.05 15.55 19.54
CA ASP A 434 35.70 14.64 18.61
C ASP A 434 36.99 14.09 19.21
N PHE A 435 37.74 14.92 19.94
CA PHE A 435 38.92 14.43 20.63
C PHE A 435 38.53 13.52 21.79
N PHE A 436 37.45 13.86 22.50
CA PHE A 436 36.99 13.01 23.58
C PHE A 436 36.69 11.61 23.10
N LEU A 437 36.12 11.49 21.90
CA LEU A 437 35.87 10.16 21.35
C LEU A 437 37.17 9.44 21.07
N ALA A 438 38.18 10.16 20.56
CA ALA A 438 39.47 9.55 20.31
C ALA A 438 40.04 8.92 21.57
N ALA A 439 39.91 9.61 22.71
CA ALA A 439 40.28 9.01 23.98
C ALA A 439 39.50 7.73 24.22
N CYS A 440 38.16 7.82 24.15
CA CYS A 440 37.33 6.65 24.37
C CYS A 440 37.70 5.52 23.43
N GLU A 441 38.03 5.84 22.18
CA GLU A 441 38.44 4.81 21.24
C GLU A 441 39.64 4.03 21.76
N ILE A 442 40.68 4.73 22.20
CA ILE A 442 41.82 4.06 22.80
C ILE A 442 41.40 3.40 24.11
N ILE A 443 40.54 4.06 24.88
CA ILE A 443 39.98 3.44 26.07
C ILE A 443 39.26 2.15 25.70
N PHE A 444 38.38 2.24 24.72
CA PHE A 444 37.65 1.07 24.24
C PHE A 444 38.58 -0.03 23.77
N CYS A 445 39.71 0.34 23.18
CA CYS A 445 40.67 -0.66 22.74
C CYS A 445 41.18 -1.49 23.91
N PHE A 446 41.32 -0.89 25.09
CA PHE A 446 41.82 -1.62 26.25
C PHE A 446 40.87 -2.75 26.62
N PHE A 447 39.57 -2.48 26.63
CA PHE A 447 38.59 -3.47 27.05
C PHE A 447 38.71 -4.75 26.24
N ILE A 448 38.71 -4.63 24.92
CA ILE A 448 38.75 -5.82 24.09
C ILE A 448 39.99 -6.64 24.42
N PHE A 449 41.15 -5.99 24.44
CA PHE A 449 42.38 -6.67 24.84
C PHE A 449 42.20 -7.37 26.18
N TYR A 450 41.47 -6.75 27.10
CA TYR A 450 41.14 -7.41 28.35
C TYR A 450 40.33 -8.68 28.11
N TYR A 451 39.24 -8.56 27.34
CA TYR A 451 38.43 -9.74 27.06
C TYR A 451 39.20 -10.80 26.30
N VAL A 452 40.17 -10.38 25.48
CA VAL A 452 40.99 -11.35 24.77
C VAL A 452 41.61 -12.34 25.75
N VAL A 453 42.20 -11.83 26.82
CA VAL A 453 42.82 -12.72 27.80
C VAL A 453 41.77 -13.61 28.45
N GLU A 454 40.67 -13.01 28.89
CA GLU A 454 39.62 -13.79 29.55
C GLU A 454 39.10 -14.90 28.64
N GLU A 455 39.19 -14.70 27.33
CA GLU A 455 38.72 -15.70 26.38
C GLU A 455 39.64 -16.91 26.30
N ILE A 456 40.78 -16.89 26.99
CA ILE A 456 41.80 -17.91 26.77
C ILE A 456 41.63 -19.02 27.80
N LEU A 457 41.39 -20.24 27.32
CA LEU A 457 41.38 -21.41 28.19
C LEU A 457 42.66 -22.22 28.00
N ARG A 468 29.50 -25.83 27.17
CA ARG A 468 30.11 -25.85 25.84
C ARG A 468 30.90 -24.57 25.50
N SER A 469 30.33 -23.35 25.66
CA SER A 469 28.94 -23.09 26.03
C SER A 469 28.39 -22.00 25.15
N PHE A 470 27.08 -21.82 25.20
CA PHE A 470 26.44 -20.80 24.37
C PHE A 470 27.07 -19.44 24.61
N TRP A 471 27.03 -18.98 25.86
CA TRP A 471 27.58 -17.66 26.15
C TRP A 471 29.06 -17.59 25.77
N ASN A 472 29.79 -18.69 25.99
CA ASN A 472 31.14 -18.76 25.45
C ASN A 472 31.12 -18.58 23.95
N CYS A 473 30.33 -19.41 23.25
CA CYS A 473 30.18 -19.25 21.80
C CYS A 473 29.84 -17.81 21.46
N LEU A 474 28.94 -17.19 22.23
CA LEU A 474 28.62 -15.79 22.01
C LEU A 474 29.85 -14.91 22.22
N ASP A 475 30.46 -15.02 23.39
CA ASP A 475 31.55 -14.11 23.75
C ASP A 475 32.62 -14.10 22.68
N VAL A 476 32.90 -15.26 22.10
CA VAL A 476 33.88 -15.34 21.02
C VAL A 476 33.52 -14.38 19.91
N VAL A 477 32.28 -14.48 19.43
CA VAL A 477 31.83 -13.68 18.29
C VAL A 477 32.11 -12.21 18.55
N ILE A 478 31.62 -11.69 19.67
CA ILE A 478 31.80 -10.28 19.97
C ILE A 478 33.26 -9.91 19.91
N VAL A 479 34.11 -10.74 20.51
CA VAL A 479 35.55 -10.48 20.46
C VAL A 479 36.02 -10.43 19.02
N VAL A 480 35.66 -11.44 18.23
CA VAL A 480 36.08 -11.51 16.85
C VAL A 480 35.71 -10.22 16.13
N LEU A 481 34.41 -9.96 15.99
CA LEU A 481 33.96 -8.80 15.26
C LEU A 481 34.66 -7.54 15.75
N SER A 482 34.77 -7.39 17.07
CA SER A 482 35.44 -6.22 17.63
C SER A 482 36.81 -6.04 17.02
N VAL A 483 37.59 -7.12 16.94
CA VAL A 483 38.91 -7.02 16.35
C VAL A 483 38.82 -6.52 14.92
N VAL A 484 38.06 -7.24 14.09
CA VAL A 484 37.94 -6.88 12.69
C VAL A 484 37.53 -5.42 12.56
N ALA A 485 36.57 -4.99 13.37
CA ALA A 485 36.17 -3.60 13.37
C ALA A 485 37.37 -2.69 13.60
N ILE A 486 38.21 -3.05 14.57
CA ILE A 486 39.36 -2.21 14.85
C ILE A 486 40.36 -2.27 13.70
N GLY A 487 40.72 -3.48 13.26
CA GLY A 487 41.67 -3.59 12.17
C GLY A 487 41.29 -2.76 10.98
N ILE A 488 40.03 -2.88 10.56
CA ILE A 488 39.51 -2.01 9.51
C ILE A 488 39.71 -0.56 9.90
N ASN A 489 39.33 -0.21 11.14
CA ASN A 489 39.41 1.18 11.54
C ASN A 489 40.83 1.73 11.42
N ILE A 490 41.83 0.88 11.65
CA ILE A 490 43.19 1.39 11.72
C ILE A 490 43.82 1.40 10.33
N TYR A 491 44.21 0.24 9.84
CA TYR A 491 45.09 0.24 8.68
C TYR A 491 44.29 0.35 7.39
N ARG A 492 42.97 0.50 7.50
CA ARG A 492 42.18 0.72 6.30
C ARG A 492 41.61 2.13 6.26
N THR A 493 40.62 2.41 7.09
CA THR A 493 39.95 3.71 7.07
C THR A 493 40.84 4.85 7.53
N SER A 494 41.72 4.61 8.51
CA SER A 494 42.48 5.72 9.07
C SER A 494 43.55 6.21 8.11
N ASN A 495 43.66 5.55 6.95
CA ASN A 495 44.71 5.90 6.00
C ASN A 495 44.60 7.37 5.59
N VAL A 496 43.48 7.75 5.00
CA VAL A 496 43.19 9.15 4.68
C VAL A 496 44.28 9.68 3.75
N GLU A 497 44.95 8.76 3.05
CA GLU A 497 46.03 9.17 2.17
C GLU A 497 45.49 9.89 0.95
N VAL A 498 44.36 9.42 0.41
CA VAL A 498 43.79 10.03 -0.78
C VAL A 498 43.42 11.48 -0.51
N LEU A 499 42.85 11.75 0.65
CA LEU A 499 42.53 13.13 1.02
C LEU A 499 43.77 14.00 0.92
N LEU A 500 44.82 13.63 1.66
CA LEU A 500 46.01 14.45 1.69
C LEU A 500 46.58 14.63 0.30
N GLN A 501 46.49 13.59 -0.55
CA GLN A 501 46.85 13.75 -1.94
C GLN A 501 45.92 14.74 -2.63
N PHE A 502 44.61 14.50 -2.53
CA PHE A 502 43.66 15.38 -3.19
C PHE A 502 43.79 16.81 -2.68
N LEU A 503 43.99 16.98 -1.38
CA LEU A 503 44.19 18.31 -0.85
C LEU A 503 45.32 19.04 -1.57
N GLU A 504 46.36 18.32 -1.98
CA GLU A 504 47.39 18.96 -2.78
C GLU A 504 46.85 19.46 -4.11
N ASP A 505 46.29 18.57 -4.92
CA ASP A 505 45.77 18.93 -6.23
C ASP A 505 44.26 18.74 -6.20
N GLN A 506 43.53 19.85 -6.23
CA GLN A 506 42.08 19.81 -6.13
C GLN A 506 41.40 19.81 -7.49
N ASN A 507 42.17 19.73 -8.57
CA ASN A 507 41.60 19.67 -9.91
C ASN A 507 41.49 18.25 -10.45
N THR A 508 41.85 17.26 -9.68
CA THR A 508 41.80 15.89 -10.14
C THR A 508 40.52 15.21 -9.67
N PHE A 509 40.45 13.90 -9.91
CA PHE A 509 39.35 13.11 -9.39
C PHE A 509 39.75 12.48 -8.08
N PRO A 510 39.08 12.81 -7.00
CA PRO A 510 39.46 12.29 -5.69
C PRO A 510 38.92 10.90 -5.43
N ASN A 511 39.62 9.85 -5.85
CA ASN A 511 39.00 8.54 -5.78
C ASN A 511 38.81 8.17 -4.32
N PHE A 512 37.55 8.12 -3.90
CA PHE A 512 37.19 7.69 -2.56
C PHE A 512 36.56 6.31 -2.53
N GLU A 513 36.34 5.69 -3.69
CA GLU A 513 35.47 4.53 -3.77
C GLU A 513 35.80 3.51 -2.69
N HIS A 514 37.08 3.31 -2.41
CA HIS A 514 37.46 2.39 -1.36
C HIS A 514 37.04 2.92 0.00
N LEU A 515 37.43 4.16 0.31
CA LEU A 515 37.13 4.71 1.62
C LEU A 515 35.65 4.56 1.93
N ALA A 516 34.81 4.92 0.98
CA ALA A 516 33.39 4.66 1.15
C ALA A 516 33.13 3.17 1.38
N TYR A 517 33.72 2.33 0.53
CA TYR A 517 33.49 0.90 0.63
C TYR A 517 33.73 0.40 2.04
N TRP A 518 34.82 0.83 2.65
CA TRP A 518 35.19 0.23 3.92
C TRP A 518 34.32 0.72 5.06
N GLN A 519 34.09 2.03 5.15
CA GLN A 519 33.29 2.50 6.26
C GLN A 519 31.91 1.86 6.24
N ILE A 520 31.41 1.52 5.06
CA ILE A 520 30.23 0.68 4.99
C ILE A 520 30.48 -0.63 5.72
N GLN A 521 31.51 -1.36 5.29
CA GLN A 521 31.89 -2.57 5.99
C GLN A 521 32.07 -2.28 7.47
N PHE A 522 32.67 -1.15 7.80
CA PHE A 522 32.83 -0.79 9.19
C PHE A 522 31.48 -0.67 9.88
N ASN A 523 30.61 0.19 9.37
CA ASN A 523 29.30 0.36 9.98
C ASN A 523 28.56 -0.95 10.03
N ASN A 524 28.69 -1.76 8.97
CA ASN A 524 28.06 -3.08 9.02
C ASN A 524 28.52 -3.86 10.23
N ILE A 525 29.83 -4.04 10.36
CA ILE A 525 30.34 -4.79 11.50
C ILE A 525 30.02 -4.07 12.79
N ALA A 526 30.33 -2.79 12.86
CA ALA A 526 30.08 -2.03 14.08
C ALA A 526 28.67 -2.24 14.58
N ALA A 527 27.69 -2.15 13.70
CA ALA A 527 26.31 -2.36 14.11
C ALA A 527 26.13 -3.76 14.69
N VAL A 528 26.53 -4.78 13.95
CA VAL A 528 26.31 -6.15 14.38
C VAL A 528 26.90 -6.37 15.76
N THR A 529 28.07 -5.82 16.02
CA THR A 529 28.66 -5.95 17.34
C THR A 529 27.69 -5.44 18.40
N VAL A 530 27.27 -4.19 18.27
CA VAL A 530 26.33 -3.60 19.22
C VAL A 530 25.16 -4.53 19.45
N PHE A 531 24.60 -5.04 18.37
CA PHE A 531 23.47 -5.95 18.51
C PHE A 531 23.80 -7.10 19.44
N PHE A 532 24.88 -7.81 19.15
CA PHE A 532 25.26 -8.91 20.03
C PHE A 532 25.61 -8.44 21.42
N VAL A 533 26.21 -7.26 21.54
CA VAL A 533 26.58 -6.78 22.86
C VAL A 533 25.36 -6.71 23.75
N TRP A 534 24.27 -6.14 23.25
CA TRP A 534 23.05 -6.12 24.02
C TRP A 534 22.61 -7.52 24.39
N ILE A 535 22.63 -8.43 23.42
CA ILE A 535 22.19 -9.79 23.71
C ILE A 535 23.00 -10.39 24.84
N LYS A 536 24.27 -10.04 24.94
CA LYS A 536 25.07 -10.57 26.04
C LYS A 536 24.49 -10.20 27.40
N LEU A 537 23.64 -9.18 27.44
CA LEU A 537 23.08 -8.75 28.70
C LEU A 537 22.20 -9.82 29.33
N PHE A 538 21.57 -10.67 28.52
CA PHE A 538 20.73 -11.73 29.08
C PHE A 538 21.47 -12.58 30.09
N LYS A 539 22.77 -12.80 29.87
CA LYS A 539 23.53 -13.66 30.76
C LYS A 539 23.41 -13.20 32.21
N PHE A 540 23.09 -11.93 32.42
CA PHE A 540 23.00 -11.35 33.74
C PHE A 540 21.58 -11.26 34.28
N ILE A 541 20.56 -11.69 33.53
CA ILE A 541 19.19 -11.43 33.92
C ILE A 541 18.61 -12.53 34.79
N ASN A 542 19.35 -13.60 35.03
CA ASN A 542 18.75 -14.75 35.69
C ASN A 542 18.59 -14.57 37.19
N PHE A 543 18.96 -13.40 37.72
CA PHE A 543 18.82 -13.14 39.14
C PHE A 543 17.44 -13.53 39.64
N ASN A 544 16.40 -13.12 38.93
CA ASN A 544 15.05 -13.37 39.38
C ASN A 544 14.63 -14.80 39.07
N ARG A 545 13.71 -15.31 39.89
CA ARG A 545 13.12 -16.61 39.61
C ARG A 545 12.51 -16.62 38.22
N THR A 546 11.59 -15.70 37.98
CA THR A 546 10.85 -15.68 36.71
C THR A 546 11.80 -15.74 35.53
N MET A 547 12.82 -14.87 35.51
CA MET A 547 13.79 -14.90 34.44
C MET A 547 14.47 -16.26 34.38
N SER A 548 15.08 -16.67 35.48
CA SER A 548 15.71 -17.99 35.53
C SER A 548 14.76 -19.06 35.06
N GLN A 549 13.49 -18.96 35.43
CA GLN A 549 12.49 -19.86 34.87
C GLN A 549 12.46 -19.73 33.35
N LEU A 550 12.22 -18.52 32.85
CA LEU A 550 12.12 -18.31 31.42
C LEU A 550 13.40 -18.72 30.71
N SER A 551 14.54 -18.44 31.34
CA SER A 551 15.82 -18.77 30.73
C SER A 551 15.86 -20.23 30.32
N THR A 552 15.60 -21.13 31.26
CA THR A 552 15.72 -22.54 30.93
C THR A 552 14.63 -23.00 29.96
N THR A 553 13.51 -22.30 29.93
CA THR A 553 12.43 -22.69 29.03
C THR A 553 12.89 -22.59 27.58
N MET A 554 13.27 -21.39 27.16
CA MET A 554 13.66 -21.19 25.77
C MET A 554 14.84 -22.09 25.41
N SER A 555 15.72 -22.36 26.37
CA SER A 555 16.78 -23.31 26.12
C SER A 555 16.21 -24.66 25.74
N ARG A 556 15.21 -25.13 26.48
CA ARG A 556 14.58 -26.37 26.09
C ARG A 556 13.76 -26.20 24.82
N CYS A 557 13.24 -24.99 24.58
CA CYS A 557 12.52 -24.75 23.34
C CYS A 557 13.39 -25.07 22.13
N ALA A 558 14.69 -24.87 22.25
CA ALA A 558 15.56 -24.85 21.08
C ALA A 558 15.50 -26.17 20.31
N LYS A 559 15.82 -27.28 20.97
CA LYS A 559 16.05 -28.50 20.23
C LYS A 559 14.84 -28.90 19.41
N ASP A 560 13.66 -28.88 20.02
CA ASP A 560 12.45 -29.24 19.29
C ASP A 560 12.21 -28.28 18.13
N LEU A 561 12.42 -26.99 18.36
CA LEU A 561 12.27 -26.03 17.28
C LEU A 561 13.23 -26.31 16.14
N PHE A 562 14.52 -26.40 16.46
CA PHE A 562 15.52 -26.53 15.41
C PHE A 562 15.21 -27.70 14.49
N GLY A 563 14.67 -28.78 15.05
CA GLY A 563 14.23 -29.86 14.20
C GLY A 563 13.13 -29.44 13.25
N PHE A 564 12.04 -28.90 13.80
CA PHE A 564 10.92 -28.55 12.95
C PHE A 564 11.25 -27.41 12.00
N ALA A 565 12.11 -26.49 12.42
CA ALA A 565 12.51 -25.42 11.51
C ALA A 565 13.03 -26.00 10.21
N ILE A 566 13.87 -27.04 10.30
CA ILE A 566 14.32 -27.73 9.10
C ILE A 566 13.12 -28.19 8.29
N MET A 567 12.24 -28.97 8.92
CA MET A 567 11.02 -29.41 8.27
C MET A 567 10.29 -28.23 7.65
N PHE A 568 10.33 -27.07 8.30
CA PHE A 568 9.61 -25.93 7.77
C PHE A 568 10.23 -25.42 6.49
N PHE A 569 11.51 -25.04 6.53
CA PHE A 569 12.06 -24.33 5.38
C PHE A 569 12.12 -25.20 4.15
N ILE A 570 12.28 -26.50 4.32
CA ILE A 570 12.23 -27.39 3.17
C ILE A 570 10.99 -27.12 2.36
N ILE A 571 9.83 -27.08 3.02
CA ILE A 571 8.63 -26.66 2.32
C ILE A 571 8.74 -25.21 1.89
N PHE A 572 9.15 -24.34 2.80
CA PHE A 572 9.22 -22.92 2.47
C PHE A 572 10.07 -22.68 1.24
N LEU A 573 11.19 -23.38 1.15
CA LEU A 573 12.02 -23.23 -0.04
C LEU A 573 11.35 -23.85 -1.26
N ALA A 574 10.62 -24.94 -1.06
CA ALA A 574 9.97 -25.59 -2.20
C ALA A 574 9.10 -24.60 -2.95
N TYR A 575 8.18 -23.95 -2.24
CA TYR A 575 7.42 -22.87 -2.86
C TYR A 575 8.33 -21.86 -3.52
N ALA A 576 9.35 -21.41 -2.81
CA ALA A 576 10.26 -20.42 -3.38
C ALA A 576 10.77 -20.89 -4.72
N GLN A 577 11.36 -22.08 -4.77
CA GLN A 577 11.87 -22.57 -6.04
C GLN A 577 10.75 -22.73 -7.04
N LEU A 578 9.57 -23.12 -6.58
CA LEU A 578 8.42 -23.15 -7.48
C LEU A 578 8.12 -21.77 -8.02
N ALA A 579 7.86 -20.82 -7.13
CA ALA A 579 7.53 -19.48 -7.57
C ALA A 579 8.58 -18.94 -8.52
N TYR A 580 9.84 -19.17 -8.20
CA TYR A 580 10.91 -18.68 -9.06
C TYR A 580 10.81 -19.26 -10.46
N LEU A 581 10.32 -20.47 -10.59
CA LEU A 581 10.15 -21.02 -11.93
C LEU A 581 8.92 -20.46 -12.61
N VAL A 582 7.78 -20.45 -11.92
CA VAL A 582 6.56 -19.95 -12.52
C VAL A 582 6.69 -18.47 -12.79
N PHE A 583 7.00 -17.70 -11.76
CA PHE A 583 7.16 -16.28 -11.87
C PHE A 583 8.64 -16.00 -12.14
N GLY A 584 9.06 -14.76 -11.99
CA GLY A 584 10.46 -14.45 -12.09
C GLY A 584 10.94 -14.22 -13.50
N THR A 585 10.20 -14.68 -14.48
CA THR A 585 10.29 -14.12 -15.81
C THR A 585 9.25 -13.05 -16.01
N GLN A 586 8.43 -12.79 -15.01
CA GLN A 586 7.34 -11.84 -15.14
C GLN A 586 7.42 -10.83 -14.03
N VAL A 587 7.25 -11.29 -12.80
CA VAL A 587 7.05 -10.40 -11.66
C VAL A 587 8.39 -9.96 -11.12
N ASP A 588 8.52 -8.65 -10.91
CA ASP A 588 9.74 -8.12 -10.29
C ASP A 588 10.04 -8.83 -8.98
N ASP A 589 9.05 -8.92 -8.10
CA ASP A 589 9.27 -9.44 -6.76
C ASP A 589 9.91 -10.81 -6.79
N PHE A 590 9.62 -11.60 -7.81
CA PHE A 590 10.18 -12.94 -7.93
C PHE A 590 11.38 -13.00 -8.84
N SER A 591 11.88 -11.85 -9.31
CA SER A 591 12.88 -11.84 -10.36
C SER A 591 14.03 -12.79 -10.07
N THR A 592 14.59 -12.73 -8.88
CA THR A 592 15.71 -13.58 -8.53
C THR A 592 15.32 -14.51 -7.39
N PHE A 593 15.98 -15.65 -7.33
CA PHE A 593 15.64 -16.63 -6.32
C PHE A 593 15.75 -16.06 -4.92
N GLN A 594 16.74 -15.21 -4.67
CA GLN A 594 16.83 -14.58 -3.37
C GLN A 594 15.54 -13.87 -3.03
N GLU A 595 15.14 -12.94 -3.89
CA GLU A 595 14.01 -12.11 -3.57
C GLU A 595 12.71 -12.90 -3.55
N CYS A 596 12.69 -14.08 -4.19
CA CYS A 596 11.56 -14.97 -3.99
C CYS A 596 11.42 -15.31 -2.52
N ILE A 597 12.49 -15.76 -1.88
CA ILE A 597 12.45 -16.05 -0.45
C ILE A 597 11.95 -14.84 0.31
N PHE A 598 12.55 -13.68 0.06
CA PHE A 598 12.11 -12.46 0.72
C PHE A 598 10.63 -12.25 0.49
N THR A 599 10.19 -12.35 -0.75
CA THR A 599 8.80 -12.07 -1.07
C THR A 599 7.86 -12.93 -0.24
N GLN A 600 8.22 -14.20 -0.04
CA GLN A 600 7.33 -15.05 0.72
C GLN A 600 7.18 -14.59 2.14
N PHE A 601 8.25 -14.10 2.76
CA PHE A 601 8.10 -13.53 4.09
C PHE A 601 7.10 -12.38 4.08
N ARG A 602 7.22 -11.46 3.13
CA ARG A 602 6.27 -10.37 3.08
C ARG A 602 4.86 -10.90 2.94
N ILE A 603 4.69 -12.00 2.24
CA ILE A 603 3.36 -12.60 2.13
C ILE A 603 2.89 -13.07 3.49
N ILE A 604 3.73 -13.81 4.19
CA ILE A 604 3.35 -14.28 5.53
C ILE A 604 2.97 -13.10 6.41
N LEU A 605 3.64 -11.98 6.25
CA LEU A 605 3.27 -10.80 7.02
C LEU A 605 2.07 -10.09 6.46
N GLY A 606 1.72 -10.35 5.20
CA GLY A 606 0.60 -9.69 4.59
C GLY A 606 0.95 -8.63 3.59
N ASP A 607 2.23 -8.31 3.41
CA ASP A 607 2.62 -7.39 2.35
C ASP A 607 2.63 -8.15 1.05
N ILE A 608 1.78 -7.75 0.12
CA ILE A 608 1.54 -8.52 -1.09
C ILE A 608 1.22 -7.57 -2.22
N ASN A 609 1.70 -7.89 -3.41
CA ASN A 609 1.06 -7.45 -4.63
C ASN A 609 0.48 -8.71 -5.25
N PHE A 610 -0.83 -8.88 -5.13
CA PHE A 610 -1.45 -10.06 -5.69
C PHE A 610 -1.74 -9.89 -7.17
N ALA A 611 -2.14 -8.68 -7.56
CA ALA A 611 -2.58 -8.46 -8.93
C ALA A 611 -1.55 -8.95 -9.92
N GLU A 612 -0.32 -8.48 -9.80
CA GLU A 612 0.68 -8.86 -10.78
C GLU A 612 0.96 -10.35 -10.77
N ILE A 613 0.78 -11.02 -9.64
CA ILE A 613 0.86 -12.47 -9.65
C ILE A 613 -0.22 -13.05 -10.54
N GLU A 614 -1.48 -12.68 -10.28
CA GLU A 614 -2.56 -13.19 -11.10
C GLU A 614 -2.37 -12.83 -12.56
N GLU A 615 -1.83 -11.64 -12.84
CA GLU A 615 -1.55 -11.29 -14.22
C GLU A 615 -0.50 -12.19 -14.82
N ALA A 616 0.51 -12.54 -14.04
CA ALA A 616 1.61 -13.35 -14.56
C ALA A 616 1.12 -14.71 -15.02
N ASN A 617 0.51 -15.46 -14.12
CA ASN A 617 -0.09 -16.73 -14.49
C ASN A 617 -1.46 -16.80 -13.84
N ARG A 618 -2.50 -16.80 -14.66
CA ARG A 618 -3.86 -16.78 -14.15
C ARG A 618 -4.24 -18.09 -13.46
N VAL A 619 -3.46 -19.14 -13.62
CA VAL A 619 -3.77 -20.44 -13.04
C VAL A 619 -2.91 -20.72 -11.84
N LEU A 620 -1.61 -20.94 -12.05
CA LEU A 620 -0.76 -21.27 -10.92
C LEU A 620 -0.66 -20.12 -9.94
N GLY A 621 -0.70 -18.90 -10.43
CA GLY A 621 -0.61 -17.75 -9.57
C GLY A 621 -1.58 -17.83 -8.42
N PRO A 622 -2.86 -17.99 -8.72
CA PRO A 622 -3.81 -18.21 -7.64
C PRO A 622 -3.51 -19.44 -6.82
N ILE A 623 -3.25 -20.56 -7.49
CA ILE A 623 -3.00 -21.80 -6.78
C ILE A 623 -1.82 -21.65 -5.84
N TYR A 624 -0.70 -21.16 -6.36
CA TYR A 624 0.45 -20.90 -5.51
C TYR A 624 0.05 -20.06 -4.32
N PHE A 625 -0.51 -18.89 -4.58
CA PHE A 625 -0.84 -17.97 -3.50
C PHE A 625 -1.80 -18.61 -2.52
N THR A 626 -2.84 -19.25 -3.02
CA THR A 626 -3.81 -19.85 -2.12
C THR A 626 -3.19 -20.94 -1.28
N THR A 627 -2.63 -21.96 -1.93
CA THR A 627 -2.07 -23.08 -1.18
C THR A 627 -1.00 -22.60 -0.21
N PHE A 628 -0.09 -21.76 -0.69
CA PHE A 628 0.95 -21.26 0.19
C PHE A 628 0.36 -20.60 1.42
N VAL A 629 -0.47 -19.57 1.21
CA VAL A 629 -1.11 -18.92 2.34
C VAL A 629 -1.84 -19.92 3.19
N PHE A 630 -2.33 -21.00 2.59
CA PHE A 630 -3.06 -21.93 3.41
C PHE A 630 -2.13 -22.73 4.29
N PHE A 631 -1.34 -23.62 3.70
CA PHE A 631 -0.54 -24.52 4.51
C PHE A 631 0.44 -23.76 5.37
N MET A 632 1.14 -22.80 4.80
CA MET A 632 2.13 -22.08 5.57
C MET A 632 1.48 -21.31 6.71
N PHE A 633 0.56 -20.42 6.38
CA PHE A 633 0.10 -19.47 7.38
C PHE A 633 -0.91 -20.08 8.34
N PHE A 634 -1.83 -20.90 7.85
CA PHE A 634 -2.80 -21.51 8.75
C PHE A 634 -2.13 -22.62 9.55
N ILE A 635 -1.63 -23.64 8.86
CA ILE A 635 -1.12 -24.81 9.56
C ILE A 635 0.29 -24.58 10.06
N LEU A 636 1.25 -24.51 9.14
CA LEU A 636 2.65 -24.68 9.52
C LEU A 636 3.11 -23.68 10.56
N LEU A 637 2.73 -22.41 10.42
CA LEU A 637 3.09 -21.45 11.46
C LEU A 637 2.60 -21.91 12.81
N ASN A 638 1.32 -22.24 12.89
CA ASN A 638 0.78 -22.74 14.14
C ASN A 638 1.56 -23.90 14.69
N MET A 639 2.23 -24.68 13.83
CA MET A 639 2.96 -25.82 14.35
C MET A 639 4.12 -25.38 15.23
N PHE A 640 4.79 -24.28 14.87
CA PHE A 640 5.74 -23.67 15.81
C PHE A 640 5.09 -23.46 17.16
N LEU A 641 4.14 -22.55 17.20
CA LEU A 641 3.52 -22.18 18.45
C LEU A 641 3.03 -23.39 19.22
N ALA A 642 2.58 -24.43 18.51
CA ALA A 642 2.22 -25.65 19.20
C ALA A 642 3.40 -26.19 19.99
N ILE A 643 4.57 -26.26 19.38
CA ILE A 643 5.73 -26.80 20.05
C ILE A 643 6.05 -26.00 21.31
N ILE A 644 5.97 -24.68 21.21
CA ILE A 644 6.36 -23.86 22.34
C ILE A 644 5.49 -24.16 23.55
N ASN A 645 4.17 -24.20 23.35
CA ASN A 645 3.27 -24.46 24.47
C ASN A 645 3.68 -25.70 25.21
N ASP A 646 3.87 -26.80 24.49
CA ASP A 646 4.27 -28.03 25.14
C ASP A 646 5.54 -27.82 25.95
N THR A 647 6.60 -27.35 25.29
CA THR A 647 7.85 -27.21 26.00
C THR A 647 7.77 -26.17 27.09
N TYR A 648 6.92 -25.16 26.94
CA TYR A 648 6.79 -24.18 28.00
C TYR A 648 6.02 -24.76 29.17
N SER A 649 4.81 -25.25 28.90
CA SER A 649 3.98 -25.76 29.98
C SER A 649 4.67 -26.89 30.72
N GLU A 650 5.38 -27.75 29.99
CA GLU A 650 6.09 -28.84 30.64
C GLU A 650 7.11 -28.31 31.63
N VAL A 651 7.87 -27.30 31.23
CA VAL A 651 8.87 -26.74 32.13
C VAL A 651 8.21 -26.09 33.32
N LYS A 652 7.14 -25.33 33.11
CA LYS A 652 6.39 -24.84 34.25
C LYS A 652 5.86 -25.98 35.09
N SER A 653 5.43 -27.07 34.45
CA SER A 653 4.85 -28.18 35.18
C SER A 653 5.85 -28.82 36.12
N ASP A 654 6.97 -29.29 35.58
CA ASP A 654 7.89 -30.06 36.41
C ASP A 654 8.63 -29.18 37.41
N LEU A 655 8.91 -27.93 37.04
CA LEU A 655 9.55 -27.03 38.01
C LEU A 655 8.57 -26.64 39.10
N ALA A 656 7.28 -26.59 38.78
CA ALA A 656 6.29 -26.38 39.82
C ALA A 656 6.30 -27.52 40.82
N GLN A 657 6.67 -28.72 40.38
CA GLN A 657 6.79 -29.86 41.27
C GLN A 657 7.91 -29.70 42.27
N GLN A 658 8.71 -28.65 42.14
CA GLN A 658 9.87 -28.47 43.00
C GLN A 658 9.73 -27.22 43.87
N TYR B 180 -36.02 -41.75 12.89
CA TYR B 180 -35.39 -40.47 13.19
C TYR B 180 -34.42 -40.07 12.09
N LEU B 181 -33.54 -41.00 11.72
CA LEU B 181 -32.56 -40.71 10.67
C LEU B 181 -33.23 -40.36 9.35
N LYS B 182 -34.07 -41.26 8.84
CA LYS B 182 -34.78 -40.97 7.60
C LYS B 182 -35.70 -39.76 7.75
N SER B 183 -36.31 -39.60 8.94
CA SER B 183 -37.13 -38.43 9.19
C SER B 183 -36.30 -37.15 9.04
N VAL B 184 -35.14 -37.10 9.69
CA VAL B 184 -34.23 -35.98 9.46
C VAL B 184 -33.77 -35.96 8.02
N LEU B 185 -33.49 -37.14 7.46
CA LEU B 185 -33.10 -37.20 6.05
C LEU B 185 -34.19 -36.68 5.14
N ARG B 186 -35.46 -36.81 5.55
CA ARG B 186 -36.55 -36.20 4.80
C ARG B 186 -36.37 -34.69 4.72
N GLU B 187 -36.17 -34.05 5.87
CA GLU B 187 -35.92 -32.62 5.88
C GLU B 187 -34.62 -32.26 5.17
N LEU B 188 -33.64 -33.16 5.18
CA LEU B 188 -32.35 -32.87 4.58
C LEU B 188 -32.50 -32.52 3.10
N VAL B 189 -33.11 -33.42 2.33
CA VAL B 189 -33.26 -33.16 0.90
C VAL B 189 -34.13 -31.95 0.66
N THR B 190 -35.17 -31.77 1.47
CA THR B 190 -35.97 -30.56 1.40
C THR B 190 -35.09 -29.33 1.46
N TYR B 191 -34.14 -29.34 2.38
CA TYR B 191 -33.16 -28.26 2.45
C TYR B 191 -32.32 -28.20 1.18
N LEU B 192 -31.82 -29.35 0.74
CA LEU B 192 -30.98 -29.37 -0.47
C LEU B 192 -31.75 -28.83 -1.66
N LEU B 193 -32.95 -29.35 -1.90
CA LEU B 193 -33.78 -28.81 -2.96
C LEU B 193 -33.96 -27.32 -2.79
N PHE B 194 -34.18 -26.88 -1.55
CA PHE B 194 -34.31 -25.46 -1.29
C PHE B 194 -33.01 -24.72 -1.60
N LEU B 195 -31.87 -25.37 -1.41
CA LEU B 195 -30.59 -24.73 -1.70
C LEU B 195 -30.48 -24.37 -3.17
N ILE B 196 -30.56 -25.37 -4.04
CA ILE B 196 -30.27 -25.16 -5.45
C ILE B 196 -31.23 -24.16 -6.06
N VAL B 197 -32.51 -24.23 -5.68
CA VAL B 197 -33.48 -23.24 -6.15
C VAL B 197 -32.96 -21.84 -5.88
N LEU B 198 -32.53 -21.59 -4.65
CA LEU B 198 -32.00 -20.29 -4.31
C LEU B 198 -30.70 -20.02 -5.05
N CYS B 199 -29.77 -20.98 -5.07
CA CYS B 199 -28.52 -20.81 -5.78
C CYS B 199 -28.75 -20.40 -7.22
N ILE B 200 -29.80 -20.93 -7.85
CA ILE B 200 -30.09 -20.55 -9.22
C ILE B 200 -30.56 -19.11 -9.29
N LEU B 201 -31.56 -18.76 -8.49
CA LEU B 201 -32.09 -17.40 -8.51
C LEU B 201 -30.98 -16.39 -8.33
N THR B 202 -30.05 -16.67 -7.42
CA THR B 202 -28.87 -15.83 -7.28
C THR B 202 -28.09 -15.79 -8.58
N TYR B 203 -27.66 -16.97 -9.04
CA TYR B 203 -26.98 -17.05 -10.34
C TYR B 203 -27.83 -16.46 -11.44
N GLY B 204 -29.13 -16.76 -11.45
CA GLY B 204 -29.99 -16.24 -12.49
C GLY B 204 -30.17 -14.74 -12.40
N MET B 205 -30.63 -14.25 -11.25
CA MET B 205 -30.91 -12.83 -11.12
C MET B 205 -29.65 -11.98 -11.20
N MET B 206 -28.47 -12.59 -11.25
CA MET B 206 -27.22 -11.85 -11.39
C MET B 206 -26.59 -12.20 -12.73
N SER B 207 -26.55 -11.22 -13.64
CA SER B 207 -25.74 -11.39 -14.84
C SER B 207 -24.27 -11.32 -14.48
N SER B 208 -23.44 -11.84 -15.38
CA SER B 208 -22.03 -12.02 -15.07
C SER B 208 -21.28 -10.71 -15.12
N ASN B 209 -21.23 -10.08 -16.29
CA ASN B 209 -20.26 -9.04 -16.59
C ASN B 209 -20.70 -7.66 -16.16
N VAL B 210 -21.81 -7.57 -15.43
CA VAL B 210 -22.35 -6.28 -15.03
C VAL B 210 -21.28 -5.37 -14.48
N TYR B 211 -20.29 -5.95 -13.81
CA TYR B 211 -19.23 -5.13 -13.22
C TYR B 211 -18.64 -4.15 -14.20
N TYR B 212 -18.18 -4.64 -15.35
CA TYR B 212 -17.55 -3.72 -16.29
C TYR B 212 -18.50 -2.65 -16.77
N TYR B 213 -19.77 -2.99 -16.94
CA TYR B 213 -20.75 -1.99 -17.32
C TYR B 213 -20.72 -0.82 -16.35
N THR B 214 -20.74 -1.10 -15.06
CA THR B 214 -20.58 -0.03 -14.09
C THR B 214 -19.21 0.62 -14.24
N ARG B 215 -18.17 -0.20 -14.30
CA ARG B 215 -16.82 0.33 -14.31
C ARG B 215 -16.63 1.29 -15.47
N MET B 216 -17.16 0.96 -16.64
CA MET B 216 -17.04 1.88 -17.75
C MET B 216 -17.77 3.17 -17.46
N MET B 217 -19.02 3.09 -17.02
CA MET B 217 -19.77 4.30 -16.67
C MET B 217 -18.99 5.13 -15.68
N SER B 218 -18.55 4.50 -14.59
CA SER B 218 -17.83 5.22 -13.55
C SER B 218 -16.64 5.96 -14.12
N GLN B 219 -15.72 5.24 -14.76
CA GLN B 219 -14.53 5.88 -15.29
C GLN B 219 -14.88 6.98 -16.26
N LEU B 220 -15.95 6.80 -17.03
CA LEU B 220 -16.31 7.82 -18.00
C LEU B 220 -16.65 9.13 -17.31
N PHE B 221 -17.29 9.06 -16.15
CA PHE B 221 -17.68 10.28 -15.44
C PHE B 221 -16.70 10.62 -14.32
N LEU B 222 -16.58 9.73 -13.34
CA LEU B 222 -15.75 10.02 -12.19
C LEU B 222 -14.32 10.31 -12.60
N ASP B 223 -13.76 9.47 -13.46
CA ASP B 223 -12.33 9.43 -13.68
C ASP B 223 -11.86 10.34 -14.80
N THR B 224 -12.70 11.18 -15.33
CA THR B 224 -12.06 11.88 -16.42
C THR B 224 -11.79 13.32 -16.04
N PRO B 225 -10.75 13.92 -16.59
CA PRO B 225 -10.41 15.29 -16.21
C PRO B 225 -11.59 16.21 -16.49
N VAL B 226 -11.78 17.17 -15.59
CA VAL B 226 -12.89 18.10 -15.75
C VAL B 226 -12.81 18.79 -17.10
N SER B 227 -11.67 19.42 -17.39
CA SER B 227 -11.41 19.95 -18.71
C SER B 227 -10.05 19.45 -19.15
N LYS B 228 -9.83 19.46 -20.47
CA LYS B 228 -8.55 19.01 -21.00
C LYS B 228 -7.39 19.74 -20.35
N THR B 229 -7.59 21.01 -19.98
CA THR B 229 -6.58 21.78 -19.31
C THR B 229 -6.45 21.44 -17.83
N GLU B 230 -7.48 20.88 -17.22
CA GLU B 230 -7.52 20.68 -15.78
C GLU B 230 -7.26 19.23 -15.42
N LYS B 231 -6.58 19.03 -14.29
CA LYS B 231 -6.20 17.70 -13.84
C LYS B 231 -7.17 17.10 -12.82
N THR B 232 -8.21 17.82 -12.42
CA THR B 232 -9.12 17.31 -11.40
C THR B 232 -10.18 16.40 -12.00
N ASN B 233 -10.59 15.41 -11.23
CA ASN B 233 -11.70 14.56 -11.58
C ASN B 233 -12.92 14.97 -10.78
N PHE B 234 -14.06 14.32 -11.05
CA PHE B 234 -15.21 14.53 -10.20
C PHE B 234 -14.93 14.10 -8.78
N LYS B 235 -14.18 13.04 -8.61
CA LYS B 235 -13.79 12.62 -7.28
C LYS B 235 -13.00 13.70 -6.56
N THR B 236 -12.40 14.62 -7.31
CA THR B 236 -11.44 15.55 -6.75
C THR B 236 -12.04 16.92 -6.45
N LEU B 237 -13.31 17.15 -6.77
CA LEU B 237 -13.83 18.51 -6.78
C LEU B 237 -13.65 19.18 -5.44
N SER B 238 -12.93 20.31 -5.43
CA SER B 238 -12.71 21.07 -4.22
C SER B 238 -13.52 22.35 -4.11
N SER B 239 -14.27 22.76 -5.13
CA SER B 239 -14.86 24.08 -5.05
C SER B 239 -16.07 24.18 -5.96
N MET B 240 -16.87 25.22 -5.71
CA MET B 240 -17.93 25.57 -6.66
C MET B 240 -17.34 25.71 -8.06
N GLU B 241 -16.29 26.50 -8.20
CA GLU B 241 -15.64 26.66 -9.49
C GLU B 241 -15.29 25.31 -10.08
N ASP B 242 -14.72 24.43 -9.27
CA ASP B 242 -14.51 23.06 -9.72
C ASP B 242 -15.80 22.44 -10.22
N PHE B 243 -16.87 22.60 -9.45
CA PHE B 243 -18.13 21.97 -9.81
C PHE B 243 -18.65 22.48 -11.14
N TRP B 244 -18.82 23.80 -11.25
CA TRP B 244 -19.31 24.35 -12.51
C TRP B 244 -18.50 23.87 -13.69
N LYS B 245 -17.18 23.90 -13.55
CA LYS B 245 -16.34 23.31 -14.59
C LYS B 245 -16.80 21.90 -14.91
N PHE B 246 -16.96 21.05 -13.90
CA PHE B 246 -17.36 19.68 -14.14
C PHE B 246 -18.66 19.61 -14.91
N THR B 247 -19.67 20.36 -14.47
CA THR B 247 -20.92 20.42 -15.20
C THR B 247 -20.69 20.76 -16.66
N GLU B 248 -20.27 22.00 -16.92
CA GLU B 248 -19.97 22.42 -18.28
C GLU B 248 -18.90 21.58 -18.93
N GLY B 249 -18.14 20.84 -18.14
CA GLY B 249 -17.02 20.03 -18.55
C GLY B 249 -17.42 18.60 -18.82
N SER B 250 -16.54 17.68 -18.40
CA SER B 250 -16.63 16.28 -18.78
C SER B 250 -18.04 15.72 -18.70
N LEU B 251 -18.81 16.14 -17.71
CA LEU B 251 -20.17 15.63 -17.58
C LEU B 251 -20.92 15.73 -18.90
N LEU B 252 -20.98 16.93 -19.47
CA LEU B 252 -21.64 17.09 -20.75
C LEU B 252 -21.05 16.16 -21.79
N ASP B 253 -19.73 16.21 -21.95
CA ASP B 253 -19.06 15.28 -22.85
C ASP B 253 -19.34 13.85 -22.47
N GLY B 254 -19.46 13.55 -21.19
CA GLY B 254 -19.81 12.20 -20.79
C GLY B 254 -21.18 11.78 -21.25
N LEU B 255 -22.14 12.70 -21.21
CA LEU B 255 -23.52 12.33 -21.52
C LEU B 255 -23.80 12.23 -23.00
N TYR B 256 -23.06 12.97 -23.82
CA TYR B 256 -23.46 13.14 -25.21
C TYR B 256 -22.42 12.57 -26.15
N TRP B 257 -22.90 12.10 -27.31
CA TRP B 257 -22.08 11.36 -28.24
C TRP B 257 -22.65 11.59 -29.64
N LYS B 258 -21.81 11.46 -30.65
CA LYS B 258 -22.28 11.55 -32.02
C LYS B 258 -21.51 10.58 -32.92
N MET B 259 -22.17 9.79 -33.78
CA MET B 259 -23.63 9.69 -33.99
C MET B 259 -24.33 11.02 -34.31
N GLU B 266 -27.54 10.11 -32.71
CA GLU B 266 -27.68 9.71 -34.10
C GLU B 266 -28.98 10.26 -34.69
N ALA B 267 -29.89 10.64 -33.83
CA ALA B 267 -31.20 11.14 -34.26
C ALA B 267 -31.26 12.49 -35.01
N ASP B 268 -30.45 13.51 -34.67
CA ASP B 268 -29.30 13.48 -33.76
C ASP B 268 -29.68 13.78 -32.31
N ASN B 269 -30.98 13.91 -32.05
CA ASN B 269 -31.43 14.18 -30.69
C ASN B 269 -31.10 13.04 -29.73
N ARG B 270 -30.57 11.93 -30.24
CA ARG B 270 -30.21 10.77 -29.44
C ARG B 270 -28.69 10.65 -29.36
N SER B 271 -28.20 10.11 -28.24
CA SER B 271 -26.77 9.88 -28.07
C SER B 271 -26.56 8.57 -27.33
N PHE B 272 -25.61 7.78 -27.80
CA PHE B 272 -25.27 6.50 -27.18
C PHE B 272 -23.96 6.68 -26.43
N ILE B 273 -23.98 6.46 -25.12
CA ILE B 273 -22.76 6.53 -24.35
C ILE B 273 -21.89 5.33 -24.69
N PHE B 274 -20.62 5.59 -24.97
CA PHE B 274 -19.69 4.57 -25.45
C PHE B 274 -20.10 4.09 -26.84
N TYR B 275 -21.22 4.62 -27.34
CA TYR B 275 -21.97 4.19 -28.49
C TYR B 275 -22.91 3.04 -28.14
N GLU B 276 -22.80 2.46 -26.95
CA GLU B 276 -23.63 1.31 -26.61
C GLU B 276 -24.83 1.64 -25.73
N ASN B 277 -25.00 2.88 -25.29
CA ASN B 277 -25.92 3.14 -24.18
C ASN B 277 -26.80 4.34 -24.47
N LEU B 278 -28.11 4.10 -24.54
CA LEU B 278 -29.06 5.20 -24.58
C LEU B 278 -28.91 6.07 -23.35
N LEU B 279 -28.83 7.37 -23.57
CA LEU B 279 -29.14 8.29 -22.49
C LEU B 279 -30.65 8.28 -22.36
N LEU B 280 -31.13 7.89 -21.20
CA LEU B 280 -32.53 7.53 -21.04
C LEU B 280 -33.28 8.76 -20.56
N GLY B 281 -34.13 9.28 -21.41
CA GLY B 281 -34.92 10.44 -21.02
C GLY B 281 -34.06 11.68 -20.88
N VAL B 282 -34.19 12.35 -19.73
CA VAL B 282 -33.57 13.66 -19.53
C VAL B 282 -32.89 13.74 -18.18
N PRO B 283 -31.72 14.36 -18.09
CA PRO B 283 -31.06 14.51 -16.80
C PRO B 283 -31.71 15.61 -15.98
N ARG B 284 -31.48 15.55 -14.67
CA ARG B 284 -32.07 16.51 -13.75
C ARG B 284 -31.07 16.90 -12.68
N ILE B 285 -30.95 18.20 -12.45
CA ILE B 285 -30.11 18.74 -11.39
C ILE B 285 -31.01 19.33 -10.32
N ARG B 286 -30.65 19.09 -9.07
CA ARG B 286 -31.41 19.62 -7.94
C ARG B 286 -30.43 20.06 -6.88
N GLN B 287 -30.78 21.09 -6.13
CA GLN B 287 -29.94 21.55 -5.05
C GLN B 287 -30.77 21.77 -3.80
N LEU B 288 -30.09 21.96 -2.69
CA LEU B 288 -30.71 22.28 -1.42
C LEU B 288 -30.13 23.57 -0.86
N ARG B 289 -30.99 24.41 -0.31
CA ARG B 289 -30.58 25.72 0.14
C ARG B 289 -31.09 25.94 1.55
N VAL B 290 -30.30 26.65 2.34
CA VAL B 290 -30.61 26.90 3.74
C VAL B 290 -30.98 28.37 3.92
N ARG B 291 -31.96 28.59 4.79
CA ARG B 291 -32.37 29.93 5.13
C ARG B 291 -31.18 30.71 5.70
N ASN B 292 -31.21 32.02 5.48
CA ASN B 292 -30.09 32.83 5.93
C ASN B 292 -29.96 32.77 7.43
N GLY B 293 -28.81 32.34 7.90
CA GLY B 293 -28.59 32.02 9.29
C GLY B 293 -28.04 33.15 10.13
N SER B 294 -28.22 34.40 9.71
CA SER B 294 -27.60 35.54 10.39
C SER B 294 -27.91 35.56 11.88
N SER B 295 -28.90 34.77 12.32
CA SER B 295 -29.22 34.66 13.73
C SER B 295 -27.99 34.36 14.58
N SER B 296 -27.03 33.61 14.05
CA SER B 296 -25.87 33.25 14.84
C SER B 296 -25.09 34.50 15.22
N ILE B 297 -24.88 34.67 16.53
CA ILE B 297 -24.33 35.90 17.08
C ILE B 297 -23.00 35.62 17.77
N PRO B 298 -21.89 36.04 17.21
CA PRO B 298 -20.68 36.22 18.03
C PRO B 298 -20.76 37.56 18.75
N GLN B 299 -20.12 37.66 19.91
CA GLN B 299 -20.13 38.93 20.61
C GLN B 299 -18.71 39.42 20.86
N ASP B 300 -18.35 40.52 20.21
CA ASP B 300 -19.22 41.16 19.25
C ASP B 300 -18.49 41.36 17.92
N LEU B 301 -19.15 40.99 16.82
CA LEU B 301 -18.52 41.15 15.52
C LEU B 301 -19.48 41.82 14.54
N ARG B 302 -20.57 41.15 14.22
CA ARG B 302 -21.68 41.69 13.42
C ARG B 302 -21.12 42.19 12.09
N ASP B 303 -21.15 43.50 11.82
CA ASP B 303 -20.93 44.06 10.49
C ASP B 303 -19.58 43.65 9.94
N GLU B 304 -18.73 43.08 10.77
CA GLU B 304 -17.47 42.54 10.29
C GLU B 304 -17.63 41.15 9.73
N ILE B 305 -18.84 40.62 9.64
CA ILE B 305 -18.99 39.25 9.16
C ILE B 305 -19.43 39.18 7.67
N LYS B 306 -20.66 39.50 7.23
CA LYS B 306 -21.89 39.63 7.99
C LYS B 306 -22.61 38.29 7.86
N GLU B 307 -23.75 38.18 8.56
CA GLU B 307 -24.66 37.04 8.55
C GLU B 307 -23.94 35.70 8.74
N CYS B 308 -24.49 34.64 8.15
CA CYS B 308 -23.91 33.31 8.06
C CYS B 308 -24.98 32.38 7.53
N TYR B 309 -24.61 31.12 7.31
CA TYR B 309 -25.56 30.09 6.92
C TYR B 309 -25.28 28.83 7.72
N ASP B 310 -26.30 28.32 8.38
CA ASP B 310 -26.17 27.17 9.26
C ASP B 310 -26.05 25.87 8.49
N VAL B 311 -25.57 24.84 9.19
CA VAL B 311 -25.49 23.47 8.68
C VAL B 311 -26.88 23.01 8.25
N TYR B 312 -26.93 22.19 7.20
CA TYR B 312 -28.20 21.76 6.63
C TYR B 312 -29.06 21.05 7.66
N SER B 313 -30.36 21.36 7.63
CA SER B 313 -31.36 20.65 8.39
C SER B 313 -32.70 20.88 7.72
N VAL B 314 -33.66 20.02 8.04
CA VAL B 314 -35.00 20.20 7.50
C VAL B 314 -35.56 21.54 7.95
N SER B 315 -35.36 21.90 9.21
CA SER B 315 -35.80 23.20 9.69
C SER B 315 -35.15 24.32 8.89
N SER B 316 -33.83 24.32 8.82
CA SER B 316 -33.10 25.39 8.17
C SER B 316 -33.32 25.45 6.67
N GLU B 317 -34.02 24.48 6.09
CA GLU B 317 -34.21 24.43 4.66
C GLU B 317 -34.87 25.69 4.15
N ASP B 318 -34.29 26.28 3.10
CA ASP B 318 -34.76 27.53 2.53
C ASP B 318 -35.80 27.26 1.44
N ARG B 319 -37.01 27.74 1.65
CA ARG B 319 -38.05 27.65 0.66
C ARG B 319 -38.26 28.93 -0.12
N ALA B 320 -37.49 29.96 0.15
CA ALA B 320 -37.74 31.23 -0.49
C ALA B 320 -37.35 31.19 -1.97
N PRO B 321 -38.00 31.71 -2.68
CA PRO B 321 -37.66 31.79 -4.11
C PRO B 321 -36.59 32.82 -4.43
N PHE B 322 -35.34 32.42 -4.24
CA PHE B 322 -34.22 33.31 -4.55
C PHE B 322 -34.08 33.47 -6.05
N GLY B 323 -33.35 34.50 -6.44
CA GLY B 323 -32.95 34.68 -7.81
C GLY B 323 -34.07 35.19 -8.70
N PRO B 324 -33.88 35.06 -10.01
CA PRO B 324 -34.86 35.62 -10.95
C PRO B 324 -36.24 35.01 -10.83
N ARG B 325 -36.36 33.85 -10.18
CA ARG B 325 -37.65 33.24 -9.90
C ARG B 325 -38.39 32.87 -11.17
N ASN B 326 -37.65 32.62 -12.24
CA ASN B 326 -38.28 32.34 -13.51
C ASN B 326 -38.48 30.85 -13.78
N GLY B 327 -38.15 29.98 -12.84
CA GLY B 327 -38.33 28.58 -13.13
C GLY B 327 -38.08 27.73 -11.91
N THR B 328 -38.27 26.42 -12.11
CA THR B 328 -38.08 25.45 -11.04
C THR B 328 -36.72 25.61 -10.39
N ALA B 329 -35.72 26.04 -11.13
CA ALA B 329 -34.41 26.27 -10.56
C ALA B 329 -34.48 27.25 -9.40
N TRP B 330 -35.22 28.34 -9.57
CA TRP B 330 -35.30 29.35 -8.54
C TRP B 330 -36.54 29.26 -7.67
N ILE B 331 -37.35 28.23 -7.85
CA ILE B 331 -38.60 28.11 -7.10
C ILE B 331 -38.55 26.82 -6.30
N TYR B 332 -38.91 26.92 -5.03
CA TYR B 332 -38.90 25.75 -4.18
C TYR B 332 -40.07 24.84 -4.52
N THR B 333 -39.83 23.54 -4.47
CA THR B 333 -40.87 22.55 -4.66
C THR B 333 -40.84 21.60 -3.47
N SER B 334 -41.89 20.81 -3.31
CA SER B 334 -41.96 19.94 -2.17
C SER B 334 -41.73 18.49 -2.57
N GLU B 335 -41.11 17.74 -1.66
CA GLU B 335 -40.82 16.35 -1.91
C GLU B 335 -42.08 15.56 -2.22
N LYS B 336 -43.23 16.04 -1.74
CA LYS B 336 -44.49 15.47 -2.20
C LYS B 336 -44.75 15.87 -3.63
N ASP B 337 -44.75 17.19 -3.90
CA ASP B 337 -45.02 17.67 -5.25
C ASP B 337 -43.97 17.15 -6.22
N LEU B 338 -42.71 17.23 -5.83
CA LEU B 338 -41.63 16.70 -6.65
C LEU B 338 -41.41 15.27 -6.21
N ASN B 339 -41.76 14.34 -7.08
CA ASN B 339 -41.71 12.93 -6.74
C ASN B 339 -40.29 12.56 -6.35
N GLY B 340 -40.13 12.02 -5.16
CA GLY B 340 -38.78 11.72 -4.70
C GLY B 340 -38.77 11.36 -3.24
N SER B 341 -37.64 10.78 -2.83
CA SER B 341 -37.47 10.24 -1.50
C SER B 341 -36.29 10.91 -0.83
N SER B 342 -36.33 10.94 0.50
CA SER B 342 -35.19 11.44 1.25
C SER B 342 -33.98 10.56 0.97
N HIS B 343 -32.88 11.20 0.58
CA HIS B 343 -31.65 10.50 0.31
C HIS B 343 -30.71 10.66 1.49
N TRP B 344 -29.95 9.62 1.77
CA TRP B 344 -29.05 9.59 2.91
C TRP B 344 -27.63 9.81 2.41
N GLY B 345 -27.10 11.00 2.66
CA GLY B 345 -25.78 11.37 2.22
C GLY B 345 -24.76 11.08 3.29
N ILE B 346 -23.54 11.57 3.05
CA ILE B 346 -22.46 11.21 3.95
C ILE B 346 -22.44 12.08 5.20
N ILE B 347 -22.64 13.40 5.06
CA ILE B 347 -22.76 14.23 6.26
C ILE B 347 -24.19 14.47 6.69
N ALA B 348 -25.17 14.17 5.84
CA ALA B 348 -26.54 14.48 6.22
C ALA B 348 -27.50 13.69 5.36
N THR B 349 -28.72 13.57 5.84
CA THR B 349 -29.83 13.09 5.02
C THR B 349 -30.44 14.28 4.32
N TYR B 350 -30.91 14.07 3.10
CA TYR B 350 -31.42 15.15 2.28
C TYR B 350 -32.81 14.81 1.80
N SER B 351 -33.75 15.73 2.00
CA SER B 351 -35.09 15.53 1.50
C SER B 351 -35.09 15.56 -0.02
N GLY B 352 -36.12 14.98 -0.60
CA GLY B 352 -36.28 15.06 -2.04
C GLY B 352 -36.59 16.46 -2.52
N ALA B 353 -37.21 17.28 -1.69
CA ALA B 353 -37.60 18.62 -2.10
C ALA B 353 -36.36 19.46 -2.38
N GLY B 354 -36.56 20.56 -3.10
CA GLY B 354 -35.49 21.50 -3.31
C GLY B 354 -35.73 22.32 -4.55
N TYR B 355 -34.63 22.85 -5.07
CA TYR B 355 -34.64 23.62 -6.30
C TYR B 355 -34.00 22.78 -7.39
N TYR B 356 -34.72 22.55 -8.47
CA TYR B 356 -34.25 21.63 -9.49
C TYR B 356 -34.44 22.21 -10.87
N LEU B 357 -33.83 21.55 -11.84
CA LEU B 357 -34.03 21.88 -13.24
C LEU B 357 -33.87 20.61 -14.06
N ASP B 358 -34.65 20.51 -15.12
CA ASP B 358 -34.56 19.38 -16.03
C ASP B 358 -33.82 19.80 -17.27
N LEU B 359 -32.84 19.00 -17.68
CA LEU B 359 -31.98 19.36 -18.78
C LEU B 359 -32.62 19.07 -20.12
N SER B 360 -31.83 19.09 -21.18
CA SER B 360 -32.35 18.93 -22.53
C SER B 360 -31.79 17.66 -23.15
N ARG B 361 -32.25 17.36 -24.36
CA ARG B 361 -31.81 16.15 -25.05
C ARG B 361 -30.47 16.36 -25.74
N THR B 362 -30.09 17.60 -25.99
CA THR B 362 -28.88 17.89 -26.75
C THR B 362 -27.85 18.53 -25.85
N ARG B 363 -26.59 18.22 -26.13
CA ARG B 363 -25.51 18.76 -25.32
C ARG B 363 -25.55 20.28 -25.30
N GLU B 364 -25.95 20.91 -26.40
CA GLU B 364 -25.88 22.36 -26.49
C GLU B 364 -26.94 23.01 -25.60
N GLU B 365 -28.20 22.65 -25.81
CA GLU B 365 -29.29 23.26 -25.06
C GLU B 365 -29.01 23.21 -23.57
N THR B 366 -28.55 22.05 -23.08
CA THR B 366 -28.16 21.94 -21.68
C THR B 366 -27.10 22.98 -21.34
N ALA B 367 -26.03 23.03 -22.13
CA ALA B 367 -24.99 24.01 -21.89
C ALA B 367 -25.56 25.41 -21.77
N ALA B 368 -26.48 25.77 -22.66
CA ALA B 368 -27.17 27.04 -22.52
C ALA B 368 -27.85 27.13 -21.15
N GLN B 369 -28.59 26.09 -20.78
CA GLN B 369 -29.22 26.07 -19.47
C GLN B 369 -28.18 26.21 -18.37
N VAL B 370 -27.16 25.35 -18.40
CA VAL B 370 -26.14 25.39 -17.36
C VAL B 370 -25.52 26.75 -17.27
N ALA B 371 -25.04 27.28 -18.40
CA ALA B 371 -24.42 28.59 -18.40
C ALA B 371 -25.35 29.63 -17.79
N SER B 372 -26.63 29.58 -18.16
CA SER B 372 -27.59 30.49 -17.56
C SER B 372 -27.60 30.31 -16.05
N LEU B 373 -27.62 29.07 -15.58
CA LEU B 373 -27.54 28.84 -14.15
C LEU B 373 -26.20 29.25 -13.58
N LYS B 374 -25.16 29.27 -14.43
CA LYS B 374 -23.89 29.78 -13.95
C LYS B 374 -23.83 31.30 -14.04
N LYS B 375 -24.38 31.86 -15.11
CA LYS B 375 -24.43 33.31 -15.26
C LYS B 375 -25.10 33.93 -14.05
N ASN B 376 -26.42 33.73 -13.94
CA ASN B 376 -27.05 33.91 -12.66
C ASN B 376 -26.34 33.01 -11.66
N VAL B 377 -26.30 33.43 -10.41
CA VAL B 377 -25.60 32.63 -9.41
C VAL B 377 -26.63 31.68 -8.83
N TRP B 378 -26.56 30.43 -9.24
CA TRP B 378 -27.48 29.42 -8.74
C TRP B 378 -26.86 28.57 -7.65
N LEU B 379 -25.59 28.77 -7.37
CA LEU B 379 -24.93 28.14 -6.24
C LEU B 379 -24.40 29.26 -5.36
N ASP B 380 -25.01 29.42 -4.19
CA ASP B 380 -24.66 30.55 -3.34
C ASP B 380 -24.14 30.05 -2.02
N ARG B 381 -23.86 30.99 -1.11
CA ARG B 381 -23.45 30.65 0.24
C ARG B 381 -24.36 29.59 0.84
N GLY B 382 -25.65 29.71 0.62
CA GLY B 382 -26.60 28.84 1.29
C GLY B 382 -26.87 27.52 0.62
N THR B 383 -26.06 27.12 -0.34
CA THR B 383 -26.33 25.88 -1.05
C THR B 383 -25.56 24.74 -0.38
N ARG B 384 -26.29 23.87 0.32
CA ARG B 384 -25.61 22.80 1.03
C ARG B 384 -25.29 21.60 0.17
N ALA B 385 -26.20 21.18 -0.68
CA ALA B 385 -25.99 19.96 -1.43
C ALA B 385 -26.72 20.04 -2.75
N THR B 386 -26.13 19.40 -3.76
CA THR B 386 -26.69 19.39 -5.10
C THR B 386 -26.74 17.97 -5.61
N PHE B 387 -27.73 17.69 -6.45
CA PHE B 387 -27.91 16.37 -7.02
C PHE B 387 -27.86 16.45 -8.53
N ILE B 388 -27.33 15.40 -9.14
CA ILE B 388 -27.43 15.20 -10.57
C ILE B 388 -27.90 13.79 -10.79
N ASP B 389 -29.08 13.63 -11.35
CA ASP B 389 -29.69 12.33 -11.51
C ASP B 389 -30.05 12.12 -12.96
N PHE B 390 -29.67 10.96 -13.49
CA PHE B 390 -30.07 10.58 -14.83
C PHE B 390 -29.95 9.07 -14.92
N SER B 391 -30.60 8.51 -15.93
CA SER B 391 -30.63 7.08 -16.13
C SER B 391 -30.15 6.75 -17.53
N VAL B 392 -29.65 5.53 -17.69
CA VAL B 392 -29.05 5.09 -18.94
C VAL B 392 -29.49 3.66 -19.19
N TYR B 393 -29.89 3.39 -20.42
CA TYR B 393 -30.28 2.06 -20.82
C TYR B 393 -29.25 1.47 -21.77
N ASN B 394 -29.02 0.17 -21.65
CA ASN B 394 -28.21 -0.58 -22.59
C ASN B 394 -29.07 -1.63 -23.27
N ALA B 395 -29.00 -1.68 -24.59
CA ALA B 395 -29.78 -2.65 -25.32
C ALA B 395 -29.02 -3.92 -25.66
N ASN B 396 -27.71 -3.96 -25.48
CA ASN B 396 -26.99 -5.15 -25.90
C ASN B 396 -27.30 -6.26 -24.91
N ILE B 397 -26.75 -6.17 -23.71
CA ILE B 397 -27.47 -6.74 -22.60
C ILE B 397 -28.63 -5.81 -22.28
N ASN B 398 -29.62 -6.34 -21.60
CA ASN B 398 -30.79 -5.56 -21.27
C ASN B 398 -30.65 -5.12 -19.83
N LEU B 399 -30.33 -3.84 -19.63
CA LEU B 399 -30.16 -3.30 -18.29
C LEU B 399 -30.33 -1.79 -18.30
N PHE B 400 -30.62 -1.26 -17.13
CA PHE B 400 -30.67 0.16 -16.88
C PHE B 400 -29.63 0.52 -15.84
N CYS B 401 -28.92 1.61 -16.08
CA CYS B 401 -28.02 2.15 -15.06
C CYS B 401 -28.63 3.45 -14.56
N VAL B 402 -28.78 3.55 -13.25
CA VAL B 402 -29.33 4.74 -12.63
C VAL B 402 -28.19 5.44 -11.89
N VAL B 403 -28.07 6.74 -12.10
CA VAL B 403 -26.91 7.48 -11.63
C VAL B 403 -27.39 8.63 -10.74
N ARG B 404 -26.78 8.75 -9.57
CA ARG B 404 -26.96 9.92 -8.72
C ARG B 404 -25.60 10.49 -8.42
N LEU B 405 -25.35 11.70 -8.90
CA LEU B 405 -24.14 12.42 -8.58
C LEU B 405 -24.50 13.40 -7.47
N LEU B 406 -23.88 13.23 -6.31
CA LEU B 406 -24.22 13.99 -5.13
C LEU B 406 -23.02 14.82 -4.71
N VAL B 407 -23.25 16.10 -4.47
CA VAL B 407 -22.19 17.03 -4.10
C VAL B 407 -22.65 17.82 -2.91
N GLU B 408 -21.89 17.77 -1.83
CA GLU B 408 -22.24 18.42 -0.58
C GLU B 408 -21.33 19.60 -0.33
N PHE B 409 -21.88 20.62 0.31
CA PHE B 409 -21.16 21.86 0.60
C PHE B 409 -21.28 22.12 2.10
N PRO B 410 -20.33 21.66 2.90
CA PRO B 410 -20.38 21.93 4.33
C PRO B 410 -20.38 23.43 4.59
N ALA B 411 -20.90 23.80 5.76
CA ALA B 411 -20.82 25.18 6.19
C ALA B 411 -19.39 25.65 6.26
N THR B 412 -18.45 24.73 6.26
CA THR B 412 -17.03 25.05 6.29
C THR B 412 -16.50 25.35 4.92
N GLY B 413 -17.34 25.35 3.90
CA GLY B 413 -16.88 25.52 2.55
C GLY B 413 -16.31 24.23 1.99
N GLY B 414 -15.91 24.30 0.74
CA GLY B 414 -15.38 23.14 0.06
C GLY B 414 -16.48 22.24 -0.46
N VAL B 415 -16.06 21.08 -0.93
CA VAL B 415 -16.94 20.18 -1.66
C VAL B 415 -16.66 18.75 -1.23
N ILE B 416 -17.73 17.97 -1.09
CA ILE B 416 -17.59 16.56 -0.79
C ILE B 416 -18.36 15.75 -1.82
N PRO B 417 -17.72 15.29 -2.88
CA PRO B 417 -18.44 14.57 -3.92
C PRO B 417 -18.72 13.14 -3.51
N SER B 418 -19.82 12.62 -4.03
CA SER B 418 -20.17 11.22 -3.87
C SER B 418 -21.06 10.83 -5.04
N TRP B 419 -21.08 9.54 -5.33
CA TRP B 419 -21.72 9.07 -6.54
C TRP B 419 -22.31 7.70 -6.30
N GLN B 420 -23.30 7.38 -7.12
CA GLN B 420 -23.94 6.08 -7.04
C GLN B 420 -24.32 5.63 -8.44
N PHE B 421 -23.95 4.42 -8.80
CA PHE B 421 -24.29 3.83 -10.09
C PHE B 421 -25.04 2.54 -9.83
N GLN B 422 -26.31 2.50 -10.19
CA GLN B 422 -27.10 1.32 -9.87
C GLN B 422 -27.61 0.66 -11.15
N PRO B 423 -27.21 -0.56 -11.44
CA PRO B 423 -27.85 -1.33 -12.51
C PRO B 423 -29.21 -1.84 -12.08
N LEU B 424 -30.11 -1.91 -13.04
CA LEU B 424 -31.44 -2.44 -12.80
C LEU B 424 -31.84 -3.34 -13.95
N LYS B 425 -32.53 -4.42 -13.61
CA LYS B 425 -33.19 -5.24 -14.61
C LYS B 425 -34.68 -4.91 -14.48
N LEU B 426 -35.18 -4.06 -15.36
CA LEU B 426 -36.58 -3.68 -15.27
C LEU B 426 -37.49 -4.65 -15.99
N ILE B 427 -37.12 -5.04 -17.21
CA ILE B 427 -37.93 -5.98 -17.98
C ILE B 427 -37.36 -7.36 -17.66
N ARG B 428 -38.14 -8.15 -16.92
CA ARG B 428 -37.63 -9.43 -16.45
C ARG B 428 -37.90 -10.52 -17.46
N TYR B 429 -38.72 -10.25 -18.47
CA TYR B 429 -39.09 -11.27 -19.43
C TYR B 429 -38.57 -10.89 -20.82
N VAL B 430 -37.51 -11.57 -21.25
CA VAL B 430 -37.09 -11.53 -22.65
C VAL B 430 -36.79 -12.94 -23.10
N THR B 431 -35.72 -13.52 -22.55
CA THR B 431 -35.26 -14.85 -22.92
C THR B 431 -36.08 -15.92 -22.21
N THR B 432 -36.12 -17.12 -22.81
CA THR B 432 -36.76 -18.25 -22.16
C THR B 432 -36.18 -18.50 -20.79
N PHE B 433 -34.85 -18.37 -20.66
CA PHE B 433 -34.21 -18.49 -19.36
C PHE B 433 -34.81 -17.52 -18.36
N ASP B 434 -35.11 -16.30 -18.81
CA ASP B 434 -35.75 -15.33 -17.94
C ASP B 434 -37.13 -15.82 -17.51
N PHE B 435 -37.85 -16.48 -18.41
CA PHE B 435 -39.13 -17.06 -18.03
C PHE B 435 -38.92 -18.26 -17.12
N PHE B 436 -37.89 -19.05 -17.38
CA PHE B 436 -37.59 -20.19 -16.52
C PHE B 436 -37.37 -19.75 -15.09
N LEU B 437 -36.71 -18.61 -14.90
CA LEU B 437 -36.53 -18.08 -13.55
C LEU B 437 -37.87 -17.71 -12.92
N ALA B 438 -38.76 -17.10 -13.72
CA ALA B 438 -40.07 -16.75 -13.22
C ALA B 438 -40.79 -17.97 -12.66
N ALA B 439 -40.69 -19.10 -13.36
CA ALA B 439 -41.24 -20.35 -12.81
C ALA B 439 -40.58 -20.67 -11.49
N CYS B 440 -39.24 -20.71 -11.47
CA CYS B 440 -38.52 -21.01 -10.23
C CYS B 440 -38.92 -20.06 -9.11
N GLU B 441 -39.11 -18.78 -9.44
CA GLU B 441 -39.53 -17.82 -8.43
C GLU B 441 -40.83 -18.25 -7.76
N ILE B 442 -41.84 -18.58 -8.56
CA ILE B 442 -43.08 -19.10 -7.99
C ILE B 442 -42.84 -20.44 -7.32
N ILE B 443 -41.99 -21.28 -7.93
CA ILE B 443 -41.58 -22.52 -7.28
C ILE B 443 -40.95 -22.23 -5.93
N PHE B 444 -39.98 -21.31 -5.93
CA PHE B 444 -39.32 -20.92 -4.69
C PHE B 444 -40.30 -20.38 -3.66
N CYS B 445 -41.34 -19.69 -4.12
CA CYS B 445 -42.35 -19.19 -3.19
C CYS B 445 -43.02 -20.32 -2.43
N PHE B 446 -43.20 -21.47 -3.07
CA PHE B 446 -43.86 -22.59 -2.41
C PHE B 446 -43.05 -23.05 -1.20
N PHE B 447 -41.73 -23.17 -1.37
CA PHE B 447 -40.88 -23.69 -0.30
C PHE B 447 -41.04 -22.89 0.98
N ILE B 448 -40.91 -21.57 0.89
CA ILE B 448 -41.00 -20.75 2.09
C ILE B 448 -42.32 -20.98 2.79
N PHE B 449 -43.42 -20.90 2.04
CA PHE B 449 -44.72 -21.20 2.61
C PHE B 449 -44.73 -22.55 3.30
N TYR B 450 -44.03 -23.53 2.72
CA TYR B 450 -43.86 -24.81 3.39
C TYR B 450 -43.14 -24.64 4.72
N TYR B 451 -41.99 -23.99 4.71
CA TYR B 451 -41.25 -23.79 5.96
C TYR B 451 -42.05 -22.97 6.97
N VAL B 452 -42.91 -22.06 6.49
CA VAL B 452 -43.76 -21.30 7.38
C VAL B 452 -44.53 -22.22 8.31
N VAL B 453 -45.16 -23.25 7.73
CA VAL B 453 -45.93 -24.18 8.54
C VAL B 453 -45.03 -24.92 9.51
N GLU B 454 -43.92 -25.45 9.00
CA GLU B 454 -42.99 -26.21 9.85
C GLU B 454 -42.50 -25.36 11.01
N GLU B 455 -42.46 -24.04 10.84
CA GLU B 455 -42.00 -23.15 11.89
C GLU B 455 -43.01 -23.00 13.02
N ILE B 456 -44.20 -23.59 12.89
CA ILE B 456 -45.28 -23.29 13.83
C ILE B 456 -45.30 -24.35 14.92
N LEU B 457 -45.13 -23.91 16.17
CA LEU B 457 -45.28 -24.78 17.32
C LEU B 457 -46.61 -24.50 18.02
N ARG B 468 -33.78 -24.83 22.74
CA ARG B 468 -34.27 -23.46 22.73
C ARG B 468 -34.92 -23.04 21.39
N SER B 469 -34.27 -23.22 20.24
CA SER B 469 -32.90 -23.72 20.08
C SER B 469 -32.18 -22.87 19.06
N PHE B 470 -30.86 -23.04 18.99
CA PHE B 470 -30.08 -22.25 18.05
C PHE B 470 -30.60 -22.43 16.62
N TRP B 471 -30.64 -23.67 16.15
CA TRP B 471 -31.09 -23.88 14.79
C TRP B 471 -32.52 -23.38 14.60
N ASN B 472 -33.37 -23.55 15.61
CA ASN B 472 -34.66 -22.90 15.59
C ASN B 472 -34.50 -21.40 15.45
N CYS B 473 -33.73 -20.78 16.36
CA CYS B 473 -33.45 -19.36 16.22
C CYS B 473 -32.95 -19.03 14.82
N LEU B 474 -32.07 -19.86 14.27
CA LEU B 474 -31.61 -19.65 12.91
C LEU B 474 -32.77 -19.75 11.93
N ASP B 475 -33.48 -20.87 11.96
CA ASP B 475 -34.52 -21.12 10.96
C ASP B 475 -35.50 -19.97 10.88
N VAL B 476 -35.83 -19.37 12.02
CA VAL B 476 -36.72 -18.22 12.03
C VAL B 476 -36.18 -17.13 11.13
N VAL B 477 -34.92 -16.75 11.35
CA VAL B 477 -34.31 -15.66 10.60
C VAL B 477 -34.48 -15.86 9.11
N ILE B 478 -34.04 -17.02 8.61
CA ILE B 478 -34.12 -17.28 7.18
C ILE B 478 -35.54 -17.10 6.70
N VAL B 479 -36.51 -17.64 7.44
CA VAL B 479 -37.90 -17.46 7.05
C VAL B 479 -38.25 -15.99 7.00
N VAL B 480 -37.90 -15.25 8.05
CA VAL B 480 -38.21 -13.82 8.10
C VAL B 480 -37.68 -13.12 6.87
N LEU B 481 -36.36 -13.10 6.73
CA LEU B 481 -35.74 -12.41 5.61
C LEU B 481 -36.37 -12.81 4.29
N SER B 482 -36.57 -14.11 4.11
CA SER B 482 -37.20 -14.60 2.89
C SER B 482 -38.49 -13.88 2.60
N VAL B 483 -39.35 -13.74 3.60
CA VAL B 483 -40.60 -13.03 3.41
C VAL B 483 -40.34 -11.62 2.94
N VAL B 484 -39.59 -10.86 3.74
CA VAL B 484 -39.32 -9.47 3.41
C VAL B 484 -38.78 -9.36 2.00
N ALA B 485 -37.85 -10.25 1.64
CA ALA B 485 -37.34 -10.26 0.29
C ALA B 485 -38.47 -10.39 -0.72
N ILE B 486 -39.41 -11.28 -0.47
CA ILE B 486 -40.51 -11.45 -1.39
C ILE B 486 -41.41 -10.22 -1.40
N GLY B 487 -41.84 -9.78 -0.23
CA GLY B 487 -42.71 -8.61 -0.17
C GLY B 487 -42.15 -7.44 -0.93
N ILE B 488 -40.87 -7.12 -0.70
CA ILE B 488 -40.19 -6.13 -1.51
C ILE B 488 -40.30 -6.48 -2.98
N ASN B 489 -39.99 -7.72 -3.32
CA ASN B 489 -39.99 -8.12 -4.72
C ASN B 489 -41.34 -7.86 -5.37
N ILE B 490 -42.42 -8.01 -4.62
CA ILE B 490 -43.73 -7.96 -5.25
C ILE B 490 -44.24 -6.54 -5.29
N TYR B 491 -44.70 -6.02 -4.15
CA TYR B 491 -45.46 -4.78 -4.22
C TYR B 491 -44.55 -3.57 -4.22
N ARG B 492 -43.23 -3.79 -4.27
CA ARG B 492 -42.34 -2.66 -4.39
C ARG B 492 -41.65 -2.65 -5.75
N THR B 493 -40.71 -3.56 -5.97
CA THR B 493 -39.94 -3.58 -7.20
C THR B 493 -40.75 -3.96 -8.42
N SER B 494 -41.73 -4.87 -8.28
CA SER B 494 -42.45 -5.35 -9.45
C SER B 494 -43.38 -4.28 -10.01
N ASN B 495 -43.46 -3.13 -9.34
CA ASN B 495 -44.38 -2.09 -9.76
C ASN B 495 -44.12 -1.67 -11.21
N VAL B 496 -42.91 -1.18 -11.49
CA VAL B 496 -42.48 -0.87 -12.85
C VAL B 496 -43.44 0.16 -13.44
N GLU B 497 -44.13 0.91 -12.57
CA GLU B 497 -45.09 1.88 -13.06
C GLU B 497 -44.39 3.07 -13.71
N VAL B 498 -43.26 3.48 -13.14
CA VAL B 498 -42.54 4.64 -13.67
C VAL B 498 -42.08 4.35 -15.09
N LEU B 499 -41.57 3.14 -15.34
CA LEU B 499 -41.18 2.77 -16.69
C LEU B 499 -42.32 2.98 -17.66
N LEU B 500 -43.44 2.33 -17.40
CA LEU B 500 -44.58 2.41 -18.30
C LEU B 500 -45.01 3.85 -18.51
N GLN B 501 -44.93 4.67 -17.46
CA GLN B 501 -45.16 6.10 -17.62
C GLN B 501 -44.10 6.72 -18.51
N PHE B 502 -42.83 6.50 -18.16
CA PHE B 502 -41.75 7.08 -18.95
C PHE B 502 -41.80 6.61 -20.39
N LEU B 503 -42.09 5.32 -20.61
CA LEU B 503 -42.23 4.83 -21.96
C LEU B 503 -43.21 5.65 -22.77
N GLU B 504 -44.28 6.15 -22.13
CA GLU B 504 -45.19 7.03 -22.83
C GLU B 504 -44.49 8.31 -23.27
N ASP B 505 -43.95 9.07 -22.32
CA ASP B 505 -43.29 10.33 -22.60
C ASP B 505 -41.80 10.18 -22.30
N GLN B 506 -40.98 10.15 -23.34
CA GLN B 506 -39.56 9.93 -23.18
C GLN B 506 -38.77 11.23 -23.09
N ASN B 507 -39.45 12.37 -23.06
CA ASN B 507 -38.78 13.65 -22.93
C ASN B 507 -38.74 14.16 -21.50
N THR B 508 -39.24 13.41 -20.54
CA THR B 508 -39.28 13.86 -19.17
C THR B 508 -38.11 13.27 -18.39
N PHE B 509 -38.12 13.49 -17.08
CA PHE B 509 -37.14 12.87 -16.21
C PHE B 509 -37.71 11.59 -15.64
N PRO B 510 -37.11 10.47 -15.94
CA PRO B 510 -37.64 9.19 -15.47
C PRO B 510 -37.24 8.86 -14.05
N ASN B 511 -37.99 9.33 -13.05
CA ASN B 511 -37.49 9.19 -11.69
C ASN B 511 -37.46 7.70 -11.34
N PHE B 512 -36.25 7.18 -11.20
CA PHE B 512 -36.04 5.82 -10.75
C PHE B 512 -35.53 5.71 -9.32
N GLU B 513 -35.27 6.84 -8.67
CA GLU B 513 -34.50 6.84 -7.44
C GLU B 513 -35.01 5.78 -6.47
N HIS B 514 -36.32 5.62 -6.39
CA HIS B 514 -36.86 4.58 -5.52
C HIS B 514 -36.52 3.20 -6.04
N LEU B 515 -36.83 2.94 -7.31
CA LEU B 515 -36.59 1.62 -7.85
C LEU B 515 -35.16 1.18 -7.59
N ALA B 516 -34.20 2.06 -7.85
CA ALA B 516 -32.84 1.76 -7.48
C ALA B 516 -32.73 1.50 -5.98
N TYR B 517 -33.31 2.38 -5.18
CA TYR B 517 -33.21 2.25 -3.74
C TYR B 517 -33.62 0.86 -3.28
N TRP B 518 -34.72 0.35 -3.81
CA TRP B 518 -35.24 -0.89 -3.27
C TRP B 518 -34.43 -2.09 -3.71
N GLN B 519 -34.10 -2.19 -4.99
CA GLN B 519 -33.36 -3.36 -5.41
C GLN B 519 -32.04 -3.46 -4.66
N ILE B 520 -31.47 -2.34 -4.26
CA ILE B 520 -30.36 -2.38 -3.32
C ILE B 520 -30.79 -3.09 -2.05
N GLN B 521 -31.84 -2.59 -1.40
CA GLN B 521 -32.38 -3.27 -0.25
C GLN B 521 -32.66 -4.72 -0.57
N PHE B 522 -33.19 -4.99 -1.76
CA PHE B 522 -33.42 -6.36 -2.16
C PHE B 522 -32.14 -7.15 -2.16
N ASN B 523 -31.15 -6.71 -2.96
CA ASN B 523 -29.90 -7.43 -3.01
C ASN B 523 -29.27 -7.56 -1.65
N ASN B 524 -29.37 -6.51 -0.83
CA ASN B 524 -28.87 -6.61 0.53
C ASN B 524 -29.50 -7.79 1.24
N ILE B 525 -30.83 -7.82 1.31
CA ILE B 525 -31.49 -8.91 2.00
C ILE B 525 -31.22 -10.22 1.29
N ALA B 526 -31.42 -10.24 -0.03
CA ALA B 526 -31.22 -11.47 -0.78
C ALA B 526 -29.88 -12.10 -0.46
N ALA B 527 -28.82 -11.30 -0.45
CA ALA B 527 -27.51 -11.83 -0.12
C ALA B 527 -27.49 -12.45 1.27
N VAL B 528 -27.91 -11.67 2.26
CA VAL B 528 -27.85 -12.15 3.64
C VAL B 528 -28.57 -13.47 3.79
N THR B 529 -29.71 -13.62 3.14
CA THR B 529 -30.41 -14.90 3.18
C THR B 529 -29.50 -16.02 2.75
N VAL B 530 -28.97 -15.91 1.54
CA VAL B 530 -28.07 -16.93 1.01
C VAL B 530 -27.00 -17.27 2.02
N PHE B 531 -26.39 -16.26 2.61
CA PHE B 531 -25.36 -16.49 3.60
C PHE B 531 -25.86 -17.41 4.70
N PHE B 532 -26.98 -17.04 5.33
CA PHE B 532 -27.52 -17.89 6.37
C PHE B 532 -27.95 -19.24 5.85
N VAL B 533 -28.46 -19.30 4.63
CA VAL B 533 -28.89 -20.58 4.09
C VAL B 533 -27.74 -21.57 4.11
N TRP B 534 -26.58 -21.15 3.64
CA TRP B 534 -25.41 -22.03 3.71
C TRP B 534 -25.14 -22.45 5.14
N ILE B 535 -25.15 -21.49 6.06
CA ILE B 535 -24.86 -21.83 7.45
C ILE B 535 -25.81 -22.90 7.95
N LYS B 536 -27.05 -22.89 7.50
CA LYS B 536 -27.98 -23.92 7.94
C LYS B 536 -27.48 -25.30 7.59
N LEU B 537 -26.56 -25.41 6.64
CA LEU B 537 -26.07 -26.73 6.24
C LEU B 537 -25.34 -27.44 7.36
N PHE B 538 -24.73 -26.70 8.28
CA PHE B 538 -24.03 -27.33 9.40
C PHE B 538 -24.92 -28.28 10.16
N LYS B 539 -26.21 -27.96 10.27
CA LYS B 539 -27.11 -28.79 11.05
C LYS B 539 -27.07 -30.22 10.58
N PHE B 540 -26.66 -30.45 9.35
CA PHE B 540 -26.64 -31.77 8.75
C PHE B 540 -25.27 -32.43 8.77
N ILE B 541 -24.24 -31.77 9.30
CA ILE B 541 -22.88 -32.28 9.14
C ILE B 541 -22.47 -33.21 10.28
N ASN B 542 -23.32 -33.39 11.27
CA ASN B 542 -22.88 -34.11 12.45
C ASN B 542 -22.84 -35.62 12.27
N PHE B 543 -23.15 -36.10 11.06
CA PHE B 543 -23.10 -37.53 10.79
C PHE B 543 -21.80 -38.16 11.28
N ASN B 544 -20.67 -37.52 10.98
CA ASN B 544 -19.39 -38.09 11.32
C ASN B 544 -19.07 -37.83 12.78
N ARG B 545 -18.28 -38.73 13.36
CA ARG B 545 -17.78 -38.52 14.71
C ARG B 545 -17.06 -37.19 14.81
N THR B 546 -16.04 -37.01 13.96
CA THR B 546 -15.20 -35.82 14.03
C THR B 546 -16.06 -34.57 14.03
N MET B 547 -16.97 -34.45 13.08
CA MET B 547 -17.85 -33.30 13.05
C MET B 547 -18.65 -33.19 14.34
N SER B 548 -19.39 -34.24 14.69
CA SER B 548 -20.13 -34.25 15.94
C SER B 548 -19.22 -33.87 17.10
N GLN B 549 -17.99 -34.36 17.10
CA GLN B 549 -17.02 -33.88 18.08
C GLN B 549 -16.86 -32.38 17.98
N LEU B 550 -16.47 -31.89 16.81
CA LEU B 550 -16.24 -30.47 16.65
C LEU B 550 -17.49 -29.66 16.96
N SER B 551 -18.65 -30.18 16.56
CA SER B 551 -19.89 -29.46 16.80
C SER B 551 -20.03 -29.07 18.26
N THR B 552 -19.92 -30.04 19.16
CA THR B 552 -20.13 -29.72 20.57
C THR B 552 -19.02 -28.86 21.13
N THR B 553 -17.84 -28.91 20.53
CA THR B 553 -16.73 -28.11 21.03
C THR B 553 -17.05 -26.62 20.91
N MET B 554 -17.28 -26.15 19.68
CA MET B 554 -17.54 -24.74 19.49
C MET B 554 -18.76 -24.29 20.29
N SER B 555 -19.74 -25.17 20.46
CA SER B 555 -20.86 -24.85 21.33
C SER B 555 -20.36 -24.52 22.73
N ARG B 556 -19.48 -25.36 23.26
CA ARG B 556 -18.92 -25.04 24.57
C ARG B 556 -17.99 -23.85 24.49
N CYS B 557 -17.35 -23.63 23.33
CA CYS B 557 -16.51 -22.45 23.16
C CYS B 557 -17.29 -21.18 23.44
N ALA B 558 -18.58 -21.18 23.13
CA ALA B 558 -19.35 -19.95 23.06
C ALA B 558 -19.33 -19.20 24.38
N LYS B 559 -19.80 -19.84 25.46
CA LYS B 559 -20.08 -19.10 26.67
C LYS B 559 -18.84 -18.39 27.18
N ASP B 560 -17.71 -19.09 27.25
CA ASP B 560 -16.49 -18.47 27.73
C ASP B 560 -16.07 -17.33 26.81
N LEU B 561 -16.18 -17.53 25.50
CA LEU B 561 -15.86 -16.45 24.57
C LEU B 561 -16.74 -15.24 24.80
N PHE B 562 -18.06 -15.45 24.77
CA PHE B 562 -18.97 -14.32 24.84
C PHE B 562 -18.68 -13.45 26.04
N GLY B 563 -18.29 -14.06 27.15
CA GLY B 563 -17.88 -13.26 28.29
C GLY B 563 -16.66 -12.41 27.97
N PHE B 564 -15.59 -13.04 27.53
CA PHE B 564 -14.37 -12.29 27.28
C PHE B 564 -14.52 -11.30 26.14
N ALA B 565 -15.33 -11.63 25.14
CA ALA B 565 -15.56 -10.67 24.06
C ALA B 565 -16.02 -9.34 24.62
N ILE B 566 -16.94 -9.37 25.58
CA ILE B 566 -17.35 -8.14 26.25
C ILE B 566 -16.13 -7.45 26.83
N MET B 567 -15.39 -8.17 27.66
CA MET B 567 -14.16 -7.62 28.21
C MET B 567 -13.27 -7.06 27.12
N PHE B 568 -13.27 -7.68 25.95
CA PHE B 568 -12.42 -7.22 24.87
C PHE B 568 -12.87 -5.87 24.34
N PHE B 569 -14.11 -5.80 23.85
CA PHE B 569 -14.51 -4.60 23.12
C PHE B 569 -14.53 -3.38 24.00
N ILE B 570 -14.82 -3.54 25.29
CA ILE B 570 -14.75 -2.41 26.21
C ILE B 570 -13.42 -1.71 26.05
N ILE B 571 -12.33 -2.47 26.09
CA ILE B 571 -11.03 -1.87 25.79
C ILE B 571 -11.00 -1.41 24.35
N PHE B 572 -11.41 -2.27 23.43
CA PHE B 572 -11.31 -1.93 22.01
C PHE B 572 -12.03 -0.63 21.73
N LEU B 573 -13.20 -0.45 22.32
CA LEU B 573 -13.91 0.81 22.13
C LEU B 573 -13.21 1.96 22.83
N ALA B 574 -12.59 1.69 23.98
CA ALA B 574 -11.91 2.76 24.69
C ALA B 574 -10.89 3.44 23.79
N TYR B 575 -9.98 2.67 23.21
CA TYR B 575 -9.08 3.23 22.22
C TYR B 575 -9.83 3.98 21.14
N ALA B 576 -10.88 3.36 20.59
CA ALA B 576 -11.65 4.02 19.54
C ALA B 576 -12.08 5.40 19.99
N GLN B 577 -12.75 5.47 21.12
CA GLN B 577 -13.21 6.77 21.59
C GLN B 577 -12.02 7.68 21.87
N LEU B 578 -10.92 7.11 22.35
CA LEU B 578 -9.71 7.92 22.49
C LEU B 578 -9.24 8.44 21.15
N ALA B 579 -8.99 7.55 20.21
CA ALA B 579 -8.50 7.97 18.91
C ALA B 579 -9.41 9.01 18.30
N TYR B 580 -10.72 8.81 18.42
CA TYR B 580 -11.66 9.76 17.85
C TYR B 580 -11.50 11.13 18.46
N LEU B 581 -11.09 11.21 19.72
CA LEU B 581 -10.87 12.52 20.31
C LEU B 581 -9.54 13.11 19.87
N VAL B 582 -8.47 12.32 19.94
CA VAL B 582 -7.17 12.81 19.54
C VAL B 582 -7.15 13.11 18.06
N PHE B 583 -7.47 12.12 17.26
CA PHE B 583 -7.50 12.27 15.82
C PHE B 583 -8.92 12.66 15.44
N GLY B 584 -9.24 12.55 14.16
CA GLY B 584 -10.60 12.77 13.73
C GLY B 584 -10.94 14.23 13.49
N THR B 585 -10.16 15.14 14.04
CA THR B 585 -10.09 16.48 13.50
C THR B 585 -8.95 16.61 12.51
N GLN B 586 -8.20 15.54 12.32
CA GLN B 586 -7.03 15.58 11.46
C GLN B 586 -7.11 14.49 10.42
N VAL B 587 -7.09 13.25 10.88
CA VAL B 587 -6.90 12.11 9.99
C VAL B 587 -8.24 11.69 9.42
N ASP B 588 -8.29 11.50 8.10
CA ASP B 588 -9.49 10.99 7.46
C ASP B 588 -9.96 9.71 8.12
N ASP B 589 -9.05 8.74 8.27
CA ASP B 589 -9.44 7.42 8.74
C ASP B 589 -10.19 7.49 10.06
N PHE B 590 -9.88 8.47 10.89
CA PHE B 590 -10.54 8.63 12.18
C PHE B 590 -11.66 9.64 12.15
N SER B 591 -12.02 10.15 10.98
CA SER B 591 -12.93 11.30 10.90
C SER B 591 -14.17 11.10 11.75
N THR B 592 -14.83 9.95 11.62
CA THR B 592 -16.04 9.70 12.36
C THR B 592 -15.83 8.51 13.29
N PHE B 593 -16.59 8.49 14.38
CA PHE B 593 -16.41 7.45 15.36
C PHE B 593 -16.59 6.07 14.76
N GLN B 594 -17.52 5.92 13.83
CA GLN B 594 -17.68 4.63 13.16
C GLN B 594 -16.36 4.20 12.57
N GLU B 595 -15.80 5.03 11.69
CA GLU B 595 -14.63 4.62 10.95
C GLU B 595 -13.42 4.49 11.85
N CYS B 596 -13.45 5.10 13.03
CA CYS B 596 -12.42 4.80 14.01
C CYS B 596 -12.43 3.31 14.33
N ILE B 597 -13.59 2.78 14.69
CA ILE B 597 -13.70 1.34 14.95
C ILE B 597 -13.15 0.55 13.77
N PHE B 598 -13.63 0.86 12.57
CA PHE B 598 -13.14 0.18 11.38
C PHE B 598 -11.64 0.28 11.29
N THR B 599 -11.10 1.48 11.46
CA THR B 599 -9.67 1.69 11.30
C THR B 599 -8.89 0.77 12.23
N GLN B 600 -9.37 0.59 13.46
CA GLN B 600 -8.62 -0.25 14.37
C GLN B 600 -8.55 -1.69 13.89
N PHE B 601 -9.62 -2.20 13.29
CA PHE B 601 -9.53 -3.53 12.72
C PHE B 601 -8.45 -3.60 11.66
N ARG B 602 -8.41 -2.62 10.75
CA ARG B 602 -7.37 -2.64 9.75
C ARG B 602 -6.00 -2.63 10.39
N ILE B 603 -5.87 -1.96 11.53
CA ILE B 603 -4.60 -1.97 12.24
C ILE B 603 -4.28 -3.37 12.72
N ILE B 604 -5.23 -4.01 13.37
CA ILE B 604 -5.02 -5.37 13.84
C ILE B 604 -4.60 -6.27 12.68
N LEU B 605 -5.17 -6.04 11.51
CA LEU B 605 -4.76 -6.83 10.36
C LEU B 605 -3.46 -6.36 9.75
N GLY B 606 -3.03 -5.15 10.07
CA GLY B 606 -1.81 -4.63 9.52
C GLY B 606 -1.98 -3.57 8.45
N ASP B 607 -3.20 -3.30 8.03
CA ASP B 607 -3.42 -2.21 7.09
C ASP B 607 -3.40 -0.91 7.88
N ILE B 608 -2.44 -0.05 7.56
CA ILE B 608 -2.16 1.12 8.38
C ILE B 608 -1.67 2.24 7.49
N ASN B 609 -2.08 3.46 7.79
CA ASN B 609 -1.30 4.63 7.42
C ASN B 609 -0.77 5.18 8.74
N PHE B 610 0.51 4.94 9.01
CA PHE B 610 1.06 5.44 10.25
C PHE B 610 1.50 6.88 10.13
N ALA B 611 2.02 7.26 8.97
CA ALA B 611 2.59 8.59 8.80
C ALA B 611 1.61 9.66 9.23
N GLU B 612 0.42 9.65 8.66
CA GLU B 612 -0.52 10.70 8.97
C GLU B 612 -0.93 10.70 10.43
N ILE B 613 -0.90 9.55 11.09
CA ILE B 613 -1.10 9.55 12.53
C ILE B 613 0.00 10.34 13.21
N GLU B 614 1.25 9.98 12.95
CA GLU B 614 2.35 10.70 13.56
C GLU B 614 2.31 12.18 13.22
N GLU B 615 1.91 12.51 11.99
CA GLU B 615 1.78 13.91 11.64
C GLU B 615 0.71 14.59 12.46
N ALA B 616 -0.40 13.89 12.71
CA ALA B 616 -1.51 14.49 13.43
C ALA B 616 -1.11 14.90 14.83
N ASN B 617 -0.64 13.94 15.63
CA ASN B 617 -0.11 14.24 16.95
C ASN B 617 1.18 13.48 17.12
N ARG B 618 2.28 14.21 17.22
CA ARG B 618 3.59 13.58 17.31
C ARG B 618 3.80 12.85 18.63
N VAL B 619 2.94 13.07 19.61
CA VAL B 619 3.10 12.46 20.92
C VAL B 619 2.12 11.32 21.11
N LEU B 620 0.83 11.64 21.22
CA LEU B 620 -0.14 10.59 21.46
C LEU B 620 -0.23 9.63 20.29
N GLY B 621 -0.03 10.12 19.08
CA GLY B 621 -0.10 9.30 17.91
C GLY B 621 0.75 8.06 18.06
N PRO B 622 2.03 8.25 18.33
CA PRO B 622 2.88 7.08 18.60
C PRO B 622 2.40 6.28 19.79
N ILE B 623 2.09 6.96 20.89
CA ILE B 623 1.68 6.25 22.10
C ILE B 623 0.45 5.42 21.83
N TYR B 624 -0.58 6.05 21.26
CA TYR B 624 -1.76 5.30 20.88
C TYR B 624 -1.40 4.09 20.06
N PHE B 625 -0.72 4.31 18.95
CA PHE B 625 -0.41 3.22 18.04
C PHE B 625 0.41 2.15 18.74
N THR B 626 1.43 2.56 19.48
CA THR B 626 2.27 1.57 20.14
C THR B 626 1.49 0.77 21.16
N THR B 627 0.90 1.45 22.14
CA THR B 627 0.17 0.75 23.19
C THR B 627 -0.92 -0.13 22.61
N PHE B 628 -1.71 0.44 21.70
CA PHE B 628 -2.78 -0.34 21.10
C PHE B 628 -2.24 -1.61 20.46
N VAL B 629 -1.31 -1.46 19.52
CA VAL B 629 -0.71 -2.63 18.90
C VAL B 629 -0.15 -3.56 19.95
N PHE B 630 0.29 -3.01 21.07
CA PHE B 630 0.88 -3.90 22.05
C PHE B 630 -0.19 -4.71 22.74
N PHE B 631 -1.00 -4.06 23.57
CA PHE B 631 -1.94 -4.80 24.40
C PHE B 631 -2.92 -5.58 23.54
N MET B 632 -3.49 -4.93 22.53
CA MET B 632 -4.47 -5.61 21.72
C MET B 632 -3.86 -6.79 20.99
N PHE B 633 -2.83 -6.53 20.18
CA PHE B 633 -2.38 -7.57 19.26
C PHE B 633 -1.52 -8.61 19.93
N PHE B 634 -0.63 -8.20 20.83
CA PHE B 634 0.20 -9.20 21.51
C PHE B 634 -0.62 -9.95 22.54
N ILE B 635 -1.15 -9.23 23.53
CA ILE B 635 -1.81 -9.89 24.64
C ILE B 635 -3.24 -10.27 24.27
N LEU B 636 -4.11 -9.26 24.15
CA LEU B 636 -5.54 -9.53 24.19
C LEU B 636 -6.00 -10.52 23.13
N LEU B 637 -5.50 -10.40 21.90
CA LEU B 637 -5.87 -11.38 20.90
C LEU B 637 -5.54 -12.78 21.38
N ASN B 638 -4.30 -12.97 21.81
CA ASN B 638 -3.91 -14.26 22.32
C ASN B 638 -4.83 -14.77 23.41
N MET B 639 -5.48 -13.86 24.14
CA MET B 639 -6.35 -14.32 25.20
C MET B 639 -7.54 -15.10 24.66
N PHE B 640 -8.09 -14.67 23.51
CA PHE B 640 -9.05 -15.52 22.80
C PHE B 640 -8.51 -16.92 22.63
N LEU B 641 -7.48 -17.02 21.79
CA LEU B 641 -6.94 -18.33 21.46
C LEU B 641 -6.63 -19.14 22.70
N ALA B 642 -6.21 -18.50 23.78
CA ALA B 642 -6.01 -19.22 25.02
C ALA B 642 -7.30 -19.92 25.44
N ILE B 643 -8.41 -19.21 25.42
CA ILE B 643 -9.67 -19.79 25.85
C ILE B 643 -10.02 -21.00 25.01
N ILE B 644 -9.82 -20.90 23.70
CA ILE B 644 -10.24 -21.98 22.82
C ILE B 644 -9.49 -23.25 23.16
N ASN B 645 -8.17 -23.17 23.33
CA ASN B 645 -7.39 -24.36 23.63
C ASN B 645 -7.97 -25.08 24.83
N ASP B 646 -8.20 -24.36 25.92
CA ASP B 646 -8.75 -24.99 27.10
C ASP B 646 -10.06 -25.68 26.76
N THR B 647 -11.01 -24.93 26.23
CA THR B 647 -12.31 -25.54 25.97
C THR B 647 -12.23 -26.62 24.92
N TYR B 648 -11.29 -26.52 23.99
CA TYR B 648 -11.16 -27.58 23.00
C TYR B 648 -10.55 -28.82 23.62
N SER B 649 -9.37 -28.67 24.22
CA SER B 649 -8.68 -29.82 24.78
C SER B 649 -9.52 -30.50 25.82
N GLU B 650 -10.24 -29.72 26.64
CA GLU B 650 -11.09 -30.32 27.66
C GLU B 650 -12.14 -31.21 27.02
N VAL B 651 -12.77 -30.74 25.95
CA VAL B 651 -13.80 -31.55 25.30
C VAL B 651 -13.18 -32.78 24.68
N LYS B 652 -12.04 -32.65 24.02
CA LYS B 652 -11.35 -33.86 23.57
C LYS B 652 -11.00 -34.74 24.75
N SER B 653 -10.61 -34.15 25.87
CA SER B 653 -10.18 -34.95 27.01
C SER B 653 -11.32 -35.80 27.55
N ASP B 654 -12.43 -35.17 27.93
CA ASP B 654 -13.47 -35.93 28.61
C ASP B 654 -14.22 -36.85 27.64
N LEU B 655 -14.36 -36.44 26.39
CA LEU B 655 -14.99 -37.34 25.43
C LEU B 655 -14.08 -38.51 25.10
N ALA B 656 -12.77 -38.31 25.16
CA ALA B 656 -11.86 -39.43 25.01
C ALA B 656 -12.05 -40.43 26.13
N GLN B 657 -12.47 -39.97 27.31
CA GLN B 657 -12.76 -40.86 28.42
C GLN B 657 -13.95 -41.77 28.14
N GLN B 658 -14.65 -41.57 27.03
CA GLN B 658 -15.86 -42.31 26.73
C GLN B 658 -15.68 -43.18 25.49
N TYR C 180 -22.55 -4.60 51.75
CA TYR C 180 -21.39 -4.54 50.87
C TYR C 180 -21.82 -4.36 49.41
N LEU C 181 -22.76 -5.21 48.97
CA LEU C 181 -23.24 -5.12 47.60
C LEU C 181 -23.87 -3.76 47.30
N LYS C 182 -24.88 -3.37 48.09
CA LYS C 182 -25.50 -2.07 47.88
C LYS C 182 -24.50 -0.94 48.11
N SER C 183 -23.59 -1.12 49.08
CA SER C 183 -22.55 -0.13 49.30
C SER C 183 -21.70 0.06 48.06
N VAL C 184 -21.22 -1.05 47.48
CA VAL C 184 -20.54 -0.95 46.19
C VAL C 184 -21.49 -0.44 45.13
N LEU C 185 -22.74 -0.90 45.15
CA LEU C 185 -23.73 -0.42 44.20
C LEU C 185 -23.95 1.08 44.35
N ARG C 186 -23.77 1.61 45.56
CA ARG C 186 -23.84 3.07 45.75
C ARG C 186 -22.76 3.76 44.92
N GLU C 187 -21.51 3.31 45.05
CA GLU C 187 -20.44 3.86 44.23
C GLU C 187 -20.66 3.59 42.75
N LEU C 188 -21.31 2.47 42.41
CA LEU C 188 -21.49 2.11 41.01
C LEU C 188 -22.22 3.21 40.25
N VAL C 189 -23.40 3.59 40.72
CA VAL C 189 -24.17 4.61 40.02
C VAL C 189 -23.43 5.94 40.03
N THR C 190 -22.75 6.26 41.14
CA THR C 190 -21.91 7.44 41.18
C THR C 190 -20.96 7.45 39.99
N TYR C 191 -20.34 6.30 39.74
CA TYR C 191 -19.49 6.16 38.56
C TYR C 191 -20.29 6.35 37.28
N LEU C 192 -21.44 5.68 37.18
CA LEU C 192 -22.26 5.80 35.98
C LEU C 192 -22.66 7.25 35.73
N LEU C 193 -23.21 7.90 36.74
CA LEU C 193 -23.53 9.32 36.61
C LEU C 193 -22.30 10.09 36.18
N PHE C 194 -21.15 9.77 36.77
CA PHE C 194 -19.92 10.43 36.37
C PHE C 194 -19.56 10.12 34.92
N LEU C 195 -19.92 8.93 34.43
CA LEU C 195 -19.63 8.58 33.04
C LEU C 195 -20.35 9.51 32.09
N ILE C 196 -21.67 9.54 32.16
CA ILE C 196 -22.46 10.24 31.15
C ILE C 196 -22.13 11.72 31.14
N VAL C 197 -21.92 12.32 32.32
CA VAL C 197 -21.51 13.71 32.38
C VAL C 197 -20.30 13.93 31.51
N LEU C 198 -19.28 13.09 31.68
CA LEU C 198 -18.08 13.20 30.88
C LEU C 198 -18.36 12.90 29.42
N CYS C 199 -19.10 11.81 29.14
CA CYS C 199 -19.43 11.48 27.77
C CYS C 199 -20.10 12.64 27.05
N ILE C 200 -20.91 13.41 27.76
CA ILE C 200 -21.56 14.56 27.15
C ILE C 200 -20.53 15.64 26.83
N LEU C 201 -19.74 16.02 27.83
CA LEU C 201 -18.74 17.07 27.62
C LEU C 201 -17.87 16.75 26.43
N THR C 202 -17.46 15.49 26.30
CA THR C 202 -16.74 15.06 25.11
C THR C 202 -17.59 15.29 23.86
N TYR C 203 -18.76 14.67 23.83
CA TYR C 203 -19.68 14.91 22.72
C TYR C 203 -19.98 16.38 22.56
N GLY C 204 -20.22 17.09 23.67
CA GLY C 204 -20.53 18.49 23.59
C GLY C 204 -19.36 19.32 23.11
N MET C 205 -18.23 19.24 23.80
CA MET C 205 -17.09 20.06 23.45
C MET C 205 -16.51 19.71 22.09
N MET C 206 -16.98 18.65 21.45
CA MET C 206 -16.53 18.28 20.11
C MET C 206 -17.68 18.44 19.13
N SER C 207 -17.56 19.41 18.22
CA SER C 207 -18.49 19.47 17.10
C SER C 207 -18.19 18.34 16.14
N SER C 208 -19.18 18.03 15.30
CA SER C 208 -19.10 16.84 14.46
C SER C 208 -18.15 17.03 13.30
N ASN C 209 -18.46 17.97 12.42
CA ASN C 209 -17.90 18.02 11.09
C ASN C 209 -16.59 18.77 11.02
N VAL C 210 -16.03 19.14 12.17
CA VAL C 210 -14.80 19.93 12.22
C VAL C 210 -13.76 19.38 11.28
N TYR C 211 -13.73 18.05 11.11
CA TYR C 211 -12.73 17.45 10.25
C TYR C 211 -12.66 18.10 8.90
N TYR C 212 -13.78 18.19 8.19
CA TYR C 212 -13.73 18.76 6.86
C TYR C 212 -13.26 20.20 6.88
N TYR C 213 -13.63 20.96 7.90
CA TYR C 213 -13.15 22.32 8.01
C TYR C 213 -11.62 22.36 7.95
N THR C 214 -10.97 21.50 8.72
CA THR C 214 -9.52 21.39 8.61
C THR C 214 -9.14 20.90 7.22
N ARG C 215 -9.78 19.84 6.77
CA ARG C 215 -9.39 19.23 5.51
C ARG C 215 -9.45 20.24 4.37
N MET C 216 -10.49 21.07 4.34
CA MET C 216 -10.54 22.08 3.31
C MET C 216 -9.38 23.04 3.43
N MET C 217 -9.16 23.58 4.62
CA MET C 217 -8.04 24.49 4.83
C MET C 217 -6.74 23.84 4.38
N SER C 218 -6.48 22.62 4.84
CA SER C 218 -5.25 21.95 4.50
C SER C 218 -5.07 21.85 3.00
N GLN C 219 -6.04 21.24 2.31
CA GLN C 219 -5.92 21.07 0.87
C GLN C 219 -5.74 22.40 0.18
N LEU C 220 -6.40 23.44 0.68
CA LEU C 220 -6.29 24.74 0.03
C LEU C 220 -4.85 25.24 0.05
N PHE C 221 -4.13 24.98 1.13
CA PHE C 221 -2.75 25.45 1.24
C PHE C 221 -1.76 24.35 0.91
N LEU C 222 -1.75 23.28 1.70
CA LEU C 222 -0.76 22.24 1.50
C LEU C 222 -0.81 21.67 0.09
N ASP C 223 -2.02 21.37 -0.38
CA ASP C 223 -2.19 20.52 -1.56
C ASP C 223 -2.25 21.30 -2.85
N THR C 224 -2.00 22.57 -2.85
CA THR C 224 -2.20 23.11 -4.17
C THR C 224 -0.87 23.45 -4.81
N PRO C 225 -0.79 23.37 -6.13
CA PRO C 225 0.48 23.64 -6.81
C PRO C 225 0.97 25.03 -6.46
N VAL C 226 2.28 25.14 -6.29
CA VAL C 226 2.86 26.43 -5.94
C VAL C 226 2.48 27.47 -6.97
N SER C 227 2.76 27.21 -8.24
CA SER C 227 2.28 28.04 -9.33
C SER C 227 1.60 27.14 -10.34
N LYS C 228 0.73 27.74 -11.16
CA LYS C 228 0.05 26.97 -12.19
C LYS C 228 1.04 26.21 -13.06
N THR C 229 2.21 26.77 -13.28
CA THR C 229 3.25 26.11 -14.06
C THR C 229 3.99 25.04 -13.28
N GLU C 230 3.97 25.10 -11.95
CA GLU C 230 4.79 24.22 -11.13
C GLU C 230 3.95 23.11 -10.51
N LYS C 231 4.55 21.94 -10.39
CA LYS C 231 3.87 20.76 -9.86
C LYS C 231 4.11 20.52 -8.37
N THR C 232 4.90 21.35 -7.71
CA THR C 232 5.20 21.12 -6.30
C THR C 232 4.13 21.70 -5.40
N ASN C 233 3.91 21.02 -4.29
CA ASN C 233 3.03 21.53 -3.24
C ASN C 233 3.87 22.09 -2.10
N PHE C 234 3.21 22.66 -1.10
CA PHE C 234 3.93 23.05 0.09
C PHE C 234 4.56 21.86 0.77
N LYS C 235 3.87 20.73 0.75
CA LYS C 235 4.47 19.52 1.28
C LYS C 235 5.75 19.15 0.58
N THR C 236 5.94 19.63 -0.65
CA THR C 236 7.00 19.16 -1.51
C THR C 236 8.21 20.08 -1.51
N LEU C 237 8.17 21.21 -0.80
CA LEU C 237 9.17 22.25 -1.01
C LEU C 237 10.58 21.71 -0.79
N SER C 238 11.41 21.81 -1.82
CA SER C 238 12.80 21.37 -1.72
C SER C 238 13.82 22.49 -1.61
N SER C 239 13.43 23.76 -1.73
CA SER C 239 14.47 24.77 -1.83
C SER C 239 13.93 26.13 -1.41
N MET C 240 14.85 27.04 -1.13
CA MET C 240 14.48 28.43 -0.97
C MET C 240 13.66 28.92 -2.15
N GLU C 241 14.17 28.69 -3.36
CA GLU C 241 13.42 29.07 -4.56
C GLU C 241 12.01 28.49 -4.50
N ASP C 242 11.90 27.21 -4.16
CA ASP C 242 10.58 26.62 -3.94
C ASP C 242 9.79 27.45 -2.94
N PHE C 243 10.41 27.81 -1.83
CA PHE C 243 9.71 28.51 -0.77
C PHE C 243 9.19 29.85 -1.27
N TRP C 244 10.09 30.70 -1.77
CA TRP C 244 9.66 32.01 -2.25
C TRP C 244 8.52 31.89 -3.23
N LYS C 245 8.63 30.96 -4.18
CA LYS C 245 7.51 30.68 -5.05
C LYS C 245 6.25 30.45 -4.25
N PHE C 246 6.30 29.56 -3.27
CA PHE C 246 5.11 29.27 -2.48
C PHE C 246 4.53 30.52 -1.84
N THR C 247 5.38 31.31 -1.21
CA THR C 247 4.93 32.58 -0.64
C THR C 247 4.21 33.41 -1.68
N GLU C 248 4.96 33.91 -2.66
CA GLU C 248 4.37 34.69 -3.74
C GLU C 248 3.31 33.91 -4.50
N GLY C 249 3.29 32.60 -4.36
CA GLY C 249 2.41 31.68 -5.06
C GLY C 249 1.17 31.37 -4.25
N SER C 250 0.78 30.10 -4.31
CA SER C 250 -0.52 29.66 -3.81
C SER C 250 -0.89 30.26 -2.47
N LEU C 251 0.08 30.43 -1.58
CA LEU C 251 -0.21 30.99 -0.27
C LEU C 251 -1.03 32.28 -0.40
N LEU C 252 -0.52 33.24 -1.16
CA LEU C 252 -1.26 34.47 -1.37
C LEU C 252 -2.64 34.19 -1.91
N ASP C 253 -2.70 33.43 -3.01
CA ASP C 253 -3.98 33.02 -3.55
C ASP C 253 -4.81 32.28 -2.52
N GLY C 254 -4.17 31.49 -1.67
CA GLY C 254 -4.91 30.81 -0.62
C GLY C 254 -5.53 31.76 0.38
N LEU C 255 -4.83 32.83 0.72
CA LEU C 255 -5.31 33.72 1.75
C LEU C 255 -6.38 34.68 1.28
N TYR C 256 -6.38 35.04 0.00
CA TYR C 256 -7.17 36.16 -0.46
C TYR C 256 -8.23 35.71 -1.45
N TRP C 257 -9.35 36.43 -1.46
CA TRP C 257 -10.52 36.05 -2.20
C TRP C 257 -11.30 37.32 -2.55
N LYS C 258 -12.06 37.26 -3.63
CA LYS C 258 -12.91 38.38 -3.99
C LYS C 258 -14.23 37.88 -4.58
N MET C 259 -15.40 38.40 -4.16
CA MET C 259 -15.62 39.42 -3.12
C MET C 259 -14.85 40.74 -3.33
N GLU C 266 -14.46 41.50 0.27
CA GLU C 266 -15.70 42.17 -0.13
C GLU C 266 -15.69 43.63 0.31
N ALA C 267 -14.82 43.94 1.26
CA ALA C 267 -14.75 45.29 1.82
C ALA C 267 -14.24 46.42 0.89
N ASP C 268 -13.26 46.23 0.01
CA ASP C 268 -12.66 44.95 -0.40
C ASP C 268 -11.48 44.53 0.47
N ASN C 269 -11.21 45.31 1.52
CA ASN C 269 -10.10 44.98 2.41
C ASN C 269 -10.31 43.65 3.12
N ARG C 270 -11.47 43.03 2.96
CA ARG C 270 -11.79 41.76 3.59
C ARG C 270 -11.83 40.65 2.55
N SER C 271 -11.48 39.43 2.96
CA SER C 271 -11.53 38.29 2.07
C SER C 271 -12.01 37.07 2.85
N PHE C 272 -12.89 36.30 2.24
CA PHE C 272 -13.44 35.09 2.85
C PHE C 272 -12.80 33.90 2.16
N ILE C 273 -12.09 33.07 2.92
CA ILE C 273 -11.52 31.88 2.34
C ILE C 273 -12.63 30.89 2.05
N PHE C 274 -12.62 30.34 0.83
CA PHE C 274 -13.70 29.48 0.34
C PHE C 274 -14.99 30.27 0.19
N TYR C 275 -14.93 31.56 0.55
CA TYR C 275 -16.03 32.49 0.74
C TYR C 275 -16.65 32.32 2.12
N GLU C 276 -16.28 31.30 2.88
CA GLU C 276 -16.91 31.07 4.17
C GLU C 276 -16.09 31.53 5.36
N ASN C 277 -14.87 32.02 5.16
CA ASN C 277 -13.93 32.15 6.29
C ASN C 277 -13.24 33.49 6.29
N LEU C 278 -13.47 34.27 7.34
CA LEU C 278 -12.68 35.47 7.55
C LEU C 278 -11.22 35.13 7.66
N LEU C 279 -10.39 35.86 6.93
CA LEU C 279 -8.98 35.92 7.29
C LEU C 279 -8.91 36.84 8.49
N LEU C 280 -8.42 36.30 9.59
CA LEU C 280 -8.59 36.95 10.88
C LEU C 280 -7.36 37.80 11.15
N GLY C 281 -7.55 39.11 11.14
CA GLY C 281 -6.42 39.99 11.42
C GLY C 281 -5.40 39.97 10.30
N VAL C 282 -4.14 39.75 10.66
CA VAL C 282 -3.03 39.90 9.72
C VAL C 282 -2.06 38.73 9.84
N PRO C 283 -1.54 38.23 8.73
CA PRO C 283 -0.56 37.15 8.80
C PRO C 283 0.80 37.67 9.20
N ARG C 284 1.63 36.76 9.71
CA ARG C 284 2.96 37.12 10.18
C ARG C 284 3.97 36.06 9.78
N ILE C 285 5.09 36.51 9.24
CA ILE C 285 6.20 35.65 8.89
C ILE C 285 7.36 35.93 9.83
N ARG C 286 8.02 34.88 10.27
CA ARG C 286 9.16 35.02 11.17
C ARG C 286 10.20 34.00 10.76
N GLN C 287 11.47 34.34 10.95
CA GLN C 287 12.54 33.41 10.64
C GLN C 287 13.53 33.38 11.79
N LEU C 288 14.42 32.40 11.73
CA LEU C 288 15.50 32.27 12.69
C LEU C 288 16.83 32.22 11.95
N ARG C 289 17.81 32.91 12.51
CA ARG C 289 19.10 33.04 11.84
C ARG C 289 20.21 32.71 12.82
N VAL C 290 21.27 32.10 12.30
CA VAL C 290 22.38 31.64 13.10
C VAL C 290 23.59 32.53 12.84
N ARG C 291 24.33 32.80 13.90
CA ARG C 291 25.57 33.56 13.79
C ARG C 291 26.52 32.86 12.84
N ASN C 292 27.36 33.66 12.18
CA ASN C 292 28.25 33.08 11.19
C ASN C 292 29.23 32.13 11.87
N GLY C 293 29.21 30.89 11.41
CA GLY C 293 29.91 29.81 12.06
C GLY C 293 31.31 29.54 11.57
N SER C 294 31.96 30.53 10.96
CA SER C 294 33.26 30.32 10.33
C SER C 294 34.27 29.70 11.28
N SER C 295 33.99 29.71 12.58
CA SER C 295 34.85 29.08 13.57
C SER C 295 35.20 27.65 13.19
N SER C 296 34.28 26.93 12.54
CA SER C 296 34.55 25.54 12.21
C SER C 296 35.73 25.45 11.26
N ILE C 297 36.73 24.67 11.67
CA ILE C 297 38.02 24.63 10.99
C ILE C 297 38.28 23.23 10.45
N PRO C 298 38.23 23.02 9.15
CA PRO C 298 38.92 21.85 8.57
C PRO C 298 40.39 22.17 8.39
N GLN C 299 41.24 21.16 8.44
CA GLN C 299 42.65 21.41 8.23
C GLN C 299 43.19 20.59 7.07
N ASP C 300 43.58 21.27 6.00
CA ASP C 300 43.39 22.72 5.89
C ASP C 300 42.66 23.07 4.61
N LEU C 301 41.65 23.93 4.73
CA LEU C 301 40.91 24.32 3.55
C LEU C 301 40.74 25.83 3.49
N ARG C 302 40.02 26.40 4.45
CA ARG C 302 39.90 27.84 4.66
C ARG C 302 39.37 28.47 3.36
N ASP C 303 40.16 29.31 2.68
CA ASP C 303 39.69 30.19 1.62
C ASP C 303 39.01 29.40 0.51
N GLU C 304 39.16 28.09 0.53
CA GLU C 304 38.44 27.25 -0.42
C GLU C 304 37.03 26.96 0.03
N ILE C 305 36.57 27.55 1.14
CA ILE C 305 35.23 27.22 1.61
C ILE C 305 34.18 28.31 1.25
N LYS C 306 34.13 29.53 1.80
CA LYS C 306 34.72 29.98 3.05
C LYS C 306 33.64 29.85 4.13
N GLU C 307 34.02 30.15 5.36
CA GLU C 307 33.16 30.17 6.55
C GLU C 307 32.30 28.91 6.69
N CYS C 308 31.11 29.07 7.27
CA CYS C 308 30.07 28.06 7.38
C CYS C 308 29.01 28.60 8.33
N TYR C 309 27.94 27.84 8.49
CA TYR C 309 26.90 28.16 9.47
C TYR C 309 26.50 26.90 10.20
N ASP C 310 26.55 26.95 11.52
CA ASP C 310 26.30 25.79 12.37
C ASP C 310 24.82 25.47 12.46
N VAL C 311 24.51 24.25 12.89
CA VAL C 311 23.16 23.80 13.19
C VAL C 311 22.52 24.71 14.21
N TYR C 312 21.22 24.92 14.10
CA TYR C 312 20.51 25.85 14.97
C TYR C 312 20.67 25.49 16.43
N SER C 313 20.86 26.51 17.25
CA SER C 313 20.86 26.39 18.70
C SER C 313 20.57 27.76 19.28
N VAL C 314 20.14 27.77 20.53
CA VAL C 314 19.91 29.05 21.20
C VAL C 314 21.20 29.85 21.26
N SER C 315 22.31 29.19 21.57
CA SER C 315 23.60 29.87 21.56
C SER C 315 23.90 30.45 20.19
N SER C 316 23.86 29.62 19.16
CA SER C 316 24.22 30.05 17.82
C SER C 316 23.27 31.06 17.23
N GLU C 317 22.14 31.35 17.89
CA GLU C 317 21.15 32.25 17.35
C GLU C 317 21.75 33.62 17.05
N ASP C 318 21.48 34.12 15.85
CA ASP C 318 22.03 35.38 15.38
C ASP C 318 21.10 36.52 15.73
N ARG C 319 21.60 37.45 16.54
CA ARG C 319 20.84 38.65 16.88
C ARG C 319 21.29 39.87 16.09
N ALA C 320 22.23 39.72 15.19
CA ALA C 320 22.75 40.89 14.51
C ALA C 320 21.74 41.44 13.51
N PRO C 321 21.64 42.53 13.42
CA PRO C 321 20.74 43.15 12.43
C PRO C 321 21.30 43.14 11.01
N PHE C 322 21.13 42.01 10.34
CA PHE C 322 21.59 41.89 8.97
C PHE C 322 20.71 42.71 8.04
N GLY C 323 21.23 42.98 6.85
CA GLY C 323 20.44 43.57 5.80
C GLY C 323 20.22 45.06 5.98
N PRO C 324 19.25 45.60 5.25
CA PRO C 324 19.02 47.05 5.29
C PRO C 324 18.65 47.58 6.65
N ARG C 325 18.23 46.72 7.57
CA ARG C 325 17.95 47.11 8.95
C ARG C 325 16.82 48.11 9.04
N ASN C 326 15.93 48.09 8.06
CA ASN C 326 14.85 49.08 8.04
C ASN C 326 13.57 48.61 8.71
N GLY C 327 13.56 47.42 9.30
CA GLY C 327 12.32 47.00 9.92
C GLY C 327 12.51 45.72 10.70
N THR C 328 11.41 45.29 11.31
CA THR C 328 11.40 44.08 12.12
C THR C 328 11.96 42.91 11.35
N ALA C 329 11.78 42.89 10.04
CA ALA C 329 12.35 41.81 9.23
C ALA C 329 13.85 41.72 9.43
N TRP C 330 14.54 42.84 9.42
CA TRP C 330 15.99 42.84 9.54
C TRP C 330 16.49 43.11 10.95
N ILE C 331 15.60 43.23 11.92
CA ILE C 331 16.00 43.56 13.28
C ILE C 331 15.59 42.44 14.20
N TYR C 332 16.51 42.01 15.05
CA TYR C 332 16.20 40.95 15.98
C TYR C 332 15.30 41.45 17.09
N THR C 333 14.36 40.61 17.50
CA THR C 333 13.50 40.90 18.63
C THR C 333 13.58 39.72 19.59
N SER C 334 13.10 39.93 20.82
CA SER C 334 13.22 38.89 21.82
C SER C 334 11.88 38.23 22.07
N GLU C 335 11.93 36.94 22.38
CA GLU C 335 10.72 36.19 22.65
C GLU C 335 9.94 36.79 23.79
N LYS C 336 10.60 37.52 24.69
CA LYS C 336 9.87 38.31 25.66
C LYS C 336 9.21 39.50 24.98
N ASP C 337 10.01 40.31 24.27
CA ASP C 337 9.46 41.48 23.60
C ASP C 337 8.44 41.08 22.57
N LEU C 338 8.75 40.07 21.77
CA LEU C 338 7.82 39.54 20.78
C LEU C 338 7.05 38.43 21.46
N ASN C 339 5.77 38.68 21.70
CA ASN C 339 4.95 37.74 22.45
C ASN C 339 4.95 36.41 21.74
N GLY C 340 5.35 35.36 22.43
CA GLY C 340 5.43 34.07 21.77
C GLY C 340 6.14 33.06 22.64
N SER C 341 5.99 31.79 22.24
CA SER C 341 6.47 30.66 23.00
C SER C 341 7.43 29.85 22.15
N SER C 342 8.34 29.16 22.82
CA SER C 342 9.20 28.24 22.12
C SER C 342 8.38 27.15 21.45
N HIS C 343 8.59 26.98 20.16
CA HIS C 343 7.90 25.96 19.39
C HIS C 343 8.81 24.77 19.20
N TRP C 344 8.22 23.58 19.22
CA TRP C 344 8.97 22.34 19.10
C TRP C 344 8.80 21.79 17.70
N GLY C 345 9.86 21.91 16.91
CA GLY C 345 9.84 21.47 15.53
C GLY C 345 10.35 20.05 15.41
N ILE C 346 10.56 19.64 14.16
CA ILE C 346 10.89 18.24 13.96
C ILE C 346 12.38 17.98 14.17
N ILE C 347 13.27 18.84 13.67
CA ILE C 347 14.68 18.67 13.99
C ILE C 347 15.14 19.50 15.17
N ALA C 348 14.36 20.46 15.62
CA ALA C 348 14.83 21.31 16.71
C ALA C 348 13.65 22.02 17.35
N THR C 349 13.88 22.50 18.56
CA THR C 349 12.99 23.44 19.20
C THR C 349 13.40 24.84 18.80
N TYR C 350 12.42 25.72 18.64
CA TYR C 350 12.67 27.06 18.15
C TYR C 350 12.09 28.08 19.12
N SER C 351 12.91 29.03 19.52
CA SER C 351 12.43 30.10 20.37
C SER C 351 11.44 30.96 19.61
N GLY C 352 10.60 31.68 20.36
CA GLY C 352 9.70 32.62 19.73
C GLY C 352 10.42 33.81 19.12
N ALA C 353 11.59 34.15 19.63
CA ALA C 353 12.30 35.32 19.14
C ALA C 353 12.75 35.09 17.70
N GLY C 354 13.08 36.18 17.02
CA GLY C 354 13.64 36.06 15.70
C GLY C 354 13.42 37.34 14.90
N TYR C 355 13.47 37.17 13.60
CA TYR C 355 13.23 38.25 12.65
C TYR C 355 11.87 38.01 12.01
N TYR C 356 10.97 38.97 12.12
CA TYR C 356 9.61 38.77 11.68
C TYR C 356 9.12 39.96 10.89
N LEU C 357 7.98 39.77 10.24
CA LEU C 357 7.29 40.84 9.55
C LEU C 357 5.80 40.55 9.59
N ASP C 358 5.01 41.61 9.70
CA ASP C 358 3.56 41.48 9.68
C ASP C 358 3.04 41.91 8.33
N LEU C 359 2.18 41.09 7.75
CA LEU C 359 1.71 41.31 6.39
C LEU C 359 0.60 42.34 6.35
N SER C 360 -0.09 42.42 5.22
CA SER C 360 -1.12 43.43 5.02
C SER C 360 -2.48 42.76 4.85
N ARG C 361 -3.50 43.60 4.74
CA ARG C 361 -4.86 43.08 4.60
C ARG C 361 -5.17 42.69 3.16
N THR C 362 -4.40 43.21 2.20
CA THR C 362 -4.70 42.99 0.80
C THR C 362 -3.62 42.13 0.18
N ARG C 363 -4.03 41.29 -0.77
CA ARG C 363 -3.09 40.40 -1.44
C ARG C 363 -1.93 41.19 -2.05
N GLU C 364 -2.21 42.38 -2.56
CA GLU C 364 -1.19 43.13 -3.29
C GLU C 364 -0.13 43.66 -2.35
N GLU C 365 -0.53 44.42 -1.34
CA GLU C 365 0.41 45.02 -0.42
C GLU C 365 1.39 43.98 0.12
N THR C 366 0.85 42.82 0.53
CA THR C 366 1.71 41.73 0.96
C THR C 366 2.71 41.36 -0.12
N ALA C 367 2.22 41.14 -1.33
CA ALA C 367 3.12 40.79 -2.43
C ALA C 367 4.24 41.82 -2.55
N ALA C 368 3.91 43.10 -2.46
CA ALA C 368 4.94 44.12 -2.42
C ALA C 368 5.92 43.85 -1.28
N GLN C 369 5.40 43.60 -0.09
CA GLN C 369 6.25 43.27 1.04
C GLN C 369 7.09 42.05 0.74
N VAL C 370 6.44 40.96 0.33
CA VAL C 370 7.17 39.73 0.06
C VAL C 370 8.25 39.95 -0.97
N ALA C 371 7.88 40.54 -2.11
CA ALA C 371 8.87 40.79 -3.15
C ALA C 371 10.02 41.60 -2.61
N SER C 372 9.74 42.62 -1.81
CA SER C 372 10.82 43.37 -1.18
C SER C 372 11.70 42.45 -0.36
N LEU C 373 11.09 41.57 0.44
CA LEU C 373 11.87 40.60 1.18
C LEU C 373 12.55 39.61 0.26
N LYS C 374 12.02 39.41 -0.95
CA LYS C 374 12.72 38.56 -1.89
C LYS C 374 13.79 39.34 -2.65
N LYS C 375 13.49 40.59 -3.00
CA LYS C 375 14.47 41.43 -3.68
C LYS C 375 15.73 41.52 -2.84
N ASN C 376 15.65 42.21 -1.72
CA ASN C 376 16.65 42.00 -0.68
C ASN C 376 16.64 40.54 -0.33
N VAL C 377 17.79 40.02 0.07
CA VAL C 377 17.86 38.60 0.38
C VAL C 377 17.55 38.47 1.86
N TRP C 378 16.34 38.02 2.15
CA TRP C 378 15.93 37.84 3.53
C TRP C 378 16.03 36.39 3.97
N LEU C 379 16.36 35.49 3.06
CA LEU C 379 16.66 34.11 3.39
C LEU C 379 18.07 33.84 2.94
N ASP C 380 18.97 33.66 3.90
CA ASP C 380 20.38 33.53 3.55
C ASP C 380 20.91 32.20 4.03
N ARG C 381 22.20 31.99 3.86
CA ARG C 381 22.86 30.80 4.36
C ARG C 381 22.47 30.51 5.80
N GLY C 382 22.41 31.56 6.62
CA GLY C 382 22.21 31.36 8.04
C GLY C 382 20.78 31.24 8.49
N THR C 383 19.83 31.05 7.58
CA THR C 383 18.44 30.98 7.98
C THR C 383 18.05 29.54 8.24
N ARG C 384 17.85 29.18 9.50
CA ARG C 384 17.54 27.80 9.81
C ARG C 384 16.08 27.46 9.67
N ALA C 385 15.19 28.33 10.14
CA ALA C 385 13.78 27.99 10.14
C ALA C 385 12.95 29.25 10.00
N THR C 386 11.81 29.11 9.35
CA THR C 386 10.90 30.22 9.12
C THR C 386 9.51 29.81 9.52
N PHE C 387 8.73 30.79 9.98
CA PHE C 387 7.38 30.56 10.41
C PHE C 387 6.42 31.41 9.59
N ILE C 388 5.23 30.87 9.36
CA ILE C 388 4.13 31.63 8.81
C ILE C 388 2.93 31.35 9.67
N ASP C 389 2.43 32.37 10.37
CA ASP C 389 1.36 32.20 11.32
C ASP C 389 0.23 33.14 10.97
N PHE C 390 -0.98 32.60 10.93
CA PHE C 390 -2.16 33.41 10.75
C PHE C 390 -3.35 32.63 11.28
N SER C 391 -4.44 33.33 11.51
CA SER C 391 -5.64 32.74 12.06
C SER C 391 -6.82 33.04 11.16
N VAL C 392 -7.82 32.18 11.23
CA VAL C 392 -8.99 32.26 10.36
C VAL C 392 -10.22 31.98 11.20
N TYR C 393 -11.25 32.78 11.01
CA TYR C 393 -12.51 32.59 11.70
C TYR C 393 -13.57 32.14 10.71
N ASN C 394 -14.46 31.26 11.17
CA ASN C 394 -15.64 30.88 10.42
C ASN C 394 -16.88 31.30 11.20
N ALA C 395 -17.80 31.96 10.52
CA ALA C 395 -19.02 32.39 11.17
C ALA C 395 -20.18 31.44 10.99
N ASN C 396 -20.08 30.46 10.11
CA ASN C 396 -21.25 29.62 9.88
C ASN C 396 -21.41 28.71 11.09
N ILE C 397 -20.54 27.73 11.22
CA ILE C 397 -20.23 27.29 12.56
C ILE C 397 -19.32 28.33 13.18
N ASN C 398 -19.27 28.33 14.49
CA ASN C 398 -18.47 29.33 15.19
C ASN C 398 -17.18 28.65 15.60
N LEU C 399 -16.10 28.98 14.90
CA LEU C 399 -14.80 28.39 15.19
C LEU C 399 -13.68 29.27 14.66
N PHE C 400 -12.51 29.07 15.22
CA PHE C 400 -11.28 29.68 14.74
C PHE C 400 -10.31 28.60 14.32
N CYS C 401 -9.66 28.82 13.19
CA CYS C 401 -8.58 27.93 12.77
C CYS C 401 -7.28 28.71 12.91
N VAL C 402 -6.33 28.13 13.63
CA VAL C 402 -5.02 28.74 13.81
C VAL C 402 -4.01 27.94 13.03
N VAL C 403 -3.19 28.63 12.26
CA VAL C 403 -2.31 27.99 11.30
C VAL C 403 -0.87 28.39 11.58
N ARG C 404 0.01 27.39 11.65
CA ARG C 404 1.44 27.62 11.69
C ARG C 404 2.08 26.84 10.55
N LEU C 405 2.64 27.56 9.60
CA LEU C 405 3.41 26.95 8.54
C LEU C 405 4.87 27.07 8.92
N LEU C 406 5.53 25.93 9.10
CA LEU C 406 6.88 25.88 9.60
C LEU C 406 7.77 25.28 8.54
N VAL C 407 8.89 25.94 8.28
CA VAL C 407 9.82 25.50 7.25
C VAL C 407 11.22 25.54 7.84
N GLU C 408 11.90 24.41 7.82
CA GLU C 408 13.22 24.27 8.40
C GLU C 408 14.27 24.12 7.31
N PHE C 409 15.46 24.64 7.60
CA PHE C 409 16.58 24.64 6.67
C PHE C 409 17.76 24.01 7.38
N PRO C 410 17.96 22.71 7.26
CA PRO C 410 19.12 22.09 7.88
C PRO C 410 20.41 22.70 7.35
N ALA C 411 21.46 22.57 8.15
CA ALA C 411 22.78 22.98 7.70
C ALA C 411 23.19 22.23 6.45
N THR C 412 22.51 21.14 6.14
CA THR C 412 22.77 20.36 4.96
C THR C 412 22.07 20.92 3.73
N GLY C 413 21.39 22.04 3.87
CA GLY C 413 20.61 22.59 2.79
C GLY C 413 19.28 21.87 2.65
N GLY C 414 18.49 22.34 1.70
CA GLY C 414 17.19 21.78 1.48
C GLY C 414 16.17 22.35 2.45
N VAL C 415 14.99 21.75 2.41
CA VAL C 415 13.82 22.28 3.11
C VAL C 415 13.05 21.14 3.74
N ILE C 416 12.56 21.37 4.95
CA ILE C 416 11.72 20.39 5.62
C ILE C 416 10.42 21.06 6.05
N PRO C 417 9.38 21.00 5.24
CA PRO C 417 8.14 21.69 5.59
C PRO C 417 7.35 20.93 6.63
N SER C 418 6.61 21.68 7.43
CA SER C 418 5.68 21.11 8.39
C SER C 418 4.60 22.15 8.64
N TRP C 419 3.45 21.66 9.08
CA TRP C 419 2.28 22.52 9.17
C TRP C 419 1.42 22.09 10.34
N GLN C 420 0.64 23.03 10.83
CA GLN C 420 -0.28 22.76 11.92
C GLN C 420 -1.55 23.56 11.71
N PHE C 421 -2.69 22.91 11.79
CA PHE C 421 -3.99 23.55 11.68
C PHE C 421 -4.78 23.24 12.92
N GLN C 422 -5.05 24.26 13.73
CA GLN C 422 -5.73 24.01 14.99
C GLN C 422 -7.07 24.73 15.04
N PRO C 423 -8.16 24.00 15.14
CA PRO C 423 -9.45 24.64 15.42
C PRO C 423 -9.56 25.03 16.88
N LEU C 424 -10.26 26.13 17.12
CA LEU C 424 -10.49 26.59 18.47
C LEU C 424 -11.93 27.05 18.61
N LYS C 425 -12.51 26.77 19.76
CA LYS C 425 -13.79 27.34 20.13
C LYS C 425 -13.46 28.41 21.17
N LEU C 426 -13.42 29.67 20.74
CA LEU C 426 -13.07 30.73 21.68
C LEU C 426 -14.29 31.24 22.44
N ILE C 427 -15.39 31.48 21.73
CA ILE C 427 -16.61 31.97 22.37
C ILE C 427 -17.42 30.72 22.70
N ARG C 428 -17.51 30.42 23.99
CA ARG C 428 -18.15 29.18 24.41
C ARG C 428 -19.64 29.36 24.59
N TYR C 429 -20.11 30.60 24.60
CA TYR C 429 -21.52 30.87 24.85
C TYR C 429 -22.15 31.50 23.62
N VAL C 430 -22.95 30.70 22.91
CA VAL C 430 -23.85 31.22 21.88
C VAL C 430 -25.21 30.55 22.05
N THR C 431 -25.27 29.26 21.76
CA THR C 431 -26.50 28.50 21.83
C THR C 431 -26.82 28.09 23.26
N THR C 432 -28.11 27.86 23.52
CA THR C 432 -28.53 27.34 24.82
C THR C 432 -27.77 26.05 25.16
N PHE C 433 -27.61 25.17 24.17
CA PHE C 433 -26.82 23.97 24.37
C PHE C 433 -25.43 24.31 24.89
N ASP C 434 -24.82 25.36 24.36
CA ASP C 434 -23.52 25.79 24.85
C ASP C 434 -23.61 26.21 26.30
N PHE C 435 -24.70 26.86 26.69
CA PHE C 435 -24.89 27.19 28.11
C PHE C 435 -25.17 25.94 28.92
N PHE C 436 -25.92 25.01 28.35
CA PHE C 436 -26.20 23.75 29.05
C PHE C 436 -24.91 23.03 29.40
N LEU C 437 -23.92 23.07 28.50
CA LEU C 437 -22.64 22.45 28.80
C LEU C 437 -21.94 23.18 29.94
N ALA C 438 -22.03 24.51 29.96
CA ALA C 438 -21.43 25.28 31.04
C ALA C 438 -21.97 24.83 32.39
N ALA C 439 -23.28 24.58 32.47
CA ALA C 439 -23.84 23.99 33.68
C ALA C 439 -23.18 22.66 33.99
N CYS C 440 -23.20 21.75 33.01
CA CYS C 440 -22.60 20.44 33.21
C CYS C 440 -21.15 20.55 33.64
N GLU C 441 -20.41 21.52 33.06
CA GLU C 441 -19.02 21.70 33.44
C GLU C 441 -18.89 21.97 34.94
N ILE C 442 -19.69 22.91 35.46
CA ILE C 442 -19.69 23.16 36.90
C ILE C 442 -20.24 21.94 37.63
N ILE C 443 -21.27 21.30 37.07
CA ILE C 443 -21.76 20.04 37.62
C ILE C 443 -20.64 19.02 37.67
N PHE C 444 -19.95 18.84 36.54
CA PHE C 444 -18.83 17.92 36.48
C PHE C 444 -17.75 18.25 37.49
N CYS C 445 -17.55 19.55 37.75
CA CYS C 445 -16.55 19.95 38.74
C CYS C 445 -16.88 19.39 40.12
N PHE C 446 -18.17 19.29 40.45
CA PHE C 446 -18.55 18.78 41.75
C PHE C 446 -18.10 17.34 41.94
N PHE C 447 -18.28 16.51 40.92
CA PHE C 447 -17.96 15.09 41.03
C PHE C 447 -16.51 14.87 41.42
N ILE C 448 -15.59 15.52 40.71
CA ILE C 448 -14.18 15.32 41.00
C ILE C 448 -13.88 15.67 42.44
N PHE C 449 -14.32 16.86 42.86
CA PHE C 449 -14.17 17.26 44.26
C PHE C 449 -14.72 16.19 45.19
N TYR C 450 -15.83 15.55 44.80
CA TYR C 450 -16.34 14.42 45.57
C TYR C 450 -15.32 13.29 45.61
N TYR C 451 -14.82 12.87 44.45
CA TYR C 451 -13.85 11.79 44.42
C TYR C 451 -12.57 12.16 45.16
N VAL C 452 -12.22 13.46 45.17
CA VAL C 452 -11.04 13.89 45.92
C VAL C 452 -11.13 13.42 47.36
N VAL C 453 -12.26 13.65 48.00
CA VAL C 453 -12.43 13.23 49.39
C VAL C 453 -12.32 11.72 49.50
N GLU C 454 -13.06 11.00 48.65
CA GLU C 454 -13.04 9.54 48.71
C GLU C 454 -11.64 8.99 48.53
N GLU C 455 -10.78 9.73 47.84
CA GLU C 455 -9.40 9.30 47.62
C GLU C 455 -8.54 9.40 48.87
N ILE C 456 -9.07 9.96 49.96
CA ILE C 456 -8.23 10.29 51.09
C ILE C 456 -8.28 9.16 52.11
N LEU C 457 -7.12 8.58 52.40
CA LEU C 457 -7.00 7.59 53.47
C LEU C 457 -6.33 8.22 54.68
N ARG C 468 -3.37 -3.03 47.49
CA ARG C 468 -2.36 -2.00 47.26
C ARG C 468 -2.95 -0.62 46.90
N SER C 469 -3.85 -0.49 45.92
CA SER C 469 -4.32 -1.56 45.03
C SER C 469 -4.37 -1.03 43.62
N PHE C 470 -4.54 -1.95 42.66
CA PHE C 470 -4.58 -1.53 41.27
C PHE C 470 -5.66 -0.49 41.03
N TRP C 471 -6.90 -0.82 41.37
CA TRP C 471 -7.98 0.13 41.15
C TRP C 471 -7.73 1.42 41.90
N ASN C 472 -7.18 1.32 43.12
CA ASN C 472 -6.72 2.52 43.79
C ASN C 472 -5.70 3.25 42.94
N CYS C 473 -4.63 2.56 42.54
CA CYS C 473 -3.66 3.16 41.64
C CYS C 473 -4.35 3.77 40.43
N LEU C 474 -5.33 3.09 39.86
CA LEU C 474 -6.09 3.66 38.76
C LEU C 474 -6.82 4.92 39.20
N ASP C 475 -7.64 4.80 40.24
CA ASP C 475 -8.50 5.92 40.64
C ASP C 475 -7.70 7.19 40.83
N VAL C 476 -6.49 7.07 41.38
CA VAL C 476 -5.63 8.23 41.55
C VAL C 476 -5.42 8.92 40.21
N VAL C 477 -4.99 8.17 39.22
CA VAL C 477 -4.67 8.74 37.91
C VAL C 477 -5.82 9.59 37.39
N ILE C 478 -7.01 8.98 37.32
CA ILE C 478 -8.17 9.70 36.80
C ILE C 478 -8.37 11.00 37.56
N VAL C 479 -8.26 10.95 38.88
CA VAL C 479 -8.40 12.17 39.67
C VAL C 479 -7.34 13.18 39.25
N VAL C 480 -6.09 12.74 39.19
CA VAL C 480 -5.00 13.63 38.82
C VAL C 480 -5.30 14.32 37.51
N LEU C 481 -5.37 13.55 36.43
CA LEU C 481 -5.60 14.11 35.11
C LEU C 481 -6.79 15.05 35.11
N SER C 482 -7.87 14.64 35.75
CA SER C 482 -9.05 15.48 35.83
C SER C 482 -8.71 16.86 36.35
N VAL C 483 -7.95 16.92 37.43
CA VAL C 483 -7.55 18.22 37.97
C VAL C 483 -6.81 19.02 36.92
N VAL C 484 -5.72 18.47 36.41
CA VAL C 484 -4.90 19.17 35.44
C VAL C 484 -5.76 19.66 34.29
N ALA C 485 -6.65 18.81 33.81
CA ALA C 485 -7.57 19.22 32.76
C ALA C 485 -8.34 20.46 33.17
N ILE C 486 -8.83 20.49 34.41
CA ILE C 486 -9.59 21.65 34.85
C ILE C 486 -8.69 22.86 34.99
N GLY C 487 -7.56 22.71 35.69
CA GLY C 487 -6.66 23.84 35.86
C GLY C 487 -6.31 24.48 34.55
N ILE C 488 -5.91 23.68 33.57
CA ILE C 488 -5.71 24.19 32.22
C ILE C 488 -6.95 24.91 31.74
N ASN C 489 -8.11 24.26 31.88
CA ASN C 489 -9.34 24.84 31.37
C ASN C 489 -9.58 26.22 31.95
N ILE C 490 -9.20 26.44 33.20
CA ILE C 490 -9.59 27.68 33.85
C ILE C 490 -8.56 28.76 33.60
N TYR C 491 -7.41 28.68 34.27
CA TYR C 491 -6.54 29.84 34.28
C TYR C 491 -5.65 29.86 33.05
N ARG C 492 -5.84 28.92 32.13
CA ARG C 492 -5.06 28.96 30.91
C ARG C 492 -5.96 29.27 29.71
N THR C 493 -6.78 28.31 29.30
CA THR C 493 -7.62 28.49 28.12
C THR C 493 -8.72 29.51 28.31
N SER C 494 -9.30 29.61 29.50
CA SER C 494 -10.45 30.50 29.67
C SER C 494 -10.03 31.96 29.64
N ASN C 495 -8.73 32.23 29.52
CA ASN C 495 -8.24 33.59 29.55
C ASN C 495 -8.90 34.44 28.47
N VAL C 496 -8.72 34.05 27.21
CA VAL C 496 -9.39 34.68 26.08
C VAL C 496 -9.03 36.17 26.06
N GLU C 497 -7.90 36.51 26.68
CA GLU C 497 -7.50 37.91 26.73
C GLU C 497 -7.05 38.41 25.36
N VAL C 498 -6.35 37.56 24.61
CA VAL C 498 -5.85 37.97 23.30
C VAL C 498 -7.01 38.31 22.39
N LEU C 499 -8.07 37.51 22.42
CA LEU C 499 -9.25 37.81 21.61
C LEU C 499 -9.75 39.21 21.91
N LEU C 500 -10.06 39.48 23.17
CA LEU C 500 -10.61 40.77 23.54
C LEU C 500 -9.68 41.90 23.14
N GLN C 501 -8.36 41.67 23.24
CA GLN C 501 -7.42 42.63 22.71
C GLN C 501 -7.54 42.74 21.19
N PHE C 502 -7.46 41.60 20.50
CA PHE C 502 -7.56 41.63 19.05
C PHE C 502 -8.88 42.23 18.59
N LEU C 503 -9.97 41.89 19.27
CA LEU C 503 -11.25 42.49 18.92
C LEU C 503 -11.19 44.00 18.91
N GLU C 504 -10.39 44.60 19.80
CA GLU C 504 -10.21 46.04 19.76
C GLU C 504 -9.54 46.47 18.45
N ASP C 505 -8.34 45.95 18.18
CA ASP C 505 -7.59 46.33 16.99
C ASP C 505 -7.50 45.10 16.09
N GLN C 506 -8.22 45.12 14.98
CA GLN C 506 -8.26 43.99 14.08
C GLN C 506 -7.24 44.08 12.96
N ASN C 507 -6.37 45.09 12.98
CA ASN C 507 -5.33 45.22 11.98
C ASN C 507 -3.99 44.65 12.43
N THR C 508 -3.91 44.07 13.61
CA THR C 508 -2.66 43.55 14.11
C THR C 508 -2.57 42.05 13.87
N PHE C 509 -1.54 41.43 14.42
CA PHE C 509 -1.41 39.99 14.39
C PHE C 509 -1.99 39.40 15.66
N PRO C 510 -3.01 38.61 15.55
CA PRO C 510 -3.66 38.05 16.74
C PRO C 510 -2.94 36.82 17.28
N ASN C 511 -1.93 36.99 18.13
CA ASN C 511 -1.13 35.84 18.49
C ASN C 511 -1.99 34.86 19.27
N PHE C 512 -2.28 33.73 18.67
CA PHE C 512 -3.00 32.66 19.33
C PHE C 512 -2.12 31.47 19.69
N GLU C 513 -0.84 31.50 19.32
CA GLU C 513 -0.02 30.31 19.35
C GLU C 513 -0.15 29.57 20.67
N HIS C 514 -0.23 30.31 21.77
CA HIS C 514 -0.42 29.65 23.06
C HIS C 514 -1.79 29.01 23.15
N LEU C 515 -2.84 29.79 22.86
CA LEU C 515 -4.18 29.27 23.00
C LEU C 515 -4.33 27.97 22.25
N ALA C 516 -3.85 27.93 21.01
CA ALA C 516 -3.81 26.67 20.30
C ALA C 516 -3.01 25.64 21.07
N TYR C 517 -1.82 26.01 21.51
CA TYR C 517 -0.95 25.08 22.20
C TYR C 517 -1.68 24.39 23.34
N TRP C 518 -2.42 25.15 24.13
CA TRP C 518 -2.98 24.56 25.34
C TRP C 518 -4.16 23.67 25.04
N GLN C 519 -5.09 24.11 24.20
CA GLN C 519 -6.24 23.27 23.94
C GLN C 519 -5.81 21.93 23.36
N ILE C 520 -4.70 21.90 22.64
CA ILE C 520 -4.09 20.63 22.28
C ILE C 520 -3.79 19.84 23.54
N GLN C 521 -2.98 20.42 24.43
CA GLN C 521 -2.71 19.79 25.70
C GLN C 521 -4.01 19.42 26.39
N PHE C 522 -5.00 20.30 26.33
CA PHE C 522 -6.30 19.98 26.91
C PHE C 522 -6.88 18.74 26.28
N ASN C 523 -7.08 18.76 24.96
CA ASN C 523 -7.66 17.60 24.30
C ASN C 523 -6.82 16.35 24.55
N ASN C 524 -5.51 16.50 24.57
CA ASN C 524 -4.67 15.36 24.91
C ASN C 524 -5.07 14.78 26.25
N ILE C 525 -5.04 15.60 27.29
CA ILE C 525 -5.40 15.10 28.61
C ILE C 525 -6.85 14.66 28.64
N ALA C 526 -7.75 15.51 28.15
CA ALA C 526 -9.16 15.18 28.17
C ALA C 526 -9.41 13.80 27.59
N ALA C 527 -8.80 13.51 26.44
CA ALA C 527 -8.98 12.19 25.85
C ALA C 527 -8.51 11.09 26.79
N VAL C 528 -7.26 11.20 27.25
CA VAL C 528 -6.69 10.15 28.09
C VAL C 528 -7.58 9.87 29.29
N THR C 529 -8.14 10.91 29.89
CA THR C 529 -9.06 10.70 31.00
C THR C 529 -10.17 9.77 30.59
N VAL C 530 -10.90 10.15 29.54
CA VAL C 530 -12.02 9.35 29.06
C VAL C 530 -11.58 7.91 28.90
N PHE C 531 -10.44 7.69 28.28
CA PHE C 531 -9.94 6.34 28.10
C PHE C 531 -9.90 5.59 29.42
N PHE C 532 -9.20 6.16 30.41
CA PHE C 532 -9.14 5.51 31.70
C PHE C 532 -10.49 5.40 32.36
N VAL C 533 -11.35 6.39 32.16
CA VAL C 533 -12.66 6.32 32.78
C VAL C 533 -13.39 5.06 32.37
N TRP C 534 -13.38 4.76 31.07
CA TRP C 534 -13.99 3.51 30.62
C TRP C 534 -13.34 2.33 31.30
N ILE C 535 -12.02 2.30 31.34
CA ILE C 535 -11.34 1.16 31.94
C ILE C 535 -11.79 0.96 33.37
N LYS C 536 -12.10 2.05 34.09
CA LYS C 536 -12.56 1.88 35.45
C LYS C 536 -13.83 1.05 35.51
N LEU C 537 -14.55 0.92 34.40
CA LEU C 537 -15.79 0.16 34.41
C LEU C 537 -15.57 -1.31 34.72
N PHE C 538 -14.39 -1.85 34.39
CA PHE C 538 -14.12 -3.25 34.69
C PHE C 538 -14.32 -3.57 36.16
N LYS C 539 -14.00 -2.63 37.03
CA LYS C 539 -14.11 -2.88 38.46
C LYS C 539 -15.49 -3.37 38.83
N PHE C 540 -16.48 -3.07 38.01
CA PHE C 540 -17.87 -3.42 38.28
C PHE C 540 -18.34 -4.66 37.55
N ILE C 541 -17.49 -5.30 36.74
CA ILE C 541 -17.97 -6.36 35.87
C ILE C 541 -17.89 -7.73 36.52
N ASN C 542 -17.37 -7.83 37.73
CA ASN C 542 -17.11 -9.15 38.28
C ASN C 542 -18.36 -9.83 38.83
N PHE C 543 -19.53 -9.20 38.68
CA PHE C 543 -20.77 -9.79 39.14
C PHE C 543 -20.90 -11.24 38.67
N ASN C 544 -20.63 -11.49 37.40
CA ASN C 544 -20.81 -12.82 36.85
C ASN C 544 -19.64 -13.71 37.21
N ARG C 545 -19.92 -15.01 37.30
CA ARG C 545 -18.86 -15.98 37.49
C ARG C 545 -17.81 -15.84 36.41
N THR C 546 -18.24 -15.95 35.14
CA THR C 546 -17.30 -15.93 34.03
C THR C 546 -16.37 -14.74 34.13
N MET C 547 -16.93 -13.55 34.30
CA MET C 547 -16.09 -12.37 34.44
C MET C 547 -15.15 -12.51 35.63
N SER C 548 -15.70 -12.75 36.81
CA SER C 548 -14.87 -12.97 37.99
C SER C 548 -13.81 -14.02 37.72
N GLN C 549 -14.17 -15.08 37.00
CA GLN C 549 -13.15 -16.02 36.54
C GLN C 549 -12.10 -15.32 35.72
N LEU C 550 -12.53 -14.66 34.63
CA LEU C 550 -11.58 -14.01 33.75
C LEU C 550 -10.77 -12.95 34.49
N SER C 551 -11.43 -12.23 35.40
CA SER C 551 -10.74 -11.18 36.14
C SER C 551 -9.47 -11.70 36.78
N THR C 552 -9.59 -12.78 37.57
CA THR C 552 -8.42 -13.26 38.28
C THR C 552 -7.40 -13.87 37.34
N THR C 553 -7.83 -14.34 36.17
CA THR C 553 -6.89 -14.94 35.24
C THR C 553 -5.87 -13.92 34.76
N MET C 554 -6.34 -12.84 34.13
CA MET C 554 -5.42 -11.84 33.62
C MET C 554 -4.55 -11.27 34.72
N SER C 555 -5.10 -11.16 35.93
CA SER C 555 -4.28 -10.75 37.06
C SER C 555 -3.10 -11.69 37.23
N ARG C 556 -3.36 -12.99 37.21
CA ARG C 556 -2.25 -13.92 37.28
C ARG C 556 -1.42 -13.89 36.01
N CYS C 557 -2.03 -13.55 34.88
CA CYS C 557 -1.27 -13.42 33.65
C CYS C 557 -0.13 -12.42 33.81
N ALA C 558 -0.35 -11.39 34.63
CA ALA C 558 0.52 -10.23 34.63
C ALA C 558 1.97 -10.59 34.94
N LYS C 559 2.20 -11.21 36.10
CA LYS C 559 3.57 -11.34 36.58
C LYS C 559 4.44 -12.08 35.59
N ASP C 560 3.96 -13.21 35.08
CA ASP C 560 4.76 -13.97 34.12
C ASP C 560 4.99 -13.16 32.85
N LEU C 561 3.97 -12.45 32.39
CA LEU C 561 4.15 -11.59 31.22
C LEU C 561 5.20 -10.54 31.47
N PHE C 562 5.02 -9.76 32.52
CA PHE C 562 5.90 -8.62 32.76
C PHE C 562 7.35 -9.05 32.75
N GLY C 563 7.64 -10.23 33.27
CA GLY C 563 9.00 -10.74 33.16
C GLY C 563 9.42 -10.92 31.72
N PHE C 564 8.66 -11.70 30.97
CA PHE C 564 9.05 -11.99 29.60
C PHE C 564 9.04 -10.75 28.72
N ALA C 565 8.12 -9.83 28.98
CA ALA C 565 8.10 -8.60 28.20
C ALA C 565 9.46 -7.92 28.25
N ILE C 566 10.08 -7.87 29.42
CA ILE C 566 11.44 -7.36 29.52
C ILE C 566 12.34 -8.13 28.59
N MET C 567 12.37 -9.45 28.74
CA MET C 567 13.14 -10.29 27.84
C MET C 567 12.84 -9.97 26.40
N PHE C 568 11.59 -9.64 26.10
CA PHE C 568 11.23 -9.37 24.72
C PHE C 568 11.87 -8.09 24.22
N PHE C 569 11.59 -6.97 24.88
CA PHE C 569 11.99 -5.68 24.30
C PHE C 569 13.49 -5.55 24.21
N ILE C 570 14.22 -6.16 25.14
CA ILE C 570 15.67 -6.15 25.03
C ILE C 570 16.10 -6.58 23.64
N ILE C 571 15.57 -7.70 23.18
CA ILE C 571 15.82 -8.08 21.80
C ILE C 571 15.19 -7.07 20.85
N PHE C 572 13.93 -6.72 21.08
CA PHE C 572 13.25 -5.82 20.17
C PHE C 572 14.01 -4.53 20.01
N LEU C 573 14.56 -4.00 21.10
CA LEU C 573 15.35 -2.79 20.99
C LEU C 573 16.67 -3.06 20.30
N ALA C 574 17.24 -4.25 20.52
CA ALA C 574 18.51 -4.56 19.88
C ALA C 574 18.43 -4.37 18.38
N TYR C 575 17.46 -5.04 17.74
CA TYR C 575 17.22 -4.80 16.33
C TYR C 575 17.05 -3.32 16.04
N ALA C 576 16.23 -2.64 16.84
CA ALA C 576 16.01 -1.22 16.60
C ALA C 576 17.33 -0.48 16.55
N GLN C 577 18.15 -0.63 17.58
CA GLN C 577 19.43 0.06 17.58
C GLN C 577 20.29 -0.41 16.43
N LEU C 578 20.19 -1.69 16.08
CA LEU C 578 20.89 -2.17 14.89
C LEU C 578 20.39 -1.45 13.66
N ALA C 579 19.09 -1.56 13.38
CA ALA C 579 18.55 -0.94 12.19
C ALA C 579 18.90 0.54 12.14
N TYR C 580 18.82 1.23 13.26
CA TYR C 580 19.14 2.64 13.27
C TYR C 580 20.58 2.90 12.85
N LEU C 581 21.49 1.96 13.13
CA LEU C 581 22.85 2.14 12.68
C LEU C 581 22.99 1.82 11.20
N VAL C 582 22.46 0.67 10.78
CA VAL C 582 22.57 0.28 9.38
C VAL C 582 21.80 1.24 8.51
N PHE C 583 20.53 1.41 8.79
CA PHE C 583 19.67 2.31 8.05
C PHE C 583 19.70 3.64 8.75
N GLY C 584 18.77 4.53 8.42
CA GLY C 584 18.64 5.77 9.12
C GLY C 584 19.56 6.86 8.63
N THR C 585 20.61 6.50 7.91
CA THR C 585 21.23 7.44 7.01
C THR C 585 20.68 7.30 5.61
N GLN C 586 19.76 6.37 5.41
CA GLN C 586 19.22 6.11 4.10
C GLN C 586 17.71 6.19 4.12
N VAL C 587 17.09 5.29 4.88
CA VAL C 587 15.65 5.09 4.80
C VAL C 587 14.96 6.08 5.72
N ASP C 588 13.93 6.75 5.18
CA ASP C 588 13.13 7.64 6.00
C ASP C 588 12.61 6.93 7.24
N ASP C 589 11.99 5.76 7.05
CA ASP C 589 11.33 5.09 8.15
C ASP C 589 12.26 4.88 9.34
N PHE C 590 13.55 4.70 9.08
CA PHE C 590 14.52 4.49 10.14
C PHE C 590 15.25 5.76 10.53
N SER C 591 14.85 6.91 9.99
CA SER C 591 15.63 8.13 10.15
C SER C 591 16.05 8.38 11.58
N THR C 592 15.11 8.30 12.51
CA THR C 592 15.42 8.55 13.91
C THR C 592 15.16 7.29 14.72
N PHE C 593 15.87 7.18 15.84
CA PHE C 593 15.76 5.99 16.64
C PHE C 593 14.33 5.74 17.08
N GLN C 594 13.58 6.80 17.40
CA GLN C 594 12.19 6.62 17.75
C GLN C 594 11.46 5.87 16.65
N GLU C 595 11.50 6.42 15.45
CA GLU C 595 10.71 5.85 14.37
C GLU C 595 11.20 4.48 13.97
N CYS C 596 12.46 4.15 14.29
CA CYS C 596 12.89 2.78 14.14
C CYS C 596 12.01 1.85 14.95
N ILE C 597 11.83 2.15 16.23
CA ILE C 597 10.94 1.34 17.06
C ILE C 597 9.57 1.24 16.42
N PHE C 598 9.00 2.39 16.07
CA PHE C 598 7.70 2.39 15.41
C PHE C 598 7.72 1.49 14.18
N THR C 599 8.73 1.66 13.35
CA THR C 599 8.78 0.91 12.10
C THR C 599 8.71 -0.58 12.37
N GLN C 600 9.39 -1.05 13.41
CA GLN C 600 9.39 -2.47 13.66
C GLN C 600 8.00 -2.97 14.00
N PHE C 601 7.22 -2.20 14.74
CA PHE C 601 5.85 -2.61 14.98
C PHE C 601 5.09 -2.76 13.67
N ARG C 602 5.21 -1.79 12.77
CA ARG C 602 4.52 -1.93 11.50
C ARG C 602 4.96 -3.18 10.77
N ILE C 603 6.22 -3.56 10.94
CA ILE C 603 6.69 -4.80 10.34
C ILE C 603 5.98 -5.98 10.95
N ILE C 604 5.94 -6.04 12.27
CA ILE C 604 5.23 -7.13 12.93
C ILE C 604 3.81 -7.22 12.44
N LEU C 605 3.19 -6.08 12.18
CA LEU C 605 1.83 -6.10 11.67
C LEU C 605 1.78 -6.38 10.18
N GLY C 606 2.89 -6.22 9.48
CA GLY C 606 2.92 -6.46 8.06
C GLY C 606 2.98 -5.22 7.21
N ASP C 607 2.91 -4.04 7.81
CA ASP C 607 3.10 -2.82 7.03
C ASP C 607 4.58 -2.63 6.82
N ILE C 608 5.02 -2.64 5.57
CA ILE C 608 6.43 -2.68 5.26
C ILE C 608 6.66 -1.94 3.96
N ASN C 609 7.77 -1.24 3.87
CA ASN C 609 8.40 -0.95 2.59
C ASN C 609 9.68 -1.75 2.61
N PHE C 610 9.70 -2.86 1.89
CA PHE C 610 10.90 -3.67 1.85
C PHE C 610 11.90 -3.15 0.84
N ALA C 611 11.40 -2.67 -0.30
CA ALA C 611 12.28 -2.28 -1.40
C ALA C 611 13.36 -1.33 -0.92
N GLU C 612 12.96 -0.23 -0.28
CA GLU C 612 13.94 0.75 0.11
C GLU C 612 14.92 0.20 1.13
N ILE C 613 14.51 -0.77 1.94
CA ILE C 613 15.47 -1.44 2.80
C ILE C 613 16.52 -2.14 1.97
N GLU C 614 16.08 -3.00 1.05
CA GLU C 614 17.03 -3.71 0.20
C GLU C 614 17.89 -2.74 -0.58
N GLU C 615 17.32 -1.63 -1.03
CA GLU C 615 18.13 -0.63 -1.72
C GLU C 615 19.17 -0.04 -0.80
N ALA C 616 18.82 0.19 0.46
CA ALA C 616 19.75 0.83 1.39
C ALA C 616 20.99 -0.02 1.59
N ASN C 617 20.81 -1.25 2.04
CA ASN C 617 21.92 -2.18 2.17
C ASN C 617 21.47 -3.52 1.60
N ARG C 618 22.08 -3.93 0.51
CA ARG C 618 21.68 -5.16 -0.15
C ARG C 618 22.01 -6.40 0.65
N VAL C 619 22.84 -6.28 1.69
CA VAL C 619 23.25 -7.42 2.48
C VAL C 619 22.53 -7.45 3.81
N LEU C 620 22.84 -6.51 4.70
CA LEU C 620 22.22 -6.53 6.00
C LEU C 620 20.72 -6.31 5.91
N GLY C 621 20.29 -5.51 4.96
CA GLY C 621 18.88 -5.23 4.80
C GLY C 621 18.06 -6.50 4.77
N PRO C 622 18.39 -7.40 3.86
CA PRO C 622 17.70 -8.69 3.87
C PRO C 622 17.91 -9.45 5.16
N ILE C 623 19.15 -9.52 5.63
CA ILE C 623 19.43 -10.28 6.84
C ILE C 623 18.62 -9.74 8.00
N TYR C 624 18.70 -8.43 8.23
CA TYR C 624 17.90 -7.81 9.26
C TYR C 624 16.44 -8.21 9.12
N PHE C 625 15.87 -7.93 7.96
CA PHE C 625 14.45 -8.17 7.76
C PHE C 625 14.13 -9.64 7.95
N THR C 626 14.92 -10.52 7.37
CA THR C 626 14.64 -11.93 7.49
C THR C 626 14.72 -12.40 8.93
N THR C 627 15.89 -12.22 9.55
CA THR C 627 16.06 -12.68 10.92
C THR C 627 15.03 -12.08 11.84
N PHE C 628 14.82 -10.76 11.75
CA PHE C 628 13.84 -10.12 12.61
C PHE C 628 12.48 -10.76 12.44
N VAL C 629 11.96 -10.77 11.21
CA VAL C 629 10.68 -11.40 10.97
C VAL C 629 10.69 -12.84 11.46
N PHE C 630 11.85 -13.48 11.44
CA PHE C 630 11.85 -14.86 11.86
C PHE C 630 11.71 -14.95 13.37
N PHE C 631 12.75 -14.56 14.10
CA PHE C 631 12.73 -14.77 15.54
C PHE C 631 11.59 -14.04 16.20
N MET C 632 11.38 -12.78 15.85
CA MET C 632 10.33 -12.02 16.49
C MET C 632 8.97 -12.61 16.18
N PHE C 633 8.63 -12.70 14.91
CA PHE C 633 7.25 -13.00 14.57
C PHE C 633 6.92 -14.48 14.69
N PHE C 634 7.83 -15.35 14.30
CA PHE C 634 7.55 -16.78 14.44
C PHE C 634 7.68 -17.20 15.90
N ILE C 635 8.86 -17.04 16.46
CA ILE C 635 9.11 -17.56 17.79
C ILE C 635 8.59 -16.61 18.86
N LEU C 636 9.24 -15.46 19.01
CA LEU C 636 9.07 -14.67 20.23
C LEU C 636 7.63 -14.29 20.48
N LEU C 637 6.89 -13.87 19.44
CA LEU C 637 5.49 -13.56 19.67
C LEU C 637 4.77 -14.75 20.26
N ASN C 638 4.92 -15.90 19.63
CA ASN C 638 4.30 -17.10 20.15
C ASN C 638 4.66 -17.35 21.61
N MET C 639 5.81 -16.88 22.06
CA MET C 639 6.19 -17.13 23.43
C MET C 639 5.24 -16.43 24.40
N PHE C 640 4.78 -15.22 24.06
CA PHE C 640 3.69 -14.62 24.81
C PHE C 640 2.53 -15.59 24.92
N LEU C 641 1.89 -15.85 23.79
CA LEU C 641 0.69 -16.68 23.79
C LEU C 641 0.92 -17.98 24.52
N ALA C 642 2.13 -18.53 24.46
CA ALA C 642 2.42 -19.72 25.23
C ALA C 642 2.18 -19.47 26.71
N ILE C 643 2.69 -18.36 27.23
CA ILE C 643 2.54 -18.07 28.64
C ILE C 643 1.08 -17.98 29.02
N ILE C 644 0.28 -17.33 28.19
CA ILE C 644 -1.11 -17.12 28.54
C ILE C 644 -1.83 -18.44 28.70
N ASN C 645 -1.65 -19.36 27.76
CA ASN C 645 -2.33 -20.64 27.85
C ASN C 645 -2.08 -21.30 29.18
N ASP C 646 -0.81 -21.40 29.56
CA ASP C 646 -0.48 -22.00 30.85
C ASP C 646 -1.23 -21.31 31.96
N THR C 647 -1.04 -20.00 32.09
CA THR C 647 -1.66 -19.31 33.21
C THR C 647 -3.17 -19.33 33.10
N TYR C 648 -3.71 -19.37 31.90
CA TYR C 648 -5.16 -19.44 31.77
C TYR C 648 -5.66 -20.82 32.16
N SER C 649 -5.14 -21.85 31.50
CA SER C 649 -5.63 -23.19 31.76
C SER C 649 -5.43 -23.58 33.22
N GLU C 650 -4.32 -23.16 33.81
CA GLU C 650 -4.09 -23.47 35.21
C GLU C 650 -5.17 -22.87 36.08
N VAL C 651 -5.54 -21.63 35.83
CA VAL C 651 -6.58 -20.99 36.63
C VAL C 651 -7.92 -21.68 36.41
N LYS C 652 -8.25 -21.99 35.17
CA LYS C 652 -9.45 -22.81 34.96
C LYS C 652 -9.32 -24.15 35.64
N SER C 653 -8.12 -24.73 35.64
CA SER C 653 -7.95 -26.05 36.24
C SER C 653 -8.24 -26.03 37.73
N ASP C 654 -7.51 -25.20 38.49
CA ASP C 654 -7.63 -25.27 39.93
C ASP C 654 -8.95 -24.72 40.42
N LEU C 655 -9.50 -23.71 39.73
CA LEU C 655 -10.81 -23.21 40.13
C LEU C 655 -11.90 -24.22 39.81
N ALA C 656 -11.70 -25.01 38.75
CA ALA C 656 -12.63 -26.10 38.48
C ALA C 656 -12.63 -27.10 39.61
N GLN C 657 -11.50 -27.24 40.31
CA GLN C 657 -11.41 -28.12 41.46
C GLN C 657 -12.28 -27.65 42.61
N GLN C 658 -12.87 -26.46 42.51
CA GLN C 658 -13.63 -25.87 43.60
C GLN C 658 -15.11 -25.74 43.24
N TYR D 180 17.62 -53.55 5.53
CA TYR D 180 16.55 -52.56 5.38
C TYR D 180 17.12 -51.15 5.27
N LEU D 181 18.02 -50.81 6.20
CA LEU D 181 18.62 -49.47 6.18
C LEU D 181 19.38 -49.22 4.89
N LYS D 182 20.35 -50.08 4.57
CA LYS D 182 21.10 -49.91 3.33
C LYS D 182 20.18 -50.05 2.11
N SER D 183 19.19 -50.94 2.20
CA SER D 183 18.21 -51.06 1.12
C SER D 183 17.49 -49.74 0.89
N VAL D 184 16.97 -49.14 1.95
CA VAL D 184 16.41 -47.80 1.82
C VAL D 184 17.49 -46.81 1.42
N LEU D 185 18.69 -46.95 1.98
CA LEU D 185 19.79 -46.07 1.59
C LEU D 185 20.12 -46.23 0.12
N ARG D 186 19.90 -47.41 -0.46
CA ARG D 186 20.07 -47.58 -1.90
C ARG D 186 19.13 -46.66 -2.66
N GLU D 187 17.84 -46.69 -2.31
CA GLU D 187 16.89 -45.78 -2.94
C GLU D 187 17.21 -44.32 -2.62
N LEU D 188 17.78 -44.05 -1.45
CA LEU D 188 18.05 -42.68 -1.05
C LEU D 188 18.93 -41.97 -2.06
N VAL D 189 20.10 -42.53 -2.35
CA VAL D 189 21.01 -41.90 -3.30
C VAL D 189 20.39 -41.83 -4.68
N THR D 190 19.66 -42.86 -5.08
CA THR D 190 18.91 -42.82 -6.33
C THR D 190 18.07 -41.56 -6.39
N TYR D 191 17.38 -41.25 -5.30
CA TYR D 191 16.62 -40.02 -5.21
C TYR D 191 17.54 -38.81 -5.31
N LEU D 192 18.63 -38.81 -4.54
CA LEU D 192 19.56 -37.69 -4.56
C LEU D 192 20.10 -37.45 -5.96
N LEU D 193 20.62 -38.51 -6.59
CA LEU D 193 21.06 -38.39 -7.97
C LEU D 193 19.95 -37.84 -8.85
N PHE D 194 18.73 -38.33 -8.63
CA PHE D 194 17.59 -37.82 -9.37
C PHE D 194 17.34 -36.35 -9.08
N LEU D 195 17.63 -35.91 -7.85
CA LEU D 195 17.43 -34.51 -7.50
C LEU D 195 18.30 -33.60 -8.34
N ILE D 196 19.62 -33.79 -8.27
CA ILE D 196 20.54 -32.84 -8.88
C ILE D 196 20.34 -32.79 -10.38
N VAL D 197 20.09 -33.93 -11.01
CA VAL D 197 19.79 -33.94 -12.45
C VAL D 197 18.68 -32.97 -12.75
N LEU D 198 17.58 -33.07 -11.99
CA LEU D 198 16.47 -32.17 -12.20
C LEU D 198 16.85 -30.74 -11.84
N CYS D 199 17.51 -30.54 -10.70
CA CYS D 199 17.93 -29.20 -10.30
C CYS D 199 18.75 -28.53 -11.39
N ILE D 200 19.56 -29.30 -12.11
CA ILE D 200 20.35 -28.73 -13.19
C ILE D 200 19.45 -28.31 -14.34
N LEU D 201 18.62 -29.24 -14.81
CA LEU D 201 17.73 -28.93 -15.93
C LEU D 201 16.94 -27.67 -15.66
N THR D 202 16.44 -27.53 -14.44
CA THR D 202 15.79 -26.28 -14.05
C THR D 202 16.75 -25.11 -14.19
N TYR D 203 17.87 -25.19 -13.48
CA TYR D 203 18.89 -24.16 -13.61
C TYR D 203 19.34 -24.01 -15.05
N GLY D 204 19.54 -25.12 -15.75
CA GLY D 204 19.98 -25.04 -17.13
C GLY D 204 18.93 -24.46 -18.04
N MET D 205 17.73 -25.05 -18.06
CA MET D 205 16.69 -24.60 -18.97
C MET D 205 16.21 -23.20 -18.65
N MET D 206 16.64 -22.61 -17.54
CA MET D 206 16.28 -21.24 -17.19
C MET D 206 17.52 -20.36 -17.23
N SER D 207 17.55 -19.44 -18.19
CA SER D 207 18.57 -18.40 -18.15
C SER D 207 18.26 -17.43 -17.03
N SER D 208 19.28 -16.68 -16.62
CA SER D 208 19.18 -15.86 -15.43
C SER D 208 18.35 -14.61 -15.67
N ASN D 209 18.82 -13.75 -16.57
CA ASN D 209 18.37 -12.38 -16.64
C ASN D 209 17.14 -12.19 -17.50
N VAL D 210 16.51 -13.29 -17.94
CA VAL D 210 15.36 -13.22 -18.83
C VAL D 210 14.36 -12.20 -18.35
N TYR D 211 14.24 -12.04 -17.03
CA TYR D 211 13.26 -11.11 -16.48
C TYR D 211 13.36 -9.74 -17.13
N TYR D 212 14.54 -9.14 -17.11
CA TYR D 212 14.65 -7.80 -17.66
C TYR D 212 14.30 -7.77 -19.12
N TYR D 213 14.65 -8.81 -19.87
CA TYR D 213 14.28 -8.85 -21.27
C TYR D 213 12.78 -8.66 -21.43
N THR D 214 11.99 -9.39 -20.65
CA THR D 214 10.56 -9.15 -20.66
C THR D 214 10.25 -7.74 -20.19
N ARG D 215 10.83 -7.36 -19.06
CA ARG D 215 10.50 -6.07 -18.46
C ARG D 215 10.74 -4.94 -19.43
N MET D 216 11.84 -4.99 -20.17
CA MET D 216 12.07 -3.95 -21.16
C MET D 216 10.98 -3.96 -22.22
N MET D 217 10.71 -5.13 -22.81
CA MET D 217 9.66 -5.22 -23.80
C MET D 217 8.35 -4.67 -23.25
N SER D 218 7.96 -5.13 -22.07
CA SER D 218 6.70 -4.69 -21.50
C SER D 218 6.65 -3.18 -21.39
N GLN D 219 7.61 -2.59 -20.68
CA GLN D 219 7.60 -1.14 -20.50
C GLN D 219 7.60 -0.42 -21.84
N LEU D 220 8.29 -0.96 -22.83
CA LEU D 220 8.35 -0.30 -24.11
C LEU D 220 6.97 -0.19 -24.74
N PHE D 221 6.14 -1.20 -24.56
CA PHE D 221 4.80 -1.19 -25.13
C PHE D 221 3.74 -0.79 -24.12
N LEU D 222 3.59 -1.58 -23.07
CA LEU D 222 2.52 -1.31 -22.10
C LEU D 222 2.66 0.09 -21.52
N ASP D 223 3.85 0.45 -21.10
CA ASP D 223 4.06 1.59 -20.23
C ASP D 223 4.30 2.89 -20.96
N THR D 224 4.15 2.92 -22.27
CA THR D 224 4.51 4.22 -22.76
C THR D 224 3.27 4.99 -23.19
N PRO D 225 3.30 6.31 -23.10
CA PRO D 225 2.12 7.09 -23.46
C PRO D 225 1.71 6.80 -24.89
N VAL D 226 0.41 6.74 -25.12
CA VAL D 226 -0.09 6.47 -26.45
C VAL D 226 0.47 7.47 -27.45
N SER D 227 0.27 8.74 -27.18
CA SER D 227 0.92 9.80 -27.95
C SER D 227 1.60 10.74 -26.97
N LYS D 228 2.57 11.49 -27.48
CA LYS D 228 3.28 12.45 -26.63
C LYS D 228 2.31 13.39 -25.94
N THR D 229 1.20 13.72 -26.60
CA THR D 229 0.19 14.57 -26.02
C THR D 229 -0.70 13.85 -25.02
N GLU D 230 -0.79 12.53 -25.10
CA GLU D 230 -1.75 11.78 -24.32
C GLU D 230 -1.06 11.07 -23.15
N LYS D 231 -1.77 10.98 -22.04
CA LYS D 231 -1.24 10.39 -20.82
C LYS D 231 -1.62 8.93 -20.63
N THR D 232 -2.40 8.34 -21.54
CA THR D 232 -2.83 6.97 -21.36
C THR D 232 -1.78 5.98 -21.86
N ASN D 233 -1.72 4.83 -21.19
CA ASN D 233 -0.91 3.72 -21.63
C ASN D 233 -1.78 2.67 -22.29
N PHE D 234 -1.15 1.63 -22.82
CA PHE D 234 -1.94 0.51 -23.30
C PHE D 234 -2.72 -0.13 -22.18
N LYS D 235 -2.14 -0.19 -20.98
CA LYS D 235 -2.87 -0.68 -19.83
C LYS D 235 -4.12 0.14 -19.55
N THR D 236 -4.17 1.37 -20.03
CA THR D 236 -5.19 2.31 -19.65
C THR D 236 -6.32 2.42 -20.66
N LEU D 237 -6.24 1.74 -21.80
CA LEU D 237 -7.12 2.05 -22.91
C LEU D 237 -8.58 1.93 -22.51
N SER D 238 -9.32 3.03 -22.66
CA SER D 238 -10.73 3.05 -22.33
C SER D 238 -11.66 3.05 -23.54
N SER D 239 -11.16 3.13 -24.76
CA SER D 239 -12.09 3.34 -25.86
C SER D 239 -11.48 2.89 -27.18
N MET D 240 -12.34 2.70 -28.17
CA MET D 240 -11.87 2.52 -29.53
C MET D 240 -10.92 3.64 -29.91
N GLU D 241 -11.33 4.88 -29.71
CA GLU D 241 -10.45 6.00 -30.00
C GLU D 241 -9.11 5.84 -29.30
N ASP D 242 -9.14 5.46 -28.03
CA ASP D 242 -7.90 5.12 -27.34
C ASP D 242 -7.13 4.07 -28.12
N PHE D 243 -7.81 3.02 -28.53
CA PHE D 243 -7.13 1.92 -29.20
C PHE D 243 -6.46 2.38 -30.49
N TRP D 244 -7.25 2.97 -31.39
CA TRP D 244 -6.68 3.43 -32.65
C TRP D 244 -5.46 4.31 -32.41
N LYS D 245 -5.58 5.25 -31.48
CA LYS D 245 -4.41 6.02 -31.11
C LYS D 245 -3.24 5.12 -30.78
N PHE D 246 -3.45 4.12 -29.92
CA PHE D 246 -2.36 3.24 -29.54
C PHE D 246 -1.74 2.57 -30.75
N THR D 247 -2.57 2.02 -31.63
CA THR D 247 -2.06 1.42 -32.86
C THR D 247 -1.19 2.41 -33.61
N GLU D 248 -1.80 3.46 -34.14
CA GLU D 248 -1.06 4.49 -34.85
C GLU D 248 -0.01 5.15 -33.97
N GLY D 249 -0.11 4.99 -32.66
CA GLY D 249 0.74 5.60 -31.67
C GLY D 249 1.88 4.70 -31.27
N SER D 250 2.17 4.70 -29.97
CA SER D 250 3.37 4.10 -29.42
C SER D 250 3.68 2.73 -30.01
N LEU D 251 2.65 1.93 -30.28
CA LEU D 251 2.88 0.60 -30.85
C LEU D 251 3.80 0.68 -32.05
N LEU D 252 3.45 1.50 -33.04
CA LEU D 252 4.31 1.64 -34.20
C LEU D 252 5.70 2.06 -33.78
N ASP D 253 5.80 3.14 -33.02
CA ASP D 253 7.07 3.56 -32.50
C ASP D 253 7.75 2.47 -31.70
N GLY D 254 6.97 1.66 -30.99
CA GLY D 254 7.56 0.55 -30.26
C GLY D 254 8.17 -0.49 -31.18
N LEU D 255 7.53 -0.76 -32.31
CA LEU D 255 8.01 -1.82 -33.17
C LEU D 255 9.19 -1.43 -34.03
N TYR D 256 9.33 -0.16 -34.36
CA TYR D 256 10.25 0.25 -35.41
C TYR D 256 11.34 1.14 -34.84
N TRP D 257 12.51 1.06 -35.47
CA TRP D 257 13.71 1.70 -34.97
C TRP D 257 14.61 1.99 -36.17
N LYS D 258 15.46 3.01 -36.02
CA LYS D 258 16.43 3.31 -37.06
C LYS D 258 17.75 3.78 -36.45
N MET D 259 18.92 3.26 -36.88
CA MET D 259 19.13 2.22 -37.89
C MET D 259 18.50 2.51 -39.26
N GLU D 266 17.88 -1.03 -40.12
CA GLU D 266 19.19 -0.74 -40.68
C GLU D 266 19.28 -1.16 -42.13
N ALA D 267 18.36 -2.02 -42.55
CA ALA D 267 18.35 -2.55 -43.92
C ALA D 267 18.03 -1.58 -45.07
N ASP D 268 17.10 -0.62 -44.93
CA ASP D 268 16.45 -0.18 -43.70
C ASP D 268 15.17 -0.94 -43.40
N ASN D 269 14.86 -1.96 -44.21
CA ASN D 269 13.66 -2.76 -44.00
C ASN D 269 13.70 -3.50 -42.67
N ARG D 270 14.81 -3.45 -41.95
CA ARG D 270 14.96 -4.12 -40.67
C ARG D 270 15.00 -3.08 -39.55
N SER D 271 14.53 -3.48 -38.37
CA SER D 271 14.54 -2.62 -37.20
C SER D 271 14.84 -3.45 -35.96
N PHE D 272 15.72 -2.93 -35.12
CA PHE D 272 16.10 -3.60 -33.88
C PHE D 272 15.43 -2.87 -32.73
N ILE D 273 14.58 -3.57 -31.98
CA ILE D 273 13.95 -2.95 -30.83
C ILE D 273 15.01 -2.77 -29.74
N PHE D 274 15.05 -1.57 -29.16
CA PHE D 274 16.08 -1.18 -28.21
C PHE D 274 17.44 -1.13 -28.89
N TYR D 275 17.47 -1.46 -30.18
CA TYR D 275 18.62 -1.75 -31.03
C TYR D 275 19.11 -3.17 -30.83
N GLU D 276 18.60 -3.91 -29.85
CA GLU D 276 19.09 -5.24 -29.60
C GLU D 276 18.21 -6.36 -30.15
N ASN D 277 17.06 -6.06 -30.74
CA ASN D 277 16.05 -7.09 -30.96
C ASN D 277 15.48 -7.02 -32.36
N LEU D 278 15.68 -8.07 -33.13
CA LEU D 278 14.98 -8.21 -34.40
C LEU D 278 13.49 -8.20 -34.20
N LEU D 279 12.79 -7.38 -34.97
CA LEU D 279 11.38 -7.62 -35.16
C LEU D 279 11.27 -8.81 -36.10
N LEU D 280 10.66 -9.87 -35.63
CA LEU D 280 10.77 -11.16 -36.29
C LEU D 280 9.60 -11.31 -37.24
N GLY D 281 9.89 -11.30 -38.54
CA GLY D 281 8.83 -11.47 -39.51
C GLY D 281 7.91 -10.27 -39.56
N VAL D 282 6.61 -10.52 -39.45
CA VAL D 282 5.60 -9.50 -39.68
C VAL D 282 4.52 -9.54 -38.60
N PRO D 283 4.06 -8.39 -38.11
CA PRO D 283 2.98 -8.40 -37.12
C PRO D 283 1.64 -8.68 -37.77
N ARG D 284 0.70 -9.12 -36.94
CA ARG D 284 -0.62 -9.47 -37.41
C ARG D 284 -1.69 -9.00 -36.44
N ILE D 285 -2.72 -8.36 -36.97
CA ILE D 285 -3.87 -7.92 -36.20
C ILE D 285 -5.06 -8.76 -36.60
N ARG D 286 -5.85 -9.16 -35.62
CA ARG D 286 -7.04 -9.94 -35.86
C ARG D 286 -8.13 -9.47 -34.92
N GLN D 287 -9.37 -9.53 -35.37
CA GLN D 287 -10.49 -9.15 -34.53
C GLN D 287 -11.58 -10.21 -34.61
N LEU D 288 -12.54 -10.09 -33.71
CA LEU D 288 -13.70 -10.95 -33.69
C LEU D 288 -14.96 -10.11 -33.73
N ARG D 289 -15.94 -10.56 -34.51
CA ARG D 289 -17.14 -9.79 -34.74
C ARG D 289 -18.35 -10.67 -34.52
N VAL D 290 -19.41 -10.07 -34.00
CA VAL D 290 -20.62 -10.79 -33.65
C VAL D 290 -21.73 -10.40 -34.63
N ARG D 291 -22.53 -11.40 -34.99
CA ARG D 291 -23.68 -11.18 -35.84
C ARG D 291 -24.61 -10.16 -35.21
N ASN D 292 -25.32 -9.42 -36.06
CA ASN D 292 -26.17 -8.36 -35.54
C ASN D 292 -27.27 -8.96 -34.69
N GLY D 293 -27.33 -8.52 -33.44
CA GLY D 293 -28.17 -9.13 -32.44
C GLY D 293 -29.54 -8.52 -32.29
N SER D 294 -30.05 -7.83 -33.31
CA SER D 294 -31.30 -7.10 -33.20
C SER D 294 -32.44 -7.97 -32.68
N SER D 295 -32.26 -9.29 -32.69
CA SER D 295 -33.25 -10.21 -32.15
C SER D 295 -33.69 -9.82 -30.75
N SER D 296 -32.79 -9.25 -29.95
CA SER D 296 -33.15 -8.93 -28.58
C SER D 296 -34.25 -7.88 -28.56
N ILE D 297 -35.34 -8.20 -27.89
CA ILE D 297 -36.58 -7.42 -27.94
C ILE D 297 -36.90 -6.88 -26.55
N PRO D 298 -36.75 -5.59 -26.31
CA PRO D 298 -37.49 -4.96 -25.21
C PRO D 298 -38.91 -4.66 -25.64
N GLN D 299 -39.85 -4.64 -24.71
CA GLN D 299 -41.21 -4.32 -25.07
C GLN D 299 -41.73 -3.12 -24.28
N ASP D 300 -41.95 -2.00 -24.97
CA ASP D 300 -41.64 -1.91 -26.39
C ASP D 300 -40.77 -0.68 -26.66
N LEU D 301 -39.70 -0.88 -27.43
CA LEU D 301 -38.83 0.24 -27.74
C LEU D 301 -38.54 0.29 -29.23
N ARG D 302 -37.85 -0.72 -29.75
CA ARG D 302 -37.62 -0.91 -31.19
C ARG D 302 -36.94 0.34 -31.74
N ASP D 303 -37.60 1.09 -32.63
CA ASP D 303 -36.96 2.12 -33.44
C ASP D 303 -36.27 3.16 -32.59
N GLU D 304 -36.52 3.13 -31.29
CA GLU D 304 -35.81 4.02 -30.38
C GLU D 304 -34.46 3.43 -29.98
N ILE D 305 -34.05 2.31 -30.54
CA ILE D 305 -32.78 1.71 -30.11
C ILE D 305 -31.62 2.01 -31.10
N LYS D 306 -31.50 1.45 -32.32
CA LYS D 306 -32.17 0.27 -32.85
C LYS D 306 -31.20 -0.89 -32.64
N GLU D 307 -31.65 -2.09 -33.00
CA GLU D 307 -30.90 -3.35 -32.97
C GLU D 307 -30.16 -3.57 -31.65
N CYS D 308 -29.02 -4.26 -31.72
CA CYS D 308 -28.08 -4.47 -30.62
C CYS D 308 -27.06 -5.49 -31.09
N TYR D 309 -26.08 -5.76 -30.25
CA TYR D 309 -25.10 -6.81 -30.49
C TYR D 309 -24.87 -7.60 -29.21
N ASP D 310 -25.03 -8.91 -29.29
CA ASP D 310 -24.95 -9.78 -28.14
C ASP D 310 -23.51 -10.01 -27.71
N VAL D 311 -23.36 -10.47 -26.46
CA VAL D 311 -22.07 -10.89 -25.90
C VAL D 311 -21.45 -11.96 -26.78
N TYR D 312 -20.12 -11.95 -26.87
CA TYR D 312 -19.42 -12.87 -27.75
C TYR D 312 -19.73 -14.31 -27.44
N SER D 313 -19.91 -15.11 -28.49
CA SER D 313 -20.03 -16.55 -28.39
C SER D 313 -19.67 -17.13 -29.74
N VAL D 314 -19.35 -18.42 -29.74
CA VAL D 314 -19.07 -19.09 -31.00
C VAL D 314 -20.29 -19.03 -31.91
N SER D 315 -21.47 -19.24 -31.36
CA SER D 315 -22.68 -19.13 -32.15
C SER D 315 -22.83 -17.73 -32.72
N SER D 316 -22.78 -16.71 -31.88
CA SER D 316 -22.97 -15.34 -32.30
C SER D 316 -21.89 -14.83 -33.23
N GLU D 317 -20.82 -15.58 -33.43
CA GLU D 317 -19.71 -15.12 -34.23
C GLU D 317 -20.16 -14.75 -35.64
N ASP D 318 -19.75 -13.57 -36.09
CA ASP D 318 -20.14 -13.04 -37.38
C ASP D 318 -19.15 -13.46 -38.45
N ARG D 319 -19.63 -14.21 -39.43
CA ARG D 319 -18.82 -14.59 -40.56
C ARG D 319 -19.08 -13.76 -41.80
N ALA D 320 -19.96 -12.79 -41.72
CA ALA D 320 -20.32 -12.05 -42.92
C ALA D 320 -19.17 -11.13 -43.36
N PRO D 321 -18.99 -11.05 -44.44
CA PRO D 321 -17.95 -10.12 -44.95
C PRO D 321 -18.39 -8.66 -44.97
N PHE D 322 -18.26 -8.01 -43.82
CA PHE D 322 -18.62 -6.61 -43.72
C PHE D 322 -17.59 -5.76 -44.45
N GLY D 323 -17.98 -4.51 -44.73
CA GLY D 323 -17.05 -3.54 -45.23
C GLY D 323 -16.72 -3.72 -46.70
N PRO D 324 -15.65 -3.07 -47.15
CA PRO D 324 -15.31 -3.10 -48.58
C PRO D 324 -15.01 -4.49 -49.10
N ARG D 325 -14.74 -5.46 -48.22
CA ARG D 325 -14.56 -6.85 -48.60
C ARG D 325 -13.34 -7.02 -49.51
N ASN D 326 -12.37 -6.13 -49.40
CA ASN D 326 -11.23 -6.19 -50.29
C ASN D 326 -10.06 -6.97 -49.73
N GLY D 327 -10.19 -7.57 -48.56
CA GLY D 327 -9.06 -8.30 -48.04
C GLY D 327 -9.41 -9.07 -46.79
N THR D 328 -8.40 -9.78 -46.29
CA THR D 328 -8.58 -10.60 -45.10
C THR D 328 -9.17 -9.80 -43.96
N ALA D 329 -8.88 -8.50 -43.90
CA ALA D 329 -9.47 -7.67 -42.87
C ALA D 329 -10.98 -7.74 -42.90
N TRP D 330 -11.57 -7.67 -44.08
CA TRP D 330 -13.02 -7.66 -44.20
C TRP D 330 -13.60 -9.01 -44.54
N ILE D 331 -12.80 -10.06 -44.60
CA ILE D 331 -13.28 -11.36 -45.00
C ILE D 331 -13.05 -12.33 -43.85
N TYR D 332 -14.06 -13.10 -43.52
CA TYR D 332 -13.93 -14.06 -42.44
C TYR D 332 -13.09 -15.24 -42.89
N THR D 333 -12.27 -15.75 -41.99
CA THR D 333 -11.49 -16.94 -42.22
C THR D 333 -11.75 -17.91 -41.08
N SER D 334 -11.35 -19.16 -41.27
CA SER D 334 -11.64 -20.16 -40.26
C SER D 334 -10.38 -20.53 -39.50
N GLU D 335 -10.58 -20.86 -38.22
CA GLU D 335 -9.46 -21.24 -37.36
C GLU D 335 -8.72 -22.44 -37.92
N LYS D 336 -9.39 -23.27 -38.72
CA LYS D 336 -8.68 -24.29 -39.46
C LYS D 336 -7.87 -23.65 -40.59
N ASP D 337 -8.54 -22.86 -41.44
CA ASP D 337 -7.84 -22.24 -42.56
C ASP D 337 -6.76 -21.30 -42.05
N LEU D 338 -7.10 -20.49 -41.06
CA LEU D 338 -6.14 -19.59 -40.43
C LEU D 338 -5.52 -20.35 -39.28
N ASN D 339 -4.25 -20.69 -39.42
CA ASN D 339 -3.58 -21.52 -38.43
C ASN D 339 -3.63 -20.82 -37.09
N GLY D 340 -4.18 -21.49 -36.09
CA GLY D 340 -4.32 -20.84 -34.80
C GLY D 340 -5.18 -21.66 -33.87
N SER D 341 -5.11 -21.29 -32.59
CA SER D 341 -5.75 -22.02 -31.52
C SER D 341 -6.69 -21.09 -30.77
N SER D 342 -7.71 -21.69 -30.16
CA SER D 342 -8.59 -20.93 -29.31
C SER D 342 -7.81 -20.34 -28.15
N HIS D 343 -7.93 -19.04 -27.97
CA HIS D 343 -7.25 -18.36 -26.89
C HIS D 343 -8.25 -18.10 -25.77
N TRP D 344 -7.77 -18.18 -24.54
CA TRP D 344 -8.61 -18.02 -23.36
C TRP D 344 -8.38 -16.63 -22.78
N GLY D 345 -9.35 -15.76 -22.97
CA GLY D 345 -9.25 -14.39 -22.51
C GLY D 345 -9.86 -14.24 -21.13
N ILE D 346 -10.00 -12.99 -20.72
CA ILE D 346 -10.43 -12.76 -19.34
C ILE D 346 -11.95 -12.86 -19.21
N ILE D 347 -12.72 -12.27 -20.14
CA ILE D 347 -14.16 -12.47 -20.09
C ILE D 347 -14.65 -13.60 -20.98
N ALA D 348 -13.82 -14.11 -21.88
CA ALA D 348 -14.31 -15.15 -22.78
C ALA D 348 -13.14 -15.87 -23.41
N THR D 349 -13.42 -17.05 -23.92
CA THR D 349 -12.51 -17.75 -24.80
C THR D 349 -12.76 -17.30 -26.21
N TYR D 350 -11.70 -17.21 -27.01
CA TYR D 350 -11.80 -16.70 -28.36
C TYR D 350 -11.21 -17.70 -29.34
N SER D 351 -11.98 -18.01 -30.37
CA SER D 351 -11.48 -18.89 -31.40
C SER D 351 -10.36 -18.20 -32.18
N GLY D 352 -9.53 -19.02 -32.82
CA GLY D 352 -8.51 -18.46 -33.68
C GLY D 352 -9.06 -17.78 -34.90
N ALA D 353 -10.24 -18.18 -35.37
CA ALA D 353 -10.81 -17.62 -36.57
C ALA D 353 -11.15 -16.15 -36.35
N GLY D 354 -11.32 -15.43 -37.46
CA GLY D 354 -11.79 -14.07 -37.37
C GLY D 354 -11.38 -13.28 -38.60
N TYR D 355 -11.34 -11.96 -38.42
CA TYR D 355 -10.92 -11.04 -39.46
C TYR D 355 -9.55 -10.52 -39.08
N TYR D 356 -8.59 -10.70 -39.98
CA TYR D 356 -7.21 -10.37 -39.65
C TYR D 356 -6.55 -9.61 -40.79
N LEU D 357 -5.39 -9.06 -40.48
CA LEU D 357 -4.55 -8.43 -41.47
C LEU D 357 -3.10 -8.60 -41.07
N ASP D 358 -2.23 -8.76 -42.05
CA ASP D 358 -0.80 -8.87 -41.80
C ASP D 358 -0.14 -7.57 -42.16
N LEU D 359 0.69 -7.07 -41.25
CA LEU D 359 1.29 -5.76 -41.41
C LEU D 359 2.48 -5.79 -42.35
N SER D 360 3.27 -4.74 -42.35
CA SER D 360 4.40 -4.61 -43.26
C SER D 360 5.70 -4.57 -42.48
N ARG D 361 6.81 -4.53 -43.21
CA ARG D 361 8.11 -4.51 -42.58
C ARG D 361 8.51 -3.11 -42.14
N THR D 362 7.89 -2.08 -42.71
CA THR D 362 8.26 -0.71 -42.44
C THR D 362 7.18 -0.01 -41.66
N ARG D 363 7.59 0.89 -40.77
CA ARG D 363 6.64 1.62 -39.96
C ARG D 363 5.62 2.34 -40.83
N GLU D 364 6.03 2.85 -41.98
CA GLU D 364 5.14 3.66 -42.80
C GLU D 364 4.05 2.82 -43.43
N GLU D 365 4.44 1.79 -44.17
CA GLU D 365 3.46 0.96 -44.87
C GLU D 365 2.37 0.49 -43.92
N THR D 366 2.76 0.03 -42.73
CA THR D 366 1.79 -0.35 -41.73
C THR D 366 0.86 0.82 -41.43
N ALA D 367 1.42 1.99 -41.13
CA ALA D 367 0.59 3.14 -40.86
C ALA D 367 -0.42 3.38 -41.97
N ALA D 368 0.02 3.27 -43.22
CA ALA D 368 -0.94 3.33 -44.32
C ALA D 368 -2.02 2.28 -44.16
N GLN D 369 -1.62 1.04 -43.88
CA GLN D 369 -2.60 -0.01 -43.65
C GLN D 369 -3.51 0.35 -42.49
N VAL D 370 -2.92 0.68 -41.35
CA VAL D 370 -3.72 1.00 -40.17
C VAL D 370 -4.69 2.12 -40.48
N ALA D 371 -4.18 3.24 -41.00
CA ALA D 371 -5.04 4.36 -41.32
C ALA D 371 -6.18 3.93 -42.23
N SER D 372 -5.88 3.12 -43.24
CA SER D 372 -6.94 2.59 -44.10
C SER D 372 -7.96 1.84 -43.26
N LEU D 373 -7.49 0.98 -42.35
CA LEU D 373 -8.42 0.31 -41.46
C LEU D 373 -9.11 1.27 -40.52
N LYS D 374 -8.49 2.41 -40.25
CA LYS D 374 -9.18 3.41 -39.45
C LYS D 374 -10.11 4.26 -40.30
N LYS D 375 -9.67 4.61 -41.51
CA LYS D 375 -10.51 5.37 -42.43
C LYS D 375 -11.84 4.65 -42.63
N ASN D 376 -11.79 3.52 -43.34
CA ASN D 376 -12.88 2.57 -43.24
C ASN D 376 -13.03 2.22 -41.77
N VAL D 377 -14.25 1.91 -41.36
CA VAL D 377 -14.47 1.59 -39.96
C VAL D 377 -14.29 0.09 -39.83
N TRP D 378 -13.16 -0.32 -39.29
CA TRP D 378 -12.87 -1.72 -39.09
C TRP D 378 -13.14 -2.18 -37.68
N LEU D 379 -13.47 -1.25 -36.79
CA LEU D 379 -13.90 -1.57 -35.44
C LEU D 379 -15.30 -1.00 -35.28
N ASP D 380 -16.29 -1.88 -35.21
CA ASP D 380 -17.67 -1.42 -35.19
C ASP D 380 -18.34 -1.87 -33.90
N ARG D 381 -19.64 -1.58 -33.80
CA ARG D 381 -20.43 -2.04 -32.67
C ARG D 381 -20.19 -3.51 -32.40
N GLY D 382 -20.12 -4.32 -33.44
CA GLY D 382 -20.04 -5.75 -33.26
C GLY D 382 -18.68 -6.33 -33.03
N THR D 383 -17.67 -5.51 -32.74
CA THR D 383 -16.33 -6.03 -32.57
C THR D 383 -16.08 -6.33 -31.10
N ARG D 384 -16.04 -7.61 -30.75
CA ARG D 384 -15.87 -7.96 -29.35
C ARG D 384 -14.43 -7.95 -28.89
N ALA D 385 -13.51 -8.48 -29.69
CA ALA D 385 -12.15 -8.61 -29.23
C ALA D 385 -11.21 -8.52 -30.41
N THR D 386 -10.03 -7.97 -30.15
CA THR D 386 -9.02 -7.80 -31.19
C THR D 386 -7.69 -8.33 -30.67
N PHE D 387 -6.89 -8.84 -31.59
CA PHE D 387 -5.58 -9.40 -31.25
C PHE D 387 -4.50 -8.66 -32.00
N ILE D 388 -3.35 -8.53 -31.36
CA ILE D 388 -2.14 -8.07 -32.02
C ILE D 388 -1.04 -9.04 -31.65
N ASP D 389 -0.52 -9.75 -32.63
CA ASP D 389 0.45 -10.79 -32.39
C ASP D 389 1.68 -10.53 -33.22
N PHE D 390 2.84 -10.61 -32.59
CA PHE D 390 4.10 -10.52 -33.30
C PHE D 390 5.17 -11.15 -32.42
N SER D 391 6.29 -11.48 -33.04
CA SER D 391 7.39 -12.13 -32.36
C SER D 391 8.65 -11.32 -32.54
N VAL D 392 9.57 -11.49 -31.61
CA VAL D 392 10.80 -10.73 -31.57
C VAL D 392 11.93 -11.67 -31.20
N TYR D 393 13.04 -11.56 -31.90
CA TYR D 393 14.22 -12.36 -31.62
C TYR D 393 15.31 -11.47 -31.07
N ASN D 394 16.08 -12.01 -30.13
CA ASN D 394 17.29 -11.37 -29.64
C ASN D 394 18.48 -12.24 -29.96
N ALA D 395 19.52 -11.64 -30.52
CA ALA D 395 20.71 -12.39 -30.87
C ALA D 395 21.80 -12.32 -29.82
N ASN D 396 21.70 -11.44 -28.83
CA ASN D 396 22.78 -11.33 -27.89
C ASN D 396 22.78 -12.55 -26.99
N ILE D 397 21.81 -12.63 -26.09
CA ILE D 397 21.35 -13.94 -25.71
C ILE D 397 20.49 -14.46 -26.84
N ASN D 398 20.33 -15.76 -26.87
CA ASN D 398 19.57 -16.38 -27.93
C ASN D 398 18.19 -16.69 -27.38
N LEU D 399 17.20 -15.90 -27.78
CA LEU D 399 15.83 -16.08 -27.32
C LEU D 399 14.85 -15.44 -28.28
N PHE D 400 13.61 -15.91 -28.19
CA PHE D 400 12.50 -15.32 -28.89
C PHE D 400 11.47 -14.83 -27.89
N CYS D 401 10.93 -13.64 -28.13
CA CYS D 401 9.82 -13.15 -27.34
C CYS D 401 8.60 -13.17 -28.22
N VAL D 402 7.54 -13.80 -27.74
CA VAL D 402 6.28 -13.87 -28.46
C VAL D 402 5.27 -13.01 -27.73
N VAL D 403 4.58 -12.17 -28.48
CA VAL D 403 3.73 -11.14 -27.89
C VAL D 403 2.32 -11.29 -28.41
N ARG D 404 1.35 -11.29 -27.49
CA ARG D 404 -0.06 -11.21 -27.85
C ARG D 404 -0.66 -10.04 -27.11
N LEU D 405 -1.08 -9.03 -27.85
CA LEU D 405 -1.81 -7.91 -27.29
C LEU D 405 -3.29 -8.17 -27.53
N LEU D 406 -4.03 -8.30 -26.46
CA LEU D 406 -5.44 -8.70 -26.53
C LEU D 406 -6.28 -7.56 -25.99
N VAL D 407 -7.32 -7.20 -26.74
CA VAL D 407 -8.19 -6.10 -26.37
C VAL D 407 -9.61 -6.56 -26.53
N GLU D 408 -10.39 -6.50 -25.45
CA GLU D 408 -11.76 -6.97 -25.45
C GLU D 408 -12.73 -5.80 -25.37
N PHE D 409 -13.88 -5.97 -25.99
CA PHE D 409 -14.92 -4.95 -26.05
C PHE D 409 -16.20 -5.56 -25.56
N PRO D 410 -16.51 -5.44 -24.27
CA PRO D 410 -17.77 -5.97 -23.76
C PRO D 410 -18.94 -5.32 -24.47
N ALA D 411 -20.07 -6.03 -24.44
CA ALA D 411 -21.30 -5.47 -24.95
C ALA D 411 -21.67 -4.19 -24.22
N THR D 412 -21.07 -3.96 -23.07
CA THR D 412 -21.29 -2.77 -22.29
C THR D 412 -20.44 -1.60 -22.76
N GLY D 413 -19.68 -1.79 -23.83
CA GLY D 413 -18.77 -0.77 -24.29
C GLY D 413 -17.49 -0.74 -23.46
N GLY D 414 -16.60 0.14 -23.85
CA GLY D 414 -15.33 0.23 -23.17
C GLY D 414 -14.36 -0.81 -23.66
N VAL D 415 -13.23 -0.88 -22.97
CA VAL D 415 -12.09 -1.66 -23.41
C VAL D 415 -11.48 -2.37 -22.22
N ILE D 416 -11.06 -3.62 -22.43
CA ILE D 416 -10.36 -4.37 -21.39
C ILE D 416 -9.06 -4.90 -21.97
N PRO D 417 -7.96 -4.18 -21.81
CA PRO D 417 -6.70 -4.63 -22.39
C PRO D 417 -6.08 -5.75 -21.58
N SER D 418 -5.34 -6.60 -22.29
CA SER D 418 -4.55 -7.63 -21.66
C SER D 418 -3.41 -7.98 -22.60
N TRP D 419 -2.34 -8.51 -22.04
CA TRP D 419 -1.12 -8.69 -22.80
C TRP D 419 -0.39 -9.93 -22.31
N GLN D 420 0.42 -10.48 -23.20
CA GLN D 420 1.21 -11.64 -22.86
C GLN D 420 2.56 -11.54 -23.56
N PHE D 421 3.63 -11.72 -22.80
CA PHE D 421 4.99 -11.71 -23.34
C PHE D 421 5.64 -13.02 -22.99
N GLN D 422 5.92 -13.84 -23.99
CA GLN D 422 6.47 -15.15 -23.71
C GLN D 422 7.86 -15.32 -24.31
N PRO D 423 8.88 -15.51 -23.49
CA PRO D 423 10.18 -15.89 -24.03
C PRO D 423 10.20 -17.36 -24.44
N LEU D 424 10.98 -17.64 -25.47
CA LEU D 424 11.13 -19.00 -25.94
C LEU D 424 12.58 -19.26 -26.28
N LYS D 425 13.04 -20.46 -25.98
CA LYS D 425 14.33 -20.93 -26.45
C LYS D 425 14.01 -21.92 -27.56
N LEU D 426 14.11 -21.48 -28.81
CA LEU D 426 13.79 -22.37 -29.91
C LEU D 426 14.96 -23.22 -30.34
N ILE D 427 16.14 -22.61 -30.47
CA ILE D 427 17.33 -23.34 -30.86
C ILE D 427 18.00 -23.76 -29.55
N ARG D 428 17.96 -25.06 -29.27
CA ARG D 428 18.45 -25.54 -28.00
C ARG D 428 19.93 -25.85 -28.05
N TYR D 429 20.51 -25.88 -29.25
CA TYR D 429 21.91 -26.25 -29.41
C TYR D 429 22.70 -25.07 -29.94
N VAL D 430 23.48 -24.43 -29.07
CA VAL D 430 24.50 -23.49 -29.49
C VAL D 430 25.77 -23.78 -28.72
N THR D 431 25.76 -23.51 -27.42
CA THR D 431 26.91 -23.69 -26.55
C THR D 431 27.07 -25.15 -26.15
N THR D 432 28.31 -25.52 -25.81
CA THR D 432 28.56 -26.86 -25.29
C THR D 432 27.69 -27.14 -24.08
N PHE D 433 27.52 -26.15 -23.20
CA PHE D 433 26.62 -26.31 -22.07
C PHE D 433 25.22 -26.70 -22.53
N ASP D 434 24.76 -26.10 -23.62
CA ASP D 434 23.46 -26.48 -24.17
C ASP D 434 23.46 -27.93 -24.60
N PHE D 435 24.57 -28.41 -25.16
CA PHE D 435 24.66 -29.83 -25.51
C PHE D 435 24.76 -30.68 -24.25
N PHE D 436 25.48 -30.18 -23.25
CA PHE D 436 25.59 -30.91 -21.99
C PHE D 436 24.21 -31.17 -21.38
N LEU D 437 23.32 -30.18 -21.48
CA LEU D 437 21.96 -30.37 -20.99
C LEU D 437 21.24 -31.45 -21.79
N ALA D 438 21.44 -31.45 -23.12
CA ALA D 438 20.83 -32.48 -23.94
C ALA D 438 21.21 -33.86 -23.48
N ALA D 439 22.48 -34.07 -23.12
CA ALA D 439 22.88 -35.33 -22.52
C ALA D 439 22.10 -35.59 -21.25
N CYS D 440 22.11 -34.63 -20.32
CA CYS D 440 21.38 -34.79 -19.07
C CYS D 440 19.91 -35.09 -19.32
N GLU D 441 19.31 -34.44 -20.32
CA GLU D 441 17.92 -34.71 -20.64
C GLU D 441 17.70 -36.18 -20.94
N ILE D 442 18.51 -36.75 -21.82
CA ILE D 442 18.42 -38.18 -22.09
C ILE D 442 18.80 -38.98 -20.84
N ILE D 443 19.80 -38.50 -20.11
CA ILE D 443 20.14 -39.11 -18.82
C ILE D 443 18.94 -39.08 -17.91
N PHE D 444 18.33 -37.91 -17.76
CA PHE D 444 17.15 -37.76 -16.93
C PHE D 444 16.02 -38.66 -17.39
N CYS D 445 15.91 -38.90 -18.69
CA CYS D 445 14.87 -39.79 -19.19
C CYS D 445 15.03 -41.20 -18.65
N PHE D 446 16.27 -41.64 -18.43
CA PHE D 446 16.50 -42.98 -17.92
C PHE D 446 15.91 -43.14 -16.52
N PHE D 447 16.11 -42.14 -15.66
CA PHE D 447 15.65 -42.24 -14.27
C PHE D 447 14.17 -42.51 -14.19
N ILE D 448 13.38 -41.71 -14.90
CA ILE D 448 11.92 -41.89 -14.82
C ILE D 448 11.54 -43.29 -15.23
N PHE D 449 12.04 -43.74 -16.38
CA PHE D 449 11.81 -45.11 -16.81
C PHE D 449 12.19 -46.10 -15.72
N TYR D 450 13.26 -45.81 -14.99
CA TYR D 450 13.61 -46.64 -13.84
C TYR D 450 12.50 -46.61 -12.79
N TYR D 451 12.07 -45.40 -12.39
CA TYR D 451 11.00 -45.30 -11.40
C TYR D 451 9.71 -45.92 -11.90
N VAL D 452 9.47 -45.90 -13.21
CA VAL D 452 8.28 -46.53 -13.77
C VAL D 452 8.19 -47.98 -13.30
N VAL D 453 9.29 -48.72 -13.45
CA VAL D 453 9.30 -50.12 -13.05
C VAL D 453 9.06 -50.24 -11.55
N GLU D 454 9.80 -49.46 -10.75
CA GLU D 454 9.66 -49.53 -9.31
C GLU D 454 8.23 -49.25 -8.87
N GLU D 455 7.50 -48.47 -9.68
CA GLU D 455 6.11 -48.15 -9.35
C GLU D 455 5.16 -49.31 -9.56
N ILE D 456 5.64 -50.44 -10.08
CA ILE D 456 4.74 -51.50 -10.51
C ILE D 456 4.60 -52.53 -9.39
N LEU D 457 3.38 -52.72 -8.92
CA LEU D 457 3.09 -53.79 -7.96
C LEU D 457 2.37 -54.92 -8.67
N ARG D 468 -0.92 -47.64 2.42
CA ARG D 468 -1.82 -47.31 1.31
C ARG D 468 -1.09 -46.98 -0.01
N SER D 469 -0.09 -46.09 -0.03
CA SER D 469 0.35 -45.25 1.08
C SER D 469 0.57 -43.85 0.59
N PHE D 470 0.74 -42.91 1.53
CA PHE D 470 0.93 -41.53 1.15
C PHE D 470 2.12 -41.37 0.21
N TRP D 471 3.29 -41.82 0.64
CA TRP D 471 4.46 -41.68 -0.22
C TRP D 471 4.26 -42.40 -1.54
N ASN D 472 3.60 -43.56 -1.51
CA ASN D 472 3.19 -44.18 -2.75
C ASN D 472 2.31 -43.23 -3.55
N CYS D 473 1.23 -42.75 -2.94
CA CYS D 473 0.39 -41.76 -3.61
C CYS D 473 1.23 -40.62 -4.16
N LEU D 474 2.19 -40.14 -3.36
CA LEU D 474 3.09 -39.10 -3.84
C LEU D 474 3.88 -39.58 -5.05
N ASP D 475 4.59 -40.70 -4.89
CA ASP D 475 5.51 -41.15 -5.93
C ASP D 475 4.81 -41.26 -7.27
N VAL D 476 3.55 -41.71 -7.26
CA VAL D 476 2.78 -41.79 -8.49
C VAL D 476 2.75 -40.43 -9.18
N VAL D 477 2.34 -39.40 -8.44
CA VAL D 477 2.18 -38.07 -9.02
C VAL D 477 3.45 -37.65 -9.75
N ILE D 478 4.58 -37.69 -9.05
CA ILE D 478 5.84 -37.26 -9.66
C ILE D 478 6.08 -38.01 -10.95
N VAL D 479 5.86 -39.32 -10.94
CA VAL D 479 6.03 -40.09 -12.15
C VAL D 479 5.10 -39.58 -13.23
N VAL D 480 3.83 -39.42 -12.90
CA VAL D 480 2.85 -38.95 -13.88
C VAL D 480 3.32 -37.66 -14.52
N LEU D 481 3.42 -36.61 -13.72
CA LEU D 481 3.80 -35.30 -14.24
C LEU D 481 5.06 -35.40 -15.07
N SER D 482 6.05 -36.13 -14.58
CA SER D 482 7.29 -36.30 -15.32
C SER D 482 7.03 -36.78 -16.73
N VAL D 483 6.18 -37.78 -16.88
CA VAL D 483 5.85 -38.27 -18.21
C VAL D 483 5.28 -37.16 -19.05
N VAL D 484 4.18 -36.56 -18.59
CA VAL D 484 3.51 -35.51 -19.35
C VAL D 484 4.50 -34.44 -19.74
N ALA D 485 5.36 -34.04 -18.80
CA ALA D 485 6.40 -33.08 -19.12
C ALA D 485 7.23 -33.54 -20.30
N ILE D 486 7.61 -34.81 -20.31
CA ILE D 486 8.43 -35.31 -21.40
C ILE D 486 7.62 -35.34 -22.69
N GLY D 487 6.44 -35.95 -22.65
CA GLY D 487 5.63 -36.03 -23.85
C GLY D 487 5.44 -34.68 -24.51
N ILE D 488 5.06 -33.68 -23.71
CA ILE D 488 5.02 -32.32 -24.21
C ILE D 488 6.36 -31.93 -24.81
N ASN D 489 7.43 -32.19 -24.07
CA ASN D 489 8.75 -31.77 -24.54
C ASN D 489 9.06 -32.36 -25.91
N ILE D 490 8.59 -33.57 -26.18
CA ILE D 490 9.03 -34.24 -27.39
C ILE D 490 8.12 -33.88 -28.55
N TYR D 491 6.92 -34.46 -28.58
CA TYR D 491 6.15 -34.37 -29.81
C TYR D 491 5.37 -33.08 -29.88
N ARG D 492 5.55 -32.19 -28.91
CA ARG D 492 4.90 -30.89 -29.00
C ARG D 492 5.92 -29.78 -29.21
N THR D 493 6.69 -29.46 -28.17
CA THR D 493 7.63 -28.35 -28.25
C THR D 493 8.79 -28.62 -29.18
N SER D 494 9.28 -29.86 -29.26
CA SER D 494 10.47 -30.12 -30.05
C SER D 494 10.19 -30.03 -31.54
N ASN D 495 8.92 -29.80 -31.91
CA ASN D 495 8.56 -29.77 -33.32
C ASN D 495 9.37 -28.73 -34.09
N VAL D 496 9.27 -27.46 -33.69
CA VAL D 496 10.09 -26.39 -34.25
C VAL D 496 9.85 -26.32 -35.75
N GLU D 497 8.71 -26.83 -36.19
CA GLU D 497 8.44 -26.85 -37.62
C GLU D 497 8.15 -25.44 -38.13
N VAL D 498 7.44 -24.64 -37.34
CA VAL D 498 7.09 -23.29 -37.77
C VAL D 498 8.34 -22.46 -37.99
N LEU D 499 9.33 -22.60 -37.10
CA LEU D 499 10.59 -21.90 -37.29
C LEU D 499 11.18 -22.22 -38.65
N LEU D 500 11.41 -23.50 -38.91
CA LEU D 500 12.03 -23.90 -40.16
C LEU D 500 11.24 -23.40 -41.35
N GLN D 501 9.91 -23.40 -41.23
CA GLN D 501 9.10 -22.77 -42.27
C GLN D 501 9.35 -21.28 -42.33
N PHE D 502 9.24 -20.59 -41.19
CA PHE D 502 9.46 -19.15 -41.19
C PHE D 502 10.86 -18.80 -41.67
N LEU D 503 11.86 -19.58 -41.24
CA LEU D 503 13.20 -19.33 -41.72
C LEU D 503 13.27 -19.30 -43.23
N GLU D 504 12.46 -20.11 -43.91
CA GLU D 504 12.40 -20.04 -45.37
C GLU D 504 11.89 -18.67 -45.83
N ASP D 505 10.68 -18.31 -45.42
CA ASP D 505 10.07 -17.05 -45.82
C ASP D 505 9.94 -16.17 -44.60
N GLN D 506 10.74 -15.11 -44.54
CA GLN D 506 10.78 -14.23 -43.38
C GLN D 506 9.86 -13.03 -43.54
N ASN D 507 9.09 -12.96 -44.61
CA ASN D 507 8.14 -11.88 -44.81
C ASN D 507 6.73 -12.22 -44.37
N THR D 508 6.50 -13.40 -43.82
CA THR D 508 5.17 -13.79 -43.42
C THR D 508 4.97 -13.56 -41.92
N PHE D 509 3.85 -14.03 -41.41
CA PHE D 509 3.60 -14.00 -39.99
C PHE D 509 4.02 -15.32 -39.36
N PRO D 510 4.99 -15.31 -38.49
CA PRO D 510 5.48 -16.56 -37.90
C PRO D 510 4.61 -17.05 -36.76
N ASN D 511 3.55 -17.80 -37.03
CA ASN D 511 2.62 -18.11 -35.95
C ASN D 511 3.33 -18.98 -34.93
N PHE D 512 3.57 -18.42 -33.75
CA PHE D 512 4.14 -19.15 -32.63
C PHE D 512 3.14 -19.44 -31.54
N GLU D 513 1.90 -18.96 -31.68
CA GLU D 513 0.97 -18.94 -30.55
C GLU D 513 0.94 -20.27 -29.82
N HIS D 514 0.98 -21.37 -30.57
CA HIS D 514 1.00 -22.67 -29.94
C HIS D 514 2.30 -22.88 -29.19
N LEU D 515 3.43 -22.69 -29.86
CA LEU D 515 4.72 -22.94 -29.24
C LEU D 515 4.82 -22.22 -27.90
N ALA D 516 4.43 -20.95 -27.89
CA ALA D 516 4.35 -20.25 -26.62
C ALA D 516 3.40 -20.95 -25.68
N TYR D 517 2.21 -21.29 -26.15
CA TYR D 517 1.21 -21.92 -25.31
C TYR D 517 1.78 -23.13 -24.58
N TRP D 518 2.51 -23.97 -25.29
CA TRP D 518 2.92 -25.22 -24.68
C TRP D 518 4.04 -25.04 -23.69
N GLN D 519 5.07 -24.28 -24.04
CA GLN D 519 6.16 -24.12 -23.09
C GLN D 519 5.68 -23.53 -21.79
N ILE D 520 4.62 -22.72 -21.84
CA ILE D 520 3.96 -22.32 -20.61
C ILE D 520 3.47 -23.56 -19.88
N GLN D 521 2.64 -24.36 -20.54
CA GLN D 521 2.22 -25.63 -19.96
C GLN D 521 3.41 -26.42 -19.49
N PHE D 522 4.48 -26.42 -20.29
CA PHE D 522 5.68 -27.12 -19.87
C PHE D 522 6.22 -26.56 -18.57
N ASN D 523 6.52 -25.26 -18.55
CA ASN D 523 7.05 -24.67 -17.33
C ASN D 523 6.10 -24.87 -16.17
N ASN D 524 4.80 -24.77 -16.43
CA ASN D 524 3.84 -25.05 -15.37
C ASN D 524 4.08 -26.42 -14.78
N ILE D 525 4.03 -27.45 -15.62
CA ILE D 525 4.23 -28.80 -15.11
C ILE D 525 5.63 -28.95 -14.55
N ALA D 526 6.64 -28.53 -15.31
CA ALA D 526 8.01 -28.68 -14.86
C ALA D 526 8.20 -28.13 -13.46
N ALA D 527 7.66 -26.95 -13.20
CA ALA D 527 7.77 -26.38 -11.86
C ALA D 527 7.13 -27.30 -10.83
N VAL D 528 5.87 -27.65 -11.05
CA VAL D 528 5.14 -28.45 -10.07
C VAL D 528 5.90 -29.71 -9.73
N THR D 529 6.49 -30.36 -10.74
CA THR D 529 7.29 -31.54 -10.47
C THR D 529 8.35 -31.24 -9.44
N VAL D 530 9.20 -30.26 -9.74
CA VAL D 530 10.28 -29.88 -8.84
C VAL D 530 9.74 -29.70 -7.44
N PHE D 531 8.63 -28.99 -7.30
CA PHE D 531 8.04 -28.78 -5.99
C PHE D 531 7.82 -30.10 -5.28
N PHE D 532 7.10 -31.02 -5.93
CA PHE D 532 6.86 -32.30 -5.29
C PHE D 532 8.14 -33.07 -5.08
N VAL D 533 9.10 -32.95 -6.00
CA VAL D 533 10.35 -33.68 -5.84
C VAL D 533 10.99 -33.33 -4.51
N TRP D 534 11.07 -32.05 -4.19
CA TRP D 534 11.60 -31.66 -2.89
C TRP D 534 10.80 -32.30 -1.77
N ILE D 535 9.48 -32.23 -1.86
CA ILE D 535 8.66 -32.79 -0.80
C ILE D 535 8.97 -34.25 -0.58
N LYS D 536 9.30 -34.97 -1.64
CA LYS D 536 9.64 -36.38 -1.47
C LYS D 536 10.82 -36.56 -0.54
N LEU D 537 11.61 -35.51 -0.32
CA LEU D 537 12.78 -35.64 0.53
C LEU D 537 12.41 -35.94 1.97
N PHE D 538 11.22 -35.52 2.42
CA PHE D 538 10.81 -35.81 3.79
C PHE D 538 10.86 -37.29 4.10
N LYS D 539 10.54 -38.13 3.11
CA LYS D 539 10.51 -39.56 3.35
C LYS D 539 11.81 -40.05 3.95
N PHE D 540 12.89 -39.32 3.74
CA PHE D 540 14.22 -39.71 4.21
C PHE D 540 14.64 -39.04 5.49
N ILE D 541 13.81 -38.16 6.08
CA ILE D 541 14.27 -37.35 7.19
C ILE D 541 14.02 -38.01 8.54
N ASN D 542 13.39 -39.17 8.57
CA ASN D 542 12.97 -39.72 9.85
C ASN D 542 14.11 -40.37 10.62
N PHE D 543 15.33 -40.31 10.09
CA PHE D 543 16.48 -40.88 10.78
C PHE D 543 16.53 -40.45 12.24
N ASN D 544 16.34 -39.16 12.49
CA ASN D 544 16.45 -38.65 13.85
C ASN D 544 15.18 -38.92 14.63
N ARG D 545 15.35 -39.04 15.95
CA ARG D 545 14.19 -39.16 16.82
C ARG D 545 13.25 -37.98 16.61
N THR D 546 13.77 -36.77 16.79
CA THR D 546 12.94 -35.57 16.70
C THR D 546 12.11 -35.57 15.43
N MET D 547 12.75 -35.78 14.30
CA MET D 547 12.01 -35.84 13.04
C MET D 547 10.96 -36.94 13.09
N SER D 548 11.39 -38.17 13.35
CA SER D 548 10.45 -39.27 13.47
C SER D 548 9.33 -38.92 14.44
N GLN D 549 9.65 -38.25 15.53
CA GLN D 549 8.61 -37.73 16.39
C GLN D 549 7.69 -36.80 15.62
N LEU D 550 8.25 -35.75 15.03
CA LEU D 550 7.44 -34.78 14.31
C LEU D 550 6.67 -35.44 13.18
N SER D 551 7.31 -36.39 12.50
CA SER D 551 6.65 -37.06 11.38
C SER D 551 5.30 -37.60 11.79
N THR D 552 5.26 -38.40 12.84
CA THR D 552 3.99 -39.01 13.21
C THR D 552 3.00 -37.99 13.75
N THR D 553 3.49 -36.88 14.28
CA THR D 553 2.59 -35.87 14.81
C THR D 553 1.70 -35.30 13.71
N MET D 554 2.31 -34.71 12.70
CA MET D 554 1.53 -34.10 11.63
C MET D 554 0.62 -35.12 10.98
N SER D 555 1.07 -36.38 10.88
CA SER D 555 0.20 -37.42 10.39
C SER D 555 -1.06 -37.50 11.23
N ARG D 556 -0.91 -37.50 12.54
CA ARG D 556 -2.10 -37.50 13.37
C ARG D 556 -2.83 -36.16 13.29
N CYS D 557 -2.09 -35.08 13.04
CA CYS D 557 -2.74 -33.79 12.85
C CYS D 557 -3.79 -33.84 11.76
N ALA D 558 -3.55 -34.67 10.74
CA ALA D 558 -4.32 -34.58 9.50
C ALA D 558 -5.81 -34.77 9.75
N LYS D 559 -6.19 -35.91 10.32
CA LYS D 559 -7.60 -36.28 10.32
C LYS D 559 -8.45 -35.22 11.00
N ASP D 560 -8.03 -34.77 12.18
CA ASP D 560 -8.79 -33.75 12.88
C ASP D 560 -8.86 -32.45 12.08
N LEU D 561 -7.74 -32.07 11.47
CA LEU D 561 -7.74 -30.88 10.63
C LEU D 561 -8.72 -31.03 9.48
N PHE D 562 -8.56 -32.09 8.69
CA PHE D 562 -9.36 -32.24 7.49
C PHE D 562 -10.85 -32.11 7.78
N GLY D 563 -11.27 -32.61 8.93
CA GLY D 563 -12.65 -32.40 9.33
C GLY D 563 -12.97 -30.93 9.50
N PHE D 564 -12.21 -30.25 10.36
CA PHE D 564 -12.52 -28.86 10.63
C PHE D 564 -12.31 -27.98 9.42
N ALA D 565 -11.35 -28.29 8.57
CA ALA D 565 -11.16 -27.51 7.37
C ALA D 565 -12.45 -27.42 6.57
N ILE D 566 -13.17 -28.54 6.45
CA ILE D 566 -14.48 -28.51 5.82
C ILE D 566 -15.36 -27.52 6.53
N MET D 567 -15.52 -27.70 7.85
CA MET D 567 -16.29 -26.74 8.63
C MET D 567 -15.84 -25.32 8.37
N PHE D 568 -14.54 -25.13 8.15
CA PHE D 568 -14.04 -23.78 7.93
C PHE D 568 -14.52 -23.22 6.61
N PHE D 569 -14.21 -23.88 5.51
CA PHE D 569 -14.44 -23.26 4.21
C PHE D 569 -15.91 -23.03 3.94
N ILE D 570 -16.77 -23.90 4.47
CA ILE D 570 -18.20 -23.68 4.34
C ILE D 570 -18.54 -22.26 4.76
N ILE D 571 -18.07 -21.85 5.93
CA ILE D 571 -18.23 -20.46 6.31
C ILE D 571 -17.45 -19.55 5.38
N PHE D 572 -16.19 -19.89 5.13
CA PHE D 572 -15.36 -19.04 4.31
C PHE D 572 -15.99 -18.79 2.96
N LEU D 573 -16.57 -19.83 2.37
CA LEU D 573 -17.26 -19.63 1.11
C LEU D 573 -18.53 -18.84 1.28
N ALA D 574 -19.22 -19.01 2.40
CA ALA D 574 -20.46 -18.28 2.61
C ALA D 574 -20.22 -16.79 2.47
N TYR D 575 -19.27 -16.25 3.21
CA TYR D 575 -18.89 -14.85 3.03
C TYR D 575 -18.58 -14.56 1.57
N ALA D 576 -17.76 -15.42 0.95
CA ALA D 576 -17.40 -15.19 -0.44
C ALA D 576 -18.65 -15.01 -1.29
N GLN D 577 -19.56 -15.97 -1.23
CA GLN D 577 -20.77 -15.86 -2.02
C GLN D 577 -21.57 -14.64 -1.60
N LEU D 578 -21.56 -14.31 -0.31
CA LEU D 578 -22.18 -13.08 0.13
C LEU D 578 -21.53 -11.87 -0.52
N ALA D 579 -20.22 -11.73 -0.30
CA ALA D 579 -19.53 -10.58 -0.86
C ALA D 579 -19.75 -10.46 -2.35
N TYR D 580 -19.71 -11.59 -3.05
CA TYR D 580 -19.91 -11.56 -4.49
C TYR D 580 -21.28 -11.01 -4.85
N LEU D 581 -22.27 -11.23 -4.00
CA LEU D 581 -23.57 -10.65 -4.29
C LEU D 581 -23.62 -9.18 -3.95
N VAL D 582 -23.15 -8.82 -2.76
CA VAL D 582 -23.18 -7.42 -2.35
C VAL D 582 -22.26 -6.60 -3.24
N PHE D 583 -21.01 -7.00 -3.29
CA PHE D 583 -20.02 -6.31 -4.10
C PHE D 583 -19.98 -7.00 -5.46
N GLY D 584 -18.96 -6.74 -6.24
CA GLY D 584 -18.79 -7.43 -7.48
C GLY D 584 -19.57 -6.85 -8.63
N THR D 585 -20.56 -6.05 -8.36
CA THR D 585 -21.04 -5.09 -9.32
C THR D 585 -20.38 -3.75 -9.12
N GLN D 586 -19.53 -3.64 -8.11
CA GLN D 586 -18.91 -2.37 -7.78
C GLN D 586 -17.41 -2.53 -7.72
N VAL D 587 -16.93 -3.33 -6.80
CA VAL D 587 -15.51 -3.39 -6.47
C VAL D 587 -14.82 -4.35 -7.41
N ASP D 588 -13.70 -3.90 -7.98
CA ASP D 588 -12.88 -4.77 -8.83
C ASP D 588 -12.54 -6.06 -8.10
N ASP D 589 -12.01 -5.94 -6.88
CA ASP D 589 -11.51 -7.10 -6.17
C ASP D 589 -12.55 -8.20 -6.06
N PHE D 590 -13.82 -7.84 -5.99
CA PHE D 590 -14.89 -8.82 -5.89
C PHE D 590 -15.54 -9.13 -7.21
N SER D 591 -14.99 -8.61 -8.32
CA SER D 591 -15.68 -8.68 -9.60
C SER D 591 -16.20 -10.08 -9.90
N THR D 592 -15.35 -11.08 -9.78
CA THR D 592 -15.76 -12.45 -10.07
C THR D 592 -15.68 -13.28 -8.81
N PHE D 593 -16.48 -14.34 -8.79
CA PHE D 593 -16.54 -15.18 -7.60
C PHE D 593 -15.18 -15.74 -7.24
N GLN D 594 -14.38 -16.09 -8.24
CA GLN D 594 -13.03 -16.58 -7.95
C GLN D 594 -12.29 -15.54 -7.12
N GLU D 595 -12.18 -14.34 -7.64
CA GLU D 595 -11.34 -13.35 -7.00
C GLU D 595 -11.93 -12.91 -5.66
N CYS D 596 -13.22 -13.13 -5.45
CA CYS D 596 -13.76 -12.96 -4.11
C CYS D 596 -13.03 -13.85 -3.13
N ILE D 597 -12.94 -15.14 -3.43
CA ILE D 597 -12.19 -16.05 -2.58
C ILE D 597 -10.79 -15.53 -2.35
N PHE D 598 -10.09 -15.21 -3.44
CA PHE D 598 -8.75 -14.67 -3.31
C PHE D 598 -8.74 -13.47 -2.40
N THR D 599 -9.65 -12.54 -2.63
CA THR D 599 -9.66 -11.30 -1.86
C THR D 599 -9.75 -11.58 -0.38
N GLN D 600 -10.55 -12.56 0.01
CA GLN D 600 -10.69 -12.84 1.43
C GLN D 600 -9.39 -13.31 2.03
N PHE D 601 -8.61 -14.10 1.31
CA PHE D 601 -7.29 -14.45 1.82
C PHE D 601 -6.45 -13.22 2.08
N ARG D 602 -6.41 -12.30 1.12
CA ARG D 602 -5.63 -11.10 1.34
C ARG D 602 -6.12 -10.35 2.56
N ILE D 603 -7.41 -10.41 2.83
CA ILE D 603 -7.93 -9.78 4.03
C ILE D 603 -7.38 -10.46 5.27
N ILE D 604 -7.45 -11.79 5.30
CA ILE D 604 -6.90 -12.52 6.43
C ILE D 604 -5.45 -12.15 6.64
N LEU D 605 -4.71 -11.94 5.56
CA LEU D 605 -3.32 -11.55 5.71
C LEU D 605 -3.18 -10.07 6.03
N GLY D 606 -4.21 -9.28 5.78
CA GLY D 606 -4.14 -7.86 6.05
C GLY D 606 -4.02 -6.99 4.82
N ASP D 607 -3.89 -7.58 3.63
CA ASP D 607 -3.91 -6.78 2.43
C ASP D 607 -5.35 -6.44 2.10
N ILE D 608 -5.68 -5.16 2.10
CA ILE D 608 -7.07 -4.71 2.04
C ILE D 608 -7.11 -3.39 1.30
N ASN D 609 -8.15 -3.22 0.51
CA ASN D 609 -8.64 -1.88 0.19
C ASN D 609 -9.99 -1.79 0.88
N PHE D 610 -10.04 -1.09 2.01
CA PHE D 610 -11.30 -0.96 2.71
C PHE D 610 -12.16 0.14 2.13
N ALA D 611 -11.53 1.23 1.70
CA ALA D 611 -12.27 2.40 1.27
C ALA D 611 -13.31 2.04 0.23
N GLU D 612 -12.87 1.38 -0.85
CA GLU D 612 -13.80 1.08 -1.92
C GLU D 612 -14.90 0.14 -1.48
N ILE D 613 -14.64 -0.71 -0.49
CA ILE D 613 -15.72 -1.49 0.08
C ILE D 613 -16.76 -0.57 0.71
N GLU D 614 -16.32 0.29 1.62
CA GLU D 614 -17.24 1.21 2.26
C GLU D 614 -17.95 2.08 1.24
N GLU D 615 -17.25 2.48 0.18
CA GLU D 615 -17.92 3.25 -0.86
C GLU D 615 -18.98 2.43 -1.55
N ALA D 616 -18.71 1.15 -1.78
CA ALA D 616 -19.66 0.31 -2.51
C ALA D 616 -20.98 0.21 -1.77
N ASN D 617 -20.94 -0.28 -0.53
CA ASN D 617 -22.14 -0.32 0.29
C ASN D 617 -21.76 0.19 1.67
N ARG D 618 -22.31 1.33 2.05
CA ARG D 618 -21.96 1.95 3.32
C ARG D 618 -22.47 1.15 4.51
N VAL D 619 -23.36 0.20 4.31
CA VAL D 619 -23.94 -0.57 5.39
C VAL D 619 -23.35 -1.96 5.46
N LEU D 620 -23.64 -2.81 4.48
CA LEU D 620 -23.12 -4.16 4.53
C LEU D 620 -21.61 -4.20 4.44
N GLY D 621 -21.03 -3.28 3.69
CA GLY D 621 -19.60 -3.23 3.53
C GLY D 621 -18.90 -3.28 4.87
N PRO D 622 -19.22 -2.36 5.75
CA PRO D 622 -18.66 -2.44 7.10
C PRO D 622 -19.03 -3.72 7.81
N ILE D 623 -20.30 -4.09 7.77
CA ILE D 623 -20.75 -5.28 8.48
C ILE D 623 -20.01 -6.50 7.99
N TYR D 624 -19.99 -6.70 6.68
CA TYR D 624 -19.23 -7.79 6.11
C TYR D 624 -17.80 -7.78 6.63
N PHE D 625 -17.11 -6.66 6.41
CA PHE D 625 -15.71 -6.59 6.79
C PHE D 625 -15.52 -6.83 8.27
N THR D 626 -16.35 -6.19 9.09
CA THR D 626 -16.19 -6.35 10.53
C THR D 626 -16.43 -7.79 10.95
N THR D 627 -17.63 -8.31 10.66
CA THR D 627 -17.95 -9.66 11.08
C THR D 627 -16.95 -10.66 10.55
N PHE D 628 -16.63 -10.57 9.26
CA PHE D 628 -15.67 -11.49 8.68
C PHE D 628 -14.36 -11.46 9.44
N VAL D 629 -13.75 -10.27 9.52
CA VAL D 629 -12.51 -10.15 10.27
C VAL D 629 -12.69 -10.65 11.68
N PHE D 630 -13.89 -10.54 12.22
CA PHE D 630 -14.04 -10.98 13.59
C PHE D 630 -14.03 -12.50 13.66
N PHE D 631 -15.09 -13.13 13.17
CA PHE D 631 -15.23 -14.57 13.36
C PHE D 631 -14.08 -15.31 12.72
N MET D 632 -13.73 -14.97 11.48
CA MET D 632 -12.68 -15.69 10.80
C MET D 632 -11.35 -15.50 11.52
N PHE D 633 -10.91 -14.27 11.65
CA PHE D 633 -9.54 -14.04 12.08
C PHE D 633 -9.35 -14.22 13.57
N PHE D 634 -10.30 -13.75 14.38
CA PHE D 634 -10.15 -13.94 15.82
C PHE D 634 -10.44 -15.38 16.20
N ILE D 635 -11.65 -15.84 15.93
CA ILE D 635 -12.06 -17.16 16.40
C ILE D 635 -11.54 -18.24 15.47
N LEU D 636 -12.10 -18.33 14.27
CA LEU D 636 -11.97 -19.55 13.48
C LEU D 636 -10.53 -19.92 13.21
N LEU D 637 -9.68 -18.95 12.87
CA LEU D 637 -8.27 -19.28 12.68
C LEU D 637 -7.71 -19.95 13.92
N ASN D 638 -7.91 -19.33 15.06
CA ASN D 638 -7.44 -19.91 16.30
C ASN D 638 -7.94 -21.32 16.49
N MET D 639 -9.09 -21.67 15.92
CA MET D 639 -9.59 -23.02 16.11
C MET D 639 -8.67 -24.05 15.48
N PHE D 640 -8.09 -23.75 14.32
CA PHE D 640 -7.01 -24.57 13.80
C PHE D 640 -5.95 -24.80 14.86
N LEU D 641 -5.25 -23.73 15.20
CA LEU D 641 -4.13 -23.84 16.11
C LEU D 641 -4.52 -24.56 17.38
N ALA D 642 -5.77 -24.39 17.83
CA ALA D 642 -6.22 -25.16 18.98
C ALA D 642 -6.08 -26.65 18.72
N ILE D 643 -6.54 -27.11 17.56
CA ILE D 643 -6.49 -28.53 17.27
C ILE D 643 -5.06 -29.03 17.30
N ILE D 644 -4.14 -28.26 16.73
CA ILE D 644 -2.77 -28.73 16.63
C ILE D 644 -2.19 -28.98 18.00
N ASN D 645 -2.36 -28.02 18.91
CA ASN D 645 -1.80 -28.18 20.25
C ASN D 645 -2.23 -29.50 20.86
N ASP D 646 -3.53 -29.77 20.84
CA ASP D 646 -4.01 -31.02 21.39
C ASP D 646 -3.30 -32.20 20.74
N THR D 647 -3.39 -32.30 19.42
CA THR D 647 -2.81 -33.45 18.76
C THR D 647 -1.31 -33.49 18.91
N TYR D 648 -0.66 -32.32 19.02
CA TYR D 648 0.77 -32.33 19.21
C TYR D 648 1.12 -32.77 20.62
N SER D 649 0.58 -32.08 21.62
CA SER D 649 0.92 -32.40 23.00
C SER D 649 0.58 -33.83 23.33
N GLU D 650 -0.55 -34.32 22.82
CA GLU D 650 -0.93 -35.70 23.08
C GLU D 650 0.12 -36.66 22.56
N VAL D 651 0.62 -36.42 21.35
CA VAL D 651 1.65 -37.30 20.79
C VAL D 651 2.93 -37.21 21.59
N LYS D 652 3.34 -35.99 21.96
CA LYS D 652 4.47 -35.90 22.87
C LYS D 652 4.17 -36.59 24.18
N SER D 653 2.94 -36.50 24.66
CA SER D 653 2.60 -37.08 25.95
C SER D 653 2.76 -38.59 25.93
N ASP D 654 2.05 -39.27 25.03
CA ASP D 654 2.04 -40.72 25.08
C ASP D 654 3.36 -41.32 24.63
N LEU D 655 4.05 -40.68 23.69
CA LEU D 655 5.36 -41.18 23.29
C LEU D 655 6.38 -40.95 24.40
N ALA D 656 6.20 -39.89 25.18
CA ALA D 656 7.05 -39.72 26.36
C ALA D 656 6.87 -40.86 27.34
N GLN D 657 5.68 -41.46 27.36
CA GLN D 657 5.43 -42.61 28.21
C GLN D 657 6.23 -43.84 27.79
N GLN D 658 6.92 -43.76 26.66
CA GLN D 658 7.64 -44.90 26.13
C GLN D 658 9.14 -44.67 26.11
#